data_2MZY
#
_entry.id   2MZY
#
_entity_poly.entity_id   1
_entity_poly.type   'polypeptide(L)'
_entity_poly.pdbx_seq_one_letter_code
;MARMIHCAKLGKEAEGLDFPPLPGELGKRLYESVSKQAWQDWLKQQTMLINENRLNMADPRARQYLMKQTEKYFFGEGAD
QASGYVPPAQG
;
_entity_poly.pdbx_strand_id   A
#
# COMPACT_ATOMS: atom_id res chain seq x y z
N MET A 1 -17.59 6.54 3.72
CA MET A 1 -16.16 6.50 3.44
C MET A 1 -15.34 6.81 4.69
N ALA A 2 -14.09 6.38 4.69
CA ALA A 2 -13.20 6.62 5.83
C ALA A 2 -12.49 7.96 5.71
N ARG A 3 -11.49 8.02 4.85
CA ARG A 3 -10.73 9.26 4.64
C ARG A 3 -10.96 9.80 3.24
N MET A 4 -10.16 10.79 2.86
CA MET A 4 -10.27 11.40 1.54
C MET A 4 -8.90 11.52 0.88
N ILE A 5 -8.60 10.59 -0.03
CA ILE A 5 -7.32 10.60 -0.73
C ILE A 5 -7.51 10.21 -2.19
N HIS A 6 -6.45 10.36 -2.98
CA HIS A 6 -6.48 10.02 -4.40
C HIS A 6 -5.77 8.70 -4.66
N CYS A 7 -6.53 7.61 -4.74
CA CYS A 7 -5.97 6.30 -4.98
C CYS A 7 -4.96 6.34 -6.13
N ALA A 8 -3.68 6.25 -5.78
CA ALA A 8 -2.61 6.29 -6.77
C ALA A 8 -2.53 4.96 -7.52
N LYS A 9 -3.18 3.94 -6.98
CA LYS A 9 -3.17 2.62 -7.61
C LYS A 9 -4.07 2.59 -8.84
N LEU A 10 -4.81 3.66 -9.04
CA LEU A 10 -5.71 3.78 -10.18
C LEU A 10 -5.66 5.17 -10.79
N GLY A 11 -5.81 6.19 -9.95
CA GLY A 11 -5.77 7.55 -10.43
C GLY A 11 -7.08 8.29 -10.20
N LYS A 12 -7.80 7.90 -9.16
CA LYS A 12 -9.08 8.52 -8.83
C LYS A 12 -9.10 8.98 -7.37
N GLU A 13 -10.30 9.27 -6.88
CA GLU A 13 -10.46 9.72 -5.49
C GLU A 13 -11.15 8.65 -4.65
N ALA A 14 -10.38 8.02 -3.77
CA ALA A 14 -10.90 6.97 -2.90
C ALA A 14 -10.68 7.32 -1.43
N GLU A 15 -11.06 6.39 -0.55
CA GLU A 15 -10.89 6.60 0.89
C GLU A 15 -9.54 6.07 1.36
N GLY A 16 -8.85 6.86 2.18
CA GLY A 16 -7.56 6.45 2.69
C GLY A 16 -7.66 5.69 3.99
N LEU A 17 -6.58 5.02 4.39
CA LEU A 17 -6.55 4.26 5.62
C LEU A 17 -6.75 5.17 6.83
N ASP A 18 -6.21 6.38 6.75
CA ASP A 18 -6.32 7.34 7.83
C ASP A 18 -5.61 6.84 9.09
N PHE A 19 -4.56 6.06 8.89
CA PHE A 19 -3.79 5.51 10.01
C PHE A 19 -2.40 5.10 9.56
N PRO A 20 -1.45 5.08 10.52
CA PRO A 20 -0.06 4.71 10.25
C PRO A 20 0.09 3.22 9.93
N PRO A 21 0.45 2.92 8.68
CA PRO A 21 0.63 1.53 8.23
C PRO A 21 1.87 0.88 8.84
N LEU A 22 2.87 1.70 9.16
CA LEU A 22 4.10 1.21 9.76
C LEU A 22 4.77 2.30 10.59
N PRO A 23 5.68 1.89 11.48
CA PRO A 23 6.42 2.80 12.36
C PRO A 23 7.43 3.65 11.59
N GLY A 24 7.09 4.92 11.40
CA GLY A 24 7.97 5.81 10.68
C GLY A 24 7.22 6.88 9.92
N GLU A 25 7.96 7.80 9.29
CA GLU A 25 7.36 8.88 8.52
C GLU A 25 6.84 8.36 7.17
N LEU A 26 7.46 7.30 6.67
CA LEU A 26 7.07 6.71 5.41
C LEU A 26 5.59 6.37 5.40
N GLY A 27 5.15 5.65 6.43
CA GLY A 27 3.75 5.28 6.54
C GLY A 27 2.81 6.45 6.36
N LYS A 28 3.20 7.60 6.90
CA LYS A 28 2.39 8.81 6.81
C LYS A 28 2.04 9.12 5.36
N ARG A 29 2.93 8.74 4.45
CA ARG A 29 2.70 8.98 3.03
C ARG A 29 1.99 7.79 2.38
N LEU A 30 2.04 6.65 3.06
CA LEU A 30 1.40 5.44 2.54
C LEU A 30 -0.12 5.50 2.74
N TYR A 31 -0.54 5.91 3.93
CA TYR A 31 -1.96 6.02 4.24
C TYR A 31 -2.58 7.21 3.53
N GLU A 32 -1.75 8.15 3.11
CA GLU A 32 -2.21 9.34 2.42
C GLU A 32 -2.17 9.15 0.91
N SER A 33 -1.74 7.97 0.48
CA SER A 33 -1.63 7.66 -0.95
C SER A 33 -2.46 6.43 -1.29
N VAL A 34 -2.43 5.43 -0.41
CA VAL A 34 -3.18 4.20 -0.62
C VAL A 34 -4.66 4.39 -0.30
N SER A 35 -5.51 3.57 -0.90
CA SER A 35 -6.95 3.65 -0.68
C SER A 35 -7.50 2.32 -0.20
N LYS A 36 -8.75 2.32 0.24
CA LYS A 36 -9.40 1.11 0.73
C LYS A 36 -9.47 0.05 -0.37
N GLN A 37 -9.34 0.48 -1.61
CA GLN A 37 -9.37 -0.43 -2.74
C GLN A 37 -7.97 -0.94 -3.08
N ALA A 38 -7.01 -0.02 -3.15
CA ALA A 38 -5.64 -0.37 -3.46
C ALA A 38 -5.03 -1.21 -2.35
N TRP A 39 -5.58 -1.09 -1.15
CA TRP A 39 -5.08 -1.84 0.00
C TRP A 39 -5.00 -3.34 -0.31
N GLN A 40 -6.05 -3.86 -0.93
CA GLN A 40 -6.10 -5.27 -1.29
C GLN A 40 -4.88 -5.67 -2.12
N ASP A 41 -4.44 -4.76 -2.98
CA ASP A 41 -3.28 -5.01 -3.84
C ASP A 41 -2.00 -5.05 -3.01
N TRP A 42 -1.93 -4.20 -2.00
CA TRP A 42 -0.76 -4.12 -1.14
C TRP A 42 -0.50 -5.48 -0.47
N LEU A 43 -1.58 -6.16 -0.10
CA LEU A 43 -1.46 -7.47 0.56
C LEU A 43 -0.95 -8.52 -0.42
N LYS A 44 -1.33 -8.37 -1.68
CA LYS A 44 -0.90 -9.32 -2.72
C LYS A 44 0.62 -9.41 -2.78
N GLN A 45 1.27 -8.29 -3.11
CA GLN A 45 2.72 -8.25 -3.20
C GLN A 45 3.36 -8.60 -1.86
N GLN A 46 2.68 -8.23 -0.78
CA GLN A 46 3.19 -8.50 0.56
C GLN A 46 3.57 -9.97 0.72
N THR A 47 2.68 -10.85 0.29
CA THR A 47 2.92 -12.28 0.39
C THR A 47 4.00 -12.72 -0.58
N MET A 48 3.89 -12.29 -1.83
CA MET A 48 4.87 -12.63 -2.86
C MET A 48 6.28 -12.31 -2.39
N LEU A 49 6.44 -11.18 -1.73
CA LEU A 49 7.74 -10.75 -1.23
C LEU A 49 8.18 -11.61 -0.04
N ILE A 50 7.23 -11.92 0.84
CA ILE A 50 7.51 -12.73 2.01
C ILE A 50 7.96 -14.13 1.61
N ASN A 51 7.43 -14.62 0.48
CA ASN A 51 7.77 -15.94 -0.01
C ASN A 51 8.99 -15.88 -0.94
N GLU A 52 9.15 -14.75 -1.61
CA GLU A 52 10.26 -14.55 -2.53
C GLU A 52 11.54 -14.22 -1.77
N ASN A 53 11.38 -13.72 -0.54
CA ASN A 53 12.53 -13.35 0.28
C ASN A 53 12.58 -14.20 1.55
N ARG A 54 11.47 -14.87 1.84
CA ARG A 54 11.39 -15.72 3.02
C ARG A 54 11.58 -14.91 4.30
N LEU A 55 11.01 -13.71 4.32
CA LEU A 55 11.11 -12.83 5.48
C LEU A 55 10.36 -13.40 6.67
N ASN A 56 10.48 -12.73 7.81
CA ASN A 56 9.80 -13.17 9.03
C ASN A 56 8.64 -12.25 9.37
N MET A 57 7.44 -12.62 8.90
CA MET A 57 6.25 -11.82 9.16
C MET A 57 6.11 -11.51 10.64
N ALA A 58 6.41 -12.50 11.48
CA ALA A 58 6.33 -12.33 12.92
C ALA A 58 7.08 -11.09 13.38
N ASP A 59 8.25 -10.86 12.79
CA ASP A 59 9.06 -9.71 13.14
C ASP A 59 8.81 -8.55 12.17
N PRO A 60 9.17 -7.33 12.61
CA PRO A 60 8.97 -6.12 11.80
C PRO A 60 9.92 -6.07 10.60
N ARG A 61 10.94 -6.92 10.62
CA ARG A 61 11.91 -6.97 9.54
C ARG A 61 11.23 -7.31 8.21
N ALA A 62 10.10 -8.03 8.29
CA ALA A 62 9.36 -8.40 7.10
C ALA A 62 8.51 -7.25 6.59
N ARG A 63 8.11 -6.37 7.50
CA ARG A 63 7.29 -5.22 7.15
C ARG A 63 8.15 -4.04 6.73
N GLN A 64 9.35 -3.96 7.30
CA GLN A 64 10.28 -2.87 7.00
C GLN A 64 10.93 -3.10 5.63
N TYR A 65 11.04 -4.35 5.23
CA TYR A 65 11.66 -4.70 3.95
C TYR A 65 10.70 -4.40 2.80
N LEU A 66 9.42 -4.62 3.03
CA LEU A 66 8.40 -4.37 2.02
C LEU A 66 8.17 -2.87 1.83
N MET A 67 8.43 -2.10 2.88
CA MET A 67 8.25 -0.65 2.83
C MET A 67 9.09 -0.04 1.72
N LYS A 68 10.19 -0.71 1.38
CA LYS A 68 11.08 -0.23 0.33
C LYS A 68 10.51 -0.54 -1.05
N GLN A 69 9.59 -1.49 -1.12
CA GLN A 69 8.96 -1.89 -2.37
C GLN A 69 7.75 -1.00 -2.67
N THR A 70 7.22 -0.37 -1.63
CA THR A 70 6.06 0.50 -1.77
C THR A 70 6.48 1.94 -2.06
N GLU A 71 7.58 2.36 -1.45
CA GLU A 71 8.10 3.71 -1.63
C GLU A 71 8.73 3.87 -3.01
N LYS A 72 9.74 3.06 -3.29
CA LYS A 72 10.43 3.10 -4.56
C LYS A 72 9.45 2.87 -5.72
N TYR A 73 8.29 2.32 -5.41
CA TYR A 73 7.28 2.05 -6.41
C TYR A 73 6.71 3.35 -6.98
N PHE A 74 5.88 4.02 -6.18
CA PHE A 74 5.27 5.28 -6.59
C PHE A 74 6.10 6.47 -6.13
N PHE A 75 6.48 6.45 -4.85
CA PHE A 75 7.27 7.54 -4.28
C PHE A 75 8.68 7.54 -4.86
N GLY A 76 9.00 6.51 -5.64
CA GLY A 76 10.32 6.41 -6.24
C GLY A 76 10.27 6.43 -7.76
N GLU A 77 10.47 5.27 -8.36
CA GLU A 77 10.45 5.16 -9.82
C GLU A 77 9.19 5.80 -10.39
N GLY A 78 8.10 5.74 -9.63
CA GLY A 78 6.85 6.31 -10.08
C GLY A 78 6.18 5.48 -11.17
N ALA A 79 5.07 4.85 -10.84
CA ALA A 79 4.34 4.02 -11.80
C ALA A 79 2.85 4.02 -11.49
N ASP A 80 2.05 4.53 -12.42
CA ASP A 80 0.61 4.58 -12.25
C ASP A 80 -0.11 4.17 -13.53
N GLN A 81 -1.19 3.42 -13.39
CA GLN A 81 -1.97 2.96 -14.54
C GLN A 81 -3.47 3.05 -14.26
N ALA A 82 -4.25 3.15 -15.32
CA ALA A 82 -5.70 3.24 -15.19
C ALA A 82 -6.36 1.88 -15.42
N SER A 83 -6.82 1.26 -14.33
CA SER A 83 -7.46 -0.05 -14.41
C SER A 83 -8.08 -0.43 -13.07
N GLY A 84 -8.63 -1.64 -13.00
CA GLY A 84 -9.25 -2.11 -11.78
C GLY A 84 -10.74 -1.86 -11.75
N TYR A 85 -11.45 -2.59 -10.90
CA TYR A 85 -12.89 -2.45 -10.77
C TYR A 85 -13.29 -2.04 -9.36
N VAL A 86 -14.56 -1.71 -9.18
CA VAL A 86 -15.07 -1.31 -7.88
C VAL A 86 -16.17 -2.25 -7.40
N PRO A 87 -15.77 -3.43 -6.91
CA PRO A 87 -16.73 -4.43 -6.41
C PRO A 87 -17.40 -4.01 -5.12
N PRO A 88 -18.46 -4.75 -4.73
CA PRO A 88 -19.20 -4.47 -3.50
C PRO A 88 -18.40 -4.78 -2.25
N ALA A 89 -19.01 -4.55 -1.09
CA ALA A 89 -18.35 -4.81 0.19
C ALA A 89 -19.37 -5.16 1.27
N GLN A 90 -18.88 -5.40 2.48
CA GLN A 90 -19.74 -5.75 3.60
C GLN A 90 -19.19 -5.19 4.91
N GLY A 91 -20.02 -5.21 5.94
CA GLY A 91 -19.60 -4.70 7.24
C GLY A 91 -19.36 -3.21 7.22
N MET A 1 -16.32 11.38 9.02
CA MET A 1 -15.33 12.23 8.36
C MET A 1 -14.04 12.29 9.17
N ALA A 2 -13.16 11.32 8.94
CA ALA A 2 -11.88 11.28 9.64
C ALA A 2 -11.00 12.47 9.28
N ARG A 3 -10.41 12.42 8.09
CA ARG A 3 -9.55 13.50 7.63
C ARG A 3 -10.09 14.11 6.34
N MET A 4 -9.28 14.96 5.70
CA MET A 4 -9.67 15.61 4.46
C MET A 4 -8.55 15.55 3.44
N ILE A 5 -8.65 14.61 2.50
CA ILE A 5 -7.65 14.45 1.46
C ILE A 5 -8.30 14.10 0.12
N HIS A 6 -7.49 14.12 -0.93
CA HIS A 6 -7.98 13.80 -2.27
C HIS A 6 -7.57 12.39 -2.69
N CYS A 7 -8.48 11.44 -2.53
CA CYS A 7 -8.21 10.05 -2.89
C CYS A 7 -7.55 9.96 -4.27
N ALA A 8 -6.26 9.69 -4.29
CA ALA A 8 -5.52 9.58 -5.54
C ALA A 8 -5.84 8.26 -6.25
N LYS A 9 -6.43 7.33 -5.50
CA LYS A 9 -6.79 6.03 -6.07
C LYS A 9 -7.97 6.16 -7.03
N LEU A 10 -8.62 7.31 -7.00
CA LEU A 10 -9.76 7.55 -7.88
C LEU A 10 -9.67 8.94 -8.53
N GLY A 11 -9.44 9.96 -7.70
CA GLY A 11 -9.33 11.31 -8.20
C GLY A 11 -10.41 12.23 -7.65
N LYS A 12 -10.85 11.94 -6.43
CA LYS A 12 -11.89 12.75 -5.79
C LYS A 12 -11.44 13.19 -4.40
N GLU A 13 -12.40 13.67 -3.61
CA GLU A 13 -12.10 14.13 -2.25
C GLU A 13 -12.68 13.17 -1.22
N ALA A 14 -11.79 12.42 -0.56
CA ALA A 14 -12.21 11.46 0.46
C ALA A 14 -11.61 11.81 1.82
N GLU A 15 -11.87 10.95 2.80
CA GLU A 15 -11.35 11.17 4.15
C GLU A 15 -10.01 10.46 4.34
N GLY A 16 -9.01 11.22 4.79
CA GLY A 16 -7.70 10.64 5.01
C GLY A 16 -7.67 9.68 6.18
N LEU A 17 -6.64 8.85 6.23
CA LEU A 17 -6.49 7.87 7.31
C LEU A 17 -6.19 8.56 8.63
N ASP A 18 -5.44 9.66 8.57
CA ASP A 18 -5.07 10.41 9.76
C ASP A 18 -4.27 9.55 10.72
N PHE A 19 -3.37 8.74 10.17
CA PHE A 19 -2.54 7.85 10.98
C PHE A 19 -1.47 7.18 10.13
N PRO A 20 -0.24 7.13 10.65
CA PRO A 20 0.90 6.52 9.95
C PRO A 20 0.78 5.00 9.87
N PRO A 21 0.58 4.49 8.64
CA PRO A 21 0.44 3.05 8.40
C PRO A 21 1.75 2.30 8.61
N LEU A 22 2.83 2.81 8.03
CA LEU A 22 4.14 2.19 8.15
C LEU A 22 5.17 3.20 8.63
N PRO A 23 6.27 2.70 9.20
CA PRO A 23 7.37 3.53 9.71
C PRO A 23 8.14 4.21 8.59
N GLY A 24 8.49 5.48 8.78
CA GLY A 24 9.23 6.21 7.78
C GLY A 24 8.44 7.36 7.20
N GLU A 25 8.98 7.99 6.16
CA GLU A 25 8.31 9.12 5.52
C GLU A 25 7.19 8.63 4.60
N LEU A 26 7.33 7.43 4.08
CA LEU A 26 6.33 6.84 3.19
C LEU A 26 4.95 6.86 3.84
N GLY A 27 4.88 6.36 5.08
CA GLY A 27 3.61 6.34 5.79
C GLY A 27 2.93 7.69 5.81
N LYS A 28 3.68 8.72 6.19
CA LYS A 28 3.14 10.07 6.26
C LYS A 28 2.52 10.47 4.93
N ARG A 29 3.05 9.92 3.84
CA ARG A 29 2.55 10.22 2.50
C ARG A 29 1.45 9.26 2.10
N LEU A 30 1.39 8.11 2.78
CA LEU A 30 0.38 7.11 2.49
C LEU A 30 -0.99 7.52 3.03
N TYR A 31 -1.00 8.12 4.21
CA TYR A 31 -2.23 8.58 4.82
C TYR A 31 -2.65 9.93 4.26
N GLU A 32 -1.70 10.64 3.67
CA GLU A 32 -1.97 11.96 3.09
C GLU A 32 -2.34 11.83 1.62
N SER A 33 -2.34 10.60 1.11
CA SER A 33 -2.66 10.35 -0.28
C SER A 33 -3.76 9.30 -0.41
N VAL A 34 -3.72 8.30 0.45
CA VAL A 34 -4.71 7.23 0.44
C VAL A 34 -5.85 7.53 1.42
N SER A 35 -7.08 7.31 0.97
CA SER A 35 -8.25 7.56 1.80
C SER A 35 -8.88 6.25 2.26
N LYS A 36 -10.00 6.35 2.98
CA LYS A 36 -10.70 5.18 3.47
C LYS A 36 -11.26 4.35 2.32
N GLN A 37 -11.48 5.00 1.19
CA GLN A 37 -12.02 4.33 0.01
C GLN A 37 -10.98 3.40 -0.61
N ALA A 38 -9.76 3.91 -0.76
CA ALA A 38 -8.67 3.14 -1.34
C ALA A 38 -8.09 2.18 -0.31
N TRP A 39 -8.37 2.43 0.96
CA TRP A 39 -7.86 1.58 2.04
C TRP A 39 -8.18 0.11 1.77
N GLN A 40 -9.28 -0.14 1.08
CA GLN A 40 -9.69 -1.51 0.76
C GLN A 40 -8.72 -2.14 -0.23
N ASP A 41 -8.43 -1.43 -1.32
CA ASP A 41 -7.52 -1.94 -2.34
C ASP A 41 -6.15 -2.23 -1.75
N TRP A 42 -5.84 -1.55 -0.65
CA TRP A 42 -4.55 -1.74 0.02
C TRP A 42 -4.48 -3.10 0.70
N LEU A 43 -5.64 -3.63 1.07
CA LEU A 43 -5.72 -4.92 1.74
C LEU A 43 -5.81 -6.05 0.72
N LYS A 44 -6.19 -5.71 -0.50
CA LYS A 44 -6.31 -6.69 -1.57
C LYS A 44 -4.94 -7.08 -2.11
N GLN A 45 -4.14 -6.08 -2.47
CA GLN A 45 -2.81 -6.31 -3.00
C GLN A 45 -1.88 -6.84 -1.91
N GLN A 46 -2.19 -6.53 -0.66
CA GLN A 46 -1.38 -6.98 0.47
C GLN A 46 -1.35 -8.51 0.54
N THR A 47 -2.54 -9.11 0.60
CA THR A 47 -2.65 -10.56 0.67
C THR A 47 -2.32 -11.21 -0.65
N MET A 48 -2.52 -10.47 -1.74
CA MET A 48 -2.25 -10.98 -3.08
C MET A 48 -0.74 -11.05 -3.33
N LEU A 49 0.01 -10.19 -2.65
CA LEU A 49 1.47 -10.17 -2.79
C LEU A 49 2.13 -11.14 -1.84
N ILE A 50 1.58 -11.26 -0.63
CA ILE A 50 2.10 -12.17 0.38
C ILE A 50 1.93 -13.61 -0.04
N ASN A 51 0.80 -13.91 -0.67
CA ASN A 51 0.50 -15.26 -1.12
C ASN A 51 1.31 -15.61 -2.36
N GLU A 52 1.40 -14.67 -3.29
CA GLU A 52 2.15 -14.87 -4.53
C GLU A 52 3.65 -14.98 -4.26
N ASN A 53 4.21 -13.94 -3.65
CA ASN A 53 5.63 -13.92 -3.32
C ASN A 53 5.94 -14.87 -2.18
N ARG A 54 4.91 -15.26 -1.44
CA ARG A 54 5.07 -16.17 -0.31
C ARG A 54 5.97 -15.55 0.75
N LEU A 55 5.71 -14.29 1.09
CA LEU A 55 6.48 -13.58 2.10
C LEU A 55 6.13 -14.07 3.50
N ASN A 56 6.80 -13.51 4.50
CA ASN A 56 6.57 -13.89 5.88
C ASN A 56 6.08 -12.69 6.70
N MET A 57 4.77 -12.50 6.72
CA MET A 57 4.18 -11.39 7.46
C MET A 57 4.68 -11.37 8.91
N ALA A 58 4.95 -12.56 9.45
CA ALA A 58 5.44 -12.67 10.81
C ALA A 58 6.71 -11.85 11.03
N ASP A 59 7.47 -11.69 9.96
CA ASP A 59 8.71 -10.91 10.03
C ASP A 59 8.54 -9.55 9.35
N PRO A 60 9.43 -8.60 9.70
CA PRO A 60 9.40 -7.25 9.14
C PRO A 60 9.78 -7.22 7.66
N ARG A 61 10.35 -8.31 7.18
CA ARG A 61 10.76 -8.42 5.79
C ARG A 61 9.58 -8.16 4.85
N ALA A 62 8.44 -8.74 5.19
CA ALA A 62 7.23 -8.56 4.38
C ALA A 62 6.64 -7.17 4.56
N ARG A 63 6.79 -6.62 5.76
CA ARG A 63 6.26 -5.29 6.06
C ARG A 63 7.13 -4.21 5.42
N GLN A 64 8.39 -4.56 5.13
CA GLN A 64 9.32 -3.62 4.52
C GLN A 64 9.24 -3.68 3.00
N TYR A 65 8.79 -4.82 2.49
CA TYR A 65 8.68 -5.02 1.04
C TYR A 65 7.35 -4.49 0.53
N LEU A 66 6.31 -4.61 1.36
CA LEU A 66 4.98 -4.14 0.99
C LEU A 66 4.98 -2.64 0.74
N MET A 67 5.77 -1.91 1.52
CA MET A 67 5.87 -0.46 1.39
C MET A 67 6.26 -0.08 -0.04
N LYS A 68 7.06 -0.92 -0.68
CA LYS A 68 7.51 -0.67 -2.04
C LYS A 68 6.38 -0.92 -3.03
N GLN A 69 5.39 -1.68 -2.60
CA GLN A 69 4.25 -2.00 -3.46
C GLN A 69 3.17 -0.93 -3.37
N THR A 70 3.21 -0.16 -2.28
CA THR A 70 2.24 0.91 -2.07
C THR A 70 2.73 2.23 -2.65
N GLU A 71 3.98 2.57 -2.36
CA GLU A 71 4.57 3.80 -2.86
C GLU A 71 4.66 3.79 -4.39
N LYS A 72 5.40 2.83 -4.93
CA LYS A 72 5.57 2.70 -6.37
C LYS A 72 4.21 2.52 -7.05
N TYR A 73 3.20 2.15 -6.28
CA TYR A 73 1.86 1.94 -6.81
C TYR A 73 1.34 3.21 -7.48
N PHE A 74 1.09 4.23 -6.68
CA PHE A 74 0.59 5.51 -7.19
C PHE A 74 1.74 6.47 -7.47
N PHE A 75 2.64 6.61 -6.51
CA PHE A 75 3.79 7.50 -6.65
C PHE A 75 4.74 6.99 -7.73
N GLY A 76 4.83 5.67 -7.86
CA GLY A 76 5.70 5.08 -8.86
C GLY A 76 7.05 5.76 -8.91
N GLU A 77 7.63 6.03 -7.75
CA GLU A 77 8.93 6.68 -7.68
C GLU A 77 9.97 5.94 -8.52
N GLY A 78 9.71 4.65 -8.75
CA GLY A 78 10.62 3.85 -9.54
C GLY A 78 11.15 2.65 -8.78
N ALA A 79 11.77 2.91 -7.63
CA ALA A 79 12.32 1.84 -6.80
C ALA A 79 11.27 0.76 -6.53
N ASP A 80 11.51 -0.43 -7.09
CA ASP A 80 10.59 -1.55 -6.91
C ASP A 80 11.32 -2.88 -7.07
N GLN A 81 10.94 -3.86 -6.26
CA GLN A 81 11.56 -5.18 -6.31
C GLN A 81 10.50 -6.28 -6.27
N ALA A 82 10.93 -7.52 -6.51
CA ALA A 82 10.02 -8.66 -6.49
C ALA A 82 10.78 -9.96 -6.72
N SER A 83 10.67 -10.88 -5.76
CA SER A 83 11.34 -12.17 -5.86
C SER A 83 10.82 -13.13 -4.80
N GLY A 84 10.87 -14.43 -5.11
CA GLY A 84 10.40 -15.43 -4.19
C GLY A 84 10.11 -16.76 -4.86
N TYR A 85 9.41 -17.64 -4.15
CA TYR A 85 9.07 -18.95 -4.69
C TYR A 85 8.24 -18.82 -5.97
N VAL A 86 8.02 -19.95 -6.65
CA VAL A 86 7.25 -19.96 -7.88
C VAL A 86 5.91 -19.25 -7.70
N PRO A 87 5.34 -18.76 -8.81
CA PRO A 87 4.06 -18.06 -8.80
C PRO A 87 2.89 -19.00 -8.49
N PRO A 88 1.72 -18.41 -8.22
CA PRO A 88 0.50 -19.18 -7.91
C PRO A 88 -0.04 -19.91 -9.13
N ALA A 89 -1.18 -20.58 -8.95
CA ALA A 89 -1.81 -21.33 -10.04
C ALA A 89 -3.26 -20.92 -10.21
N GLN A 90 -3.54 -20.12 -11.23
CA GLN A 90 -4.89 -19.65 -11.51
C GLN A 90 -5.35 -20.08 -12.90
N GLY A 91 -6.65 -19.96 -13.15
CA GLY A 91 -7.18 -20.35 -14.44
C GLY A 91 -7.73 -21.76 -14.45
N MET A 1 -20.15 8.86 -3.19
CA MET A 1 -18.95 9.68 -3.31
C MET A 1 -17.90 9.27 -2.28
N ALA A 2 -16.75 8.82 -2.76
CA ALA A 2 -15.67 8.40 -1.87
C ALA A 2 -14.75 9.57 -1.53
N ARG A 3 -13.91 9.96 -2.47
CA ARG A 3 -12.98 11.06 -2.27
C ARG A 3 -12.56 11.67 -3.60
N MET A 4 -11.56 12.54 -3.55
CA MET A 4 -11.05 13.19 -4.76
C MET A 4 -9.52 13.23 -4.76
N ILE A 5 -8.92 12.29 -5.49
CA ILE A 5 -7.47 12.22 -5.58
C ILE A 5 -7.01 11.97 -7.02
N HIS A 6 -5.70 12.08 -7.24
CA HIS A 6 -5.15 11.86 -8.57
C HIS A 6 -4.46 10.50 -8.66
N CYS A 7 -5.17 9.51 -9.18
CA CYS A 7 -4.64 8.16 -9.32
C CYS A 7 -3.21 8.19 -9.85
N ALA A 8 -2.25 7.92 -8.97
CA ALA A 8 -0.84 7.92 -9.35
C ALA A 8 -0.50 6.69 -10.18
N LYS A 9 -1.41 5.71 -10.19
CA LYS A 9 -1.21 4.48 -10.95
C LYS A 9 -1.37 4.72 -12.44
N LEU A 10 -2.01 5.83 -12.79
CA LEU A 10 -2.23 6.19 -14.19
C LEU A 10 -1.79 7.62 -14.46
N GLY A 11 -2.31 8.55 -13.67
CA GLY A 11 -1.97 9.96 -13.84
C GLY A 11 -3.19 10.83 -14.09
N LYS A 12 -4.35 10.34 -13.67
CA LYS A 12 -5.59 11.08 -13.85
C LYS A 12 -6.23 11.40 -12.50
N GLU A 13 -7.49 11.81 -12.53
CA GLU A 13 -8.22 12.16 -11.31
C GLU A 13 -9.28 11.11 -10.99
N ALA A 14 -9.05 10.33 -9.94
CA ALA A 14 -9.98 9.29 -9.54
C ALA A 14 -10.42 9.48 -8.10
N GLU A 15 -11.22 8.54 -7.59
CA GLU A 15 -11.72 8.62 -6.22
C GLU A 15 -10.72 7.98 -5.25
N GLY A 16 -10.52 8.64 -4.11
CA GLY A 16 -9.60 8.12 -3.12
C GLY A 16 -10.22 7.07 -2.23
N LEU A 17 -9.39 6.30 -1.54
CA LEU A 17 -9.87 5.25 -0.65
C LEU A 17 -10.51 5.85 0.60
N ASP A 18 -9.97 6.96 1.07
CA ASP A 18 -10.49 7.63 2.26
C ASP A 18 -10.34 6.75 3.49
N PHE A 19 -9.28 5.96 3.53
CA PHE A 19 -9.02 5.08 4.65
C PHE A 19 -7.53 4.75 4.77
N PRO A 20 -7.04 4.68 6.03
CA PRO A 20 -5.64 4.39 6.30
C PRO A 20 -5.27 2.95 5.97
N PRO A 21 -4.42 2.78 4.94
CA PRO A 21 -3.97 1.45 4.50
C PRO A 21 -3.03 0.80 5.51
N LEU A 22 -2.13 1.59 6.07
CA LEU A 22 -1.18 1.07 7.05
C LEU A 22 -0.73 2.18 8.00
N PRO A 23 -0.21 1.79 9.17
CA PRO A 23 0.26 2.73 10.19
C PRO A 23 1.54 3.45 9.76
N GLY A 24 1.58 4.76 9.98
CA GLY A 24 2.75 5.54 9.62
C GLY A 24 2.39 6.78 8.84
N GLU A 25 3.39 7.43 8.25
CA GLU A 25 3.18 8.64 7.47
C GLU A 25 2.88 8.31 6.01
N LEU A 26 3.34 7.14 5.58
CA LEU A 26 3.14 6.69 4.20
C LEU A 26 1.67 6.40 3.93
N GLY A 27 1.01 5.77 4.90
CA GLY A 27 -0.40 5.44 4.75
C GLY A 27 -1.24 6.64 4.37
N LYS A 28 -1.11 7.72 5.14
CA LYS A 28 -1.86 8.93 4.88
C LYS A 28 -1.61 9.44 3.46
N ARG A 29 -0.45 9.09 2.91
CA ARG A 29 -0.08 9.50 1.56
C ARG A 29 -0.52 8.46 0.54
N LEU A 30 -0.80 7.26 1.01
CA LEU A 30 -1.23 6.17 0.13
C LEU A 30 -2.71 6.33 -0.23
N TYR A 31 -3.56 6.41 0.78
CA TYR A 31 -4.99 6.56 0.57
C TYR A 31 -5.30 7.83 -0.21
N GLU A 32 -4.34 8.76 -0.22
CA GLU A 32 -4.51 10.02 -0.93
C GLU A 32 -3.78 9.99 -2.27
N SER A 33 -3.15 8.85 -2.56
CA SER A 33 -2.41 8.70 -3.81
C SER A 33 -3.07 7.66 -4.70
N VAL A 34 -3.54 6.58 -4.10
CA VAL A 34 -4.19 5.50 -4.83
C VAL A 34 -5.70 5.74 -4.93
N SER A 35 -6.32 5.18 -5.96
CA SER A 35 -7.75 5.33 -6.17
C SER A 35 -8.43 3.96 -6.31
N LYS A 36 -9.74 3.99 -6.52
CA LYS A 36 -10.51 2.76 -6.67
C LYS A 36 -10.14 2.05 -7.97
N GLN A 37 -9.57 2.79 -8.91
CA GLN A 37 -9.16 2.24 -10.20
C GLN A 37 -7.92 1.37 -10.04
N ALA A 38 -6.96 1.84 -9.26
CA ALA A 38 -5.72 1.11 -9.03
C ALA A 38 -5.87 0.12 -7.89
N TRP A 39 -6.94 0.26 -7.12
CA TRP A 39 -7.20 -0.63 -6.00
C TRP A 39 -7.13 -2.09 -6.42
N GLN A 40 -7.81 -2.40 -7.53
CA GLN A 40 -7.83 -3.77 -8.05
C GLN A 40 -6.41 -4.26 -8.33
N ASP A 41 -5.60 -3.41 -8.94
CA ASP A 41 -4.22 -3.76 -9.26
C ASP A 41 -3.42 -4.00 -7.99
N TRP A 42 -3.70 -3.22 -6.96
CA TRP A 42 -3.00 -3.35 -5.69
C TRP A 42 -3.19 -4.75 -5.10
N LEU A 43 -4.27 -5.41 -5.50
CA LEU A 43 -4.56 -6.76 -5.01
C LEU A 43 -3.90 -7.81 -5.89
N LYS A 44 -3.66 -7.46 -7.15
CA LYS A 44 -3.03 -8.37 -8.10
C LYS A 44 -1.56 -8.59 -7.74
N GLN A 45 -0.79 -7.51 -7.73
CA GLN A 45 0.63 -7.59 -7.40
C GLN A 45 0.84 -8.07 -5.97
N GLN A 46 -0.10 -7.71 -5.09
CA GLN A 46 -0.02 -8.12 -3.69
C GLN A 46 0.20 -9.61 -3.56
N THR A 47 -0.60 -10.39 -4.28
CA THR A 47 -0.49 -11.84 -4.25
C THR A 47 0.75 -12.32 -4.99
N MET A 48 1.00 -11.74 -6.16
CA MET A 48 2.17 -12.10 -6.96
C MET A 48 3.45 -11.96 -6.15
N LEU A 49 3.52 -10.90 -5.36
CA LEU A 49 4.71 -10.64 -4.54
C LEU A 49 4.81 -11.66 -3.41
N ILE A 50 3.68 -11.95 -2.78
CA ILE A 50 3.65 -12.91 -1.68
C ILE A 50 4.00 -14.31 -2.17
N ASN A 51 3.58 -14.63 -3.38
CA ASN A 51 3.86 -15.94 -3.97
C ASN A 51 5.25 -15.97 -4.59
N GLU A 52 5.74 -14.81 -4.99
CA GLU A 52 7.07 -14.71 -5.60
C GLU A 52 8.16 -14.74 -4.54
N ASN A 53 8.03 -13.89 -3.52
CA ASN A 53 9.00 -13.82 -2.45
C ASN A 53 8.67 -14.84 -1.35
N ARG A 54 7.49 -15.43 -1.44
CA ARG A 54 7.06 -16.42 -0.46
C ARG A 54 7.04 -15.82 0.94
N LEU A 55 6.47 -14.63 1.05
CA LEU A 55 6.39 -13.95 2.34
C LEU A 55 5.32 -14.58 3.22
N ASN A 56 5.27 -14.15 4.49
CA ASN A 56 4.29 -14.68 5.43
C ASN A 56 3.25 -13.62 5.77
N MET A 57 2.15 -13.62 5.04
CA MET A 57 1.08 -12.66 5.27
C MET A 57 0.64 -12.68 6.74
N ALA A 58 0.79 -13.83 7.38
CA ALA A 58 0.41 -13.97 8.79
C ALA A 58 1.15 -12.96 9.66
N ASP A 59 2.29 -12.50 9.18
CA ASP A 59 3.09 -11.53 9.91
C ASP A 59 3.18 -10.20 9.15
N PRO A 60 3.51 -9.13 9.87
CA PRO A 60 3.64 -7.79 9.28
C PRO A 60 4.85 -7.67 8.36
N ARG A 61 5.69 -8.70 8.36
CA ARG A 61 6.88 -8.71 7.53
C ARG A 61 6.51 -8.71 6.05
N ALA A 62 5.44 -9.42 5.71
CA ALA A 62 4.98 -9.50 4.33
C ALA A 62 4.22 -8.24 3.93
N ARG A 63 3.74 -7.50 4.93
CA ARG A 63 2.98 -6.28 4.69
C ARG A 63 3.93 -5.09 4.55
N GLN A 64 5.04 -5.12 5.29
CA GLN A 64 6.02 -4.04 5.25
C GLN A 64 6.88 -4.13 4.00
N TYR A 65 7.02 -5.34 3.47
CA TYR A 65 7.83 -5.57 2.28
C TYR A 65 7.10 -5.08 1.04
N LEU A 66 5.79 -5.25 1.02
CA LEU A 66 4.98 -4.82 -0.11
C LEU A 66 4.90 -3.30 -0.19
N MET A 67 4.99 -2.66 0.96
CA MET A 67 4.94 -1.20 1.03
C MET A 67 6.03 -0.58 0.17
N LYS A 68 7.11 -1.33 -0.06
CA LYS A 68 8.22 -0.86 -0.86
C LYS A 68 7.91 -0.96 -2.34
N GLN A 69 6.94 -1.79 -2.68
CA GLN A 69 6.53 -1.97 -4.07
C GLN A 69 5.48 -0.95 -4.48
N THR A 70 4.76 -0.43 -3.50
CA THR A 70 3.72 0.56 -3.75
C THR A 70 4.28 1.98 -3.69
N GLU A 71 5.00 2.28 -2.60
CA GLU A 71 5.58 3.59 -2.42
C GLU A 71 6.61 3.89 -3.52
N LYS A 72 7.64 3.05 -3.59
CA LYS A 72 8.68 3.22 -4.59
C LYS A 72 8.09 3.24 -6.00
N TYR A 73 6.88 2.73 -6.13
CA TYR A 73 6.20 2.70 -7.42
C TYR A 73 6.03 4.10 -7.99
N PHE A 74 5.20 4.89 -7.32
CA PHE A 74 4.94 6.27 -7.75
C PHE A 74 5.87 7.25 -7.04
N PHE A 75 6.00 7.11 -5.72
CA PHE A 75 6.86 7.98 -4.95
C PHE A 75 8.32 7.73 -5.26
N GLY A 76 8.64 6.47 -5.58
CA GLY A 76 10.02 6.12 -5.90
C GLY A 76 11.02 6.68 -4.91
N GLU A 77 10.72 6.51 -3.62
CA GLU A 77 11.60 7.02 -2.58
C GLU A 77 12.15 5.88 -1.73
N GLY A 78 11.30 4.89 -1.44
CA GLY A 78 11.73 3.76 -0.65
C GLY A 78 11.92 4.10 0.82
N ALA A 79 11.00 4.90 1.37
CA ALA A 79 11.07 5.30 2.75
C ALA A 79 9.93 4.70 3.56
N ASP A 80 10.27 4.09 4.69
CA ASP A 80 9.27 3.47 5.56
C ASP A 80 9.82 3.29 6.98
N GLN A 81 9.09 3.83 7.96
CA GLN A 81 9.51 3.72 9.35
C GLN A 81 9.56 2.27 9.80
N ALA A 82 10.26 2.01 10.89
CA ALA A 82 10.39 0.66 11.42
C ALA A 82 10.36 0.66 12.94
N SER A 83 9.55 -0.21 13.52
CA SER A 83 9.43 -0.31 14.97
C SER A 83 8.65 -1.56 15.37
N GLY A 84 9.19 -2.30 16.34
CA GLY A 84 8.53 -3.51 16.79
C GLY A 84 8.97 -3.92 18.19
N TYR A 85 8.05 -4.45 18.97
CA TYR A 85 8.34 -4.89 20.33
C TYR A 85 8.51 -6.40 20.40
N VAL A 86 8.98 -6.88 21.55
CA VAL A 86 9.18 -8.31 21.74
C VAL A 86 8.49 -8.80 23.02
N PRO A 87 7.15 -8.84 22.98
CA PRO A 87 6.34 -9.28 24.12
C PRO A 87 6.48 -10.78 24.39
N PRO A 88 5.98 -11.23 25.55
CA PRO A 88 6.05 -12.63 25.95
C PRO A 88 5.13 -13.51 25.11
N ALA A 89 5.04 -14.78 25.49
CA ALA A 89 4.19 -15.73 24.76
C ALA A 89 3.49 -16.68 25.73
N GLN A 90 2.16 -16.74 25.64
CA GLN A 90 1.38 -17.60 26.51
C GLN A 90 0.67 -18.68 25.70
N GLY A 91 0.43 -19.83 26.32
CA GLY A 91 -0.24 -20.93 25.64
C GLY A 91 -0.44 -22.13 26.55
N MET A 1 -16.68 8.45 14.56
CA MET A 1 -16.31 8.35 13.15
C MET A 1 -14.80 8.28 12.99
N ALA A 2 -14.35 7.51 12.01
CA ALA A 2 -12.91 7.35 11.75
C ALA A 2 -12.39 8.47 10.86
N ARG A 3 -12.70 8.37 9.56
CA ARG A 3 -12.26 9.36 8.60
C ARG A 3 -13.14 9.35 7.36
N MET A 4 -12.74 10.12 6.34
CA MET A 4 -13.52 10.20 5.11
C MET A 4 -12.59 10.12 3.89
N ILE A 5 -12.53 8.95 3.27
CA ILE A 5 -11.69 8.75 2.10
C ILE A 5 -12.37 7.86 1.07
N HIS A 6 -11.77 7.74 -0.11
CA HIS A 6 -12.32 6.90 -1.17
C HIS A 6 -11.52 5.61 -1.31
N CYS A 7 -12.09 4.52 -0.80
CA CYS A 7 -11.44 3.21 -0.86
C CYS A 7 -10.88 2.97 -2.25
N ALA A 8 -9.56 2.82 -2.33
CA ALA A 8 -8.88 2.58 -3.60
C ALA A 8 -8.96 1.10 -3.98
N LYS A 9 -9.60 0.31 -3.13
CA LYS A 9 -9.74 -1.12 -3.38
C LYS A 9 -11.11 -1.44 -3.98
N LEU A 10 -12.15 -0.81 -3.45
CA LEU A 10 -13.50 -1.02 -3.93
C LEU A 10 -13.83 -0.05 -5.06
N GLY A 11 -13.68 1.25 -4.79
CA GLY A 11 -13.96 2.26 -5.79
C GLY A 11 -15.05 3.22 -5.36
N LYS A 12 -15.29 3.29 -4.05
CA LYS A 12 -16.30 4.18 -3.50
C LYS A 12 -15.76 4.95 -2.30
N GLU A 13 -16.65 5.59 -1.56
CA GLU A 13 -16.26 6.36 -0.38
C GLU A 13 -16.41 5.53 0.89
N ALA A 14 -15.30 5.29 1.56
CA ALA A 14 -15.30 4.51 2.79
C ALA A 14 -14.48 5.20 3.88
N GLU A 15 -14.57 4.67 5.10
CA GLU A 15 -13.84 5.25 6.23
C GLU A 15 -12.35 4.96 6.12
N GLY A 16 -11.54 5.97 6.41
CA GLY A 16 -10.10 5.80 6.33
C GLY A 16 -9.43 5.85 7.69
N LEU A 17 -8.17 5.47 7.75
CA LEU A 17 -7.42 5.46 8.99
C LEU A 17 -7.07 6.88 9.42
N ASP A 18 -6.38 7.00 10.55
CA ASP A 18 -5.99 8.30 11.07
C ASP A 18 -4.51 8.32 11.44
N PHE A 19 -3.71 7.56 10.69
CA PHE A 19 -2.28 7.48 10.94
C PHE A 19 -1.61 6.50 9.97
N PRO A 20 -0.31 6.70 9.74
CA PRO A 20 0.47 5.84 8.84
C PRO A 20 0.68 4.45 9.41
N PRO A 21 0.58 3.43 8.54
CA PRO A 21 0.76 2.03 8.93
C PRO A 21 2.21 1.70 9.28
N LEU A 22 3.13 2.50 8.75
CA LEU A 22 4.55 2.30 9.00
C LEU A 22 5.30 3.62 8.99
N PRO A 23 6.49 3.64 9.60
CA PRO A 23 7.33 4.83 9.68
C PRO A 23 7.92 5.20 8.32
N GLY A 24 7.25 6.09 7.61
CA GLY A 24 7.72 6.51 6.30
C GLY A 24 6.73 7.41 5.58
N GLU A 25 7.17 8.00 4.47
CA GLU A 25 6.31 8.89 3.70
C GLU A 25 5.30 8.09 2.87
N LEU A 26 5.62 6.84 2.62
CA LEU A 26 4.74 5.96 1.84
C LEU A 26 3.47 5.64 2.61
N GLY A 27 3.64 5.10 3.82
CA GLY A 27 2.49 4.76 4.64
C GLY A 27 1.52 5.92 4.81
N LYS A 28 2.05 7.13 4.77
CA LYS A 28 1.23 8.33 4.91
C LYS A 28 0.10 8.34 3.89
N ARG A 29 0.32 7.66 2.77
CA ARG A 29 -0.68 7.59 1.71
C ARG A 29 -1.57 6.37 1.88
N LEU A 30 -1.08 5.39 2.64
CA LEU A 30 -1.84 4.17 2.88
C LEU A 30 -3.08 4.45 3.73
N TYR A 31 -2.92 5.30 4.73
CA TYR A 31 -4.04 5.65 5.61
C TYR A 31 -4.96 6.66 4.94
N GLU A 32 -4.45 7.34 3.92
CA GLU A 32 -5.23 8.34 3.19
C GLU A 32 -5.79 7.76 1.89
N SER A 33 -5.50 6.48 1.66
CA SER A 33 -5.97 5.81 0.44
C SER A 33 -6.75 4.55 0.80
N VAL A 34 -6.26 3.81 1.80
CA VAL A 34 -6.90 2.58 2.24
C VAL A 34 -8.02 2.88 3.23
N SER A 35 -9.12 2.13 3.13
CA SER A 35 -10.25 2.31 4.01
C SER A 35 -10.40 1.12 4.96
N LYS A 36 -11.42 1.16 5.81
CA LYS A 36 -11.68 0.09 6.76
C LYS A 36 -12.00 -1.22 6.04
N GLN A 37 -12.41 -1.11 4.78
CA GLN A 37 -12.76 -2.28 3.99
C GLN A 37 -11.51 -2.96 3.46
N ALA A 38 -10.72 -2.24 2.68
CA ALA A 38 -9.49 -2.78 2.11
C ALA A 38 -8.46 -3.03 3.20
N TRP A 39 -8.64 -2.39 4.34
CA TRP A 39 -7.71 -2.54 5.47
C TRP A 39 -7.49 -4.02 5.79
N GLN A 40 -8.51 -4.83 5.53
CA GLN A 40 -8.42 -6.26 5.80
C GLN A 40 -7.76 -6.99 4.64
N ASP A 41 -7.94 -6.47 3.44
CA ASP A 41 -7.35 -7.08 2.25
C ASP A 41 -5.84 -7.01 2.29
N TRP A 42 -5.31 -5.84 2.68
CA TRP A 42 -3.87 -5.64 2.76
C TRP A 42 -3.25 -6.61 3.77
N LEU A 43 -4.06 -7.05 4.73
CA LEU A 43 -3.58 -7.97 5.76
C LEU A 43 -3.56 -9.40 5.24
N LYS A 44 -4.36 -9.67 4.20
CA LYS A 44 -4.42 -11.00 3.61
C LYS A 44 -3.15 -11.31 2.84
N GLN A 45 -2.84 -10.47 1.84
CA GLN A 45 -1.65 -10.67 1.03
C GLN A 45 -0.39 -10.53 1.87
N GLN A 46 -0.46 -9.69 2.90
CA GLN A 46 0.68 -9.47 3.79
C GLN A 46 1.18 -10.79 4.37
N THR A 47 0.25 -11.62 4.82
CA THR A 47 0.60 -12.91 5.41
C THR A 47 1.11 -13.88 4.33
N MET A 48 0.43 -13.89 3.20
CA MET A 48 0.81 -14.77 2.09
C MET A 48 2.22 -14.46 1.62
N LEU A 49 2.55 -13.18 1.55
CA LEU A 49 3.88 -12.75 1.11
C LEU A 49 4.94 -13.12 2.14
N ILE A 50 4.64 -12.85 3.41
CA ILE A 50 5.57 -13.15 4.50
C ILE A 50 5.77 -14.66 4.64
N ASN A 51 4.71 -15.42 4.40
CA ASN A 51 4.77 -16.87 4.50
C ASN A 51 5.43 -17.48 3.27
N GLU A 52 5.11 -16.93 2.11
CA GLU A 52 5.66 -17.41 0.85
C GLU A 52 7.14 -17.06 0.74
N ASN A 53 7.46 -15.79 0.94
CA ASN A 53 8.84 -15.32 0.86
C ASN A 53 9.60 -15.65 2.14
N ARG A 54 8.85 -15.99 3.18
CA ARG A 54 9.46 -16.34 4.47
C ARG A 54 10.30 -15.17 5.00
N LEU A 55 9.74 -13.98 4.93
CA LEU A 55 10.43 -12.78 5.40
C LEU A 55 10.41 -12.70 6.92
N ASN A 56 11.16 -11.76 7.47
CA ASN A 56 11.23 -11.58 8.92
C ASN A 56 10.57 -10.27 9.34
N MET A 57 9.28 -10.32 9.63
CA MET A 57 8.54 -9.13 10.05
C MET A 57 9.25 -8.42 11.19
N ALA A 58 9.96 -9.19 12.01
CA ALA A 58 10.68 -8.62 13.14
C ALA A 58 11.61 -7.49 12.69
N ASP A 59 12.06 -7.56 11.44
CA ASP A 59 12.95 -6.55 10.90
C ASP A 59 12.24 -5.72 9.83
N PRO A 60 12.78 -4.53 9.55
CA PRO A 60 12.22 -3.62 8.55
C PRO A 60 12.38 -4.14 7.13
N ARG A 61 13.19 -5.18 6.97
CA ARG A 61 13.43 -5.77 5.66
C ARG A 61 12.13 -6.32 5.07
N ALA A 62 11.31 -6.94 5.91
CA ALA A 62 10.05 -7.50 5.47
C ALA A 62 8.98 -6.43 5.37
N ARG A 63 9.20 -5.31 6.05
CA ARG A 63 8.25 -4.20 6.04
C ARG A 63 8.49 -3.30 4.83
N GLN A 64 9.74 -3.23 4.38
CA GLN A 64 10.10 -2.40 3.23
C GLN A 64 9.76 -3.11 1.93
N TYR A 65 9.74 -4.44 1.97
CA TYR A 65 9.44 -5.23 0.78
C TYR A 65 7.94 -5.24 0.50
N LEU A 66 7.15 -5.46 1.55
CA LEU A 66 5.70 -5.49 1.42
C LEU A 66 5.17 -4.18 0.84
N MET A 67 5.77 -3.07 1.28
CA MET A 67 5.35 -1.75 0.81
C MET A 67 5.48 -1.66 -0.71
N LYS A 68 6.33 -2.50 -1.29
CA LYS A 68 6.54 -2.51 -2.74
C LYS A 68 5.37 -3.20 -3.44
N GLN A 69 4.63 -4.01 -2.69
CA GLN A 69 3.49 -4.73 -3.26
C GLN A 69 2.22 -3.90 -3.13
N THR A 70 2.19 -2.99 -2.16
CA THR A 70 1.03 -2.15 -1.94
C THR A 70 1.13 -0.86 -2.74
N GLU A 71 2.35 -0.33 -2.87
CA GLU A 71 2.57 0.90 -3.63
C GLU A 71 2.44 0.65 -5.13
N LYS A 72 3.25 -0.27 -5.64
CA LYS A 72 3.22 -0.60 -7.06
C LYS A 72 1.84 -1.07 -7.48
N TYR A 73 1.02 -1.44 -6.51
CA TYR A 73 -0.33 -1.91 -6.78
C TYR A 73 -1.21 -0.77 -7.30
N PHE A 74 -1.57 0.14 -6.40
CA PHE A 74 -2.41 1.28 -6.77
C PHE A 74 -1.56 2.50 -7.10
N PHE A 75 -0.60 2.80 -6.23
CA PHE A 75 0.29 3.94 -6.43
C PHE A 75 1.22 3.69 -7.62
N GLY A 76 1.20 2.48 -8.14
CA GLY A 76 2.05 2.14 -9.27
C GLY A 76 1.25 1.75 -10.50
N GLU A 77 1.22 0.47 -10.81
CA GLU A 77 0.49 -0.03 -11.97
C GLU A 77 -0.93 0.53 -12.00
N GLY A 78 -1.49 0.74 -10.82
CA GLY A 78 -2.84 1.27 -10.72
C GLY A 78 -2.87 2.78 -10.67
N ALA A 79 -2.04 3.42 -11.48
CA ALA A 79 -1.98 4.88 -11.51
C ALA A 79 -2.00 5.39 -12.95
N ASP A 80 -1.82 6.70 -13.11
CA ASP A 80 -1.81 7.30 -14.44
C ASP A 80 -0.47 7.99 -14.72
N GLN A 81 0.61 7.25 -14.53
CA GLN A 81 1.95 7.78 -14.76
C GLN A 81 2.71 6.93 -15.77
N ALA A 82 3.71 7.53 -16.40
CA ALA A 82 4.53 6.82 -17.39
C ALA A 82 3.67 6.30 -18.53
N SER A 83 2.84 7.18 -19.09
CA SER A 83 1.96 6.81 -20.19
C SER A 83 2.37 7.53 -21.47
N GLY A 84 3.65 7.84 -21.60
CA GLY A 84 4.15 8.51 -22.77
C GLY A 84 5.37 7.85 -23.36
N TYR A 85 6.54 8.39 -23.07
CA TYR A 85 7.79 7.84 -23.58
C TYR A 85 8.56 7.12 -22.46
N VAL A 86 9.61 6.40 -22.85
CA VAL A 86 10.44 5.67 -21.90
C VAL A 86 11.79 5.32 -22.50
N PRO A 87 12.70 6.31 -22.55
CA PRO A 87 14.04 6.13 -23.10
C PRO A 87 14.92 5.24 -22.21
N PRO A 88 16.06 4.81 -22.74
CA PRO A 88 17.01 3.96 -22.01
C PRO A 88 17.70 4.70 -20.88
N ALA A 89 18.58 4.00 -20.17
CA ALA A 89 19.32 4.59 -19.05
C ALA A 89 20.30 5.65 -19.54
N GLN A 90 20.44 6.73 -18.78
CA GLN A 90 21.34 7.81 -19.14
C GLN A 90 22.74 7.28 -19.42
N GLY A 91 23.11 6.19 -18.74
CA GLY A 91 24.42 5.61 -18.94
C GLY A 91 25.42 6.07 -17.89
N MET A 1 -18.23 3.13 7.67
CA MET A 1 -17.38 4.25 7.25
C MET A 1 -16.02 4.19 7.92
N ALA A 2 -14.99 4.62 7.21
CA ALA A 2 -13.63 4.62 7.73
C ALA A 2 -12.95 5.96 7.53
N ARG A 3 -12.55 6.24 6.30
CA ARG A 3 -11.89 7.50 5.96
C ARG A 3 -12.17 7.90 4.52
N MET A 4 -11.44 8.90 4.04
CA MET A 4 -11.61 9.38 2.67
C MET A 4 -10.27 9.71 2.05
N ILE A 5 -9.76 8.81 1.24
CA ILE A 5 -8.47 9.00 0.57
C ILE A 5 -8.57 8.69 -0.93
N HIS A 6 -7.52 9.03 -1.66
CA HIS A 6 -7.49 8.79 -3.10
C HIS A 6 -6.70 7.53 -3.43
N CYS A 7 -7.41 6.43 -3.65
CA CYS A 7 -6.77 5.16 -3.96
C CYS A 7 -5.73 5.33 -5.06
N ALA A 8 -4.47 5.02 -4.74
CA ALA A 8 -3.38 5.15 -5.70
C ALA A 8 -3.31 3.92 -6.62
N LYS A 9 -4.23 2.99 -6.41
CA LYS A 9 -4.28 1.78 -7.22
C LYS A 9 -5.39 1.85 -8.27
N LEU A 10 -6.54 2.38 -7.87
CA LEU A 10 -7.66 2.52 -8.78
C LEU A 10 -7.60 3.85 -9.54
N GLY A 11 -7.65 4.96 -8.80
CA GLY A 11 -7.59 6.26 -9.43
C GLY A 11 -8.70 7.18 -8.95
N LYS A 12 -9.51 6.70 -8.02
CA LYS A 12 -10.61 7.49 -7.48
C LYS A 12 -10.51 7.60 -5.95
N GLU A 13 -11.54 8.16 -5.34
CA GLU A 13 -11.58 8.32 -3.89
C GLU A 13 -12.17 7.10 -3.22
N ALA A 14 -11.36 6.40 -2.43
CA ALA A 14 -11.82 5.20 -1.72
C ALA A 14 -11.54 5.31 -0.23
N GLU A 15 -11.98 4.32 0.52
CA GLU A 15 -11.79 4.30 1.97
C GLU A 15 -10.30 4.27 2.31
N GLY A 16 -9.96 4.90 3.44
CA GLY A 16 -8.57 4.94 3.87
C GLY A 16 -8.30 4.02 5.04
N LEU A 17 -7.05 3.58 5.16
CA LEU A 17 -6.66 2.70 6.25
C LEU A 17 -6.79 3.40 7.60
N ASP A 18 -6.31 4.64 7.68
CA ASP A 18 -6.38 5.42 8.90
C ASP A 18 -5.59 4.75 10.01
N PHE A 19 -4.47 4.13 9.66
CA PHE A 19 -3.62 3.44 10.62
C PHE A 19 -2.18 3.37 10.13
N PRO A 20 -1.38 4.38 10.50
CA PRO A 20 0.04 4.46 10.11
C PRO A 20 0.89 3.39 10.80
N PRO A 21 1.39 2.44 10.00
CA PRO A 21 2.23 1.34 10.51
C PRO A 21 3.60 1.82 10.97
N LEU A 22 4.25 2.60 10.12
CA LEU A 22 5.58 3.14 10.43
C LEU A 22 5.49 4.60 10.86
N PRO A 23 6.24 4.95 11.91
CA PRO A 23 6.27 6.32 12.44
C PRO A 23 6.96 7.30 11.49
N GLY A 24 7.83 6.76 10.63
CA GLY A 24 8.54 7.60 9.68
C GLY A 24 7.61 8.35 8.75
N GLU A 25 8.18 8.96 7.72
CA GLU A 25 7.39 9.72 6.75
C GLU A 25 6.81 8.80 5.69
N LEU A 26 7.26 7.55 5.68
CA LEU A 26 6.77 6.57 4.71
C LEU A 26 5.48 5.91 5.19
N GLY A 27 5.54 5.30 6.37
CA GLY A 27 4.38 4.65 6.93
C GLY A 27 3.17 5.56 6.97
N LYS A 28 3.39 6.82 7.34
CA LYS A 28 2.31 7.80 7.42
C LYS A 28 1.75 8.11 6.04
N ARG A 29 2.56 7.88 5.00
CA ARG A 29 2.14 8.13 3.63
C ARG A 29 1.50 6.89 3.02
N LEU A 30 1.78 5.73 3.62
CA LEU A 30 1.22 4.47 3.13
C LEU A 30 -0.27 4.38 3.43
N TYR A 31 -0.64 4.72 4.66
CA TYR A 31 -2.03 4.66 5.08
C TYR A 31 -2.81 5.85 4.52
N GLU A 32 -2.09 6.89 4.13
CA GLU A 32 -2.71 8.09 3.57
C GLU A 32 -2.82 7.98 2.05
N SER A 33 -2.36 6.86 1.51
CA SER A 33 -2.41 6.64 0.06
C SER A 33 -3.13 5.34 -0.26
N VAL A 34 -2.87 4.31 0.54
CA VAL A 34 -3.50 3.00 0.34
C VAL A 34 -4.99 3.06 0.67
N SER A 35 -5.74 2.12 0.11
CA SER A 35 -7.18 2.06 0.34
C SER A 35 -7.59 0.65 0.79
N LYS A 36 -8.90 0.46 0.99
CA LYS A 36 -9.43 -0.83 1.42
C LYS A 36 -9.54 -1.78 0.24
N GLN A 37 -9.53 -1.23 -0.97
CA GLN A 37 -9.64 -2.04 -2.18
C GLN A 37 -8.25 -2.51 -2.63
N ALA A 38 -7.31 -1.58 -2.67
CA ALA A 38 -5.94 -1.89 -3.08
C ALA A 38 -5.21 -2.67 -2.00
N TRP A 39 -5.71 -2.60 -0.77
CA TRP A 39 -5.09 -3.30 0.34
C TRP A 39 -4.88 -4.78 0.02
N GLN A 40 -5.79 -5.34 -0.78
CA GLN A 40 -5.71 -6.74 -1.17
C GLN A 40 -4.48 -6.98 -2.06
N ASP A 41 -4.36 -6.17 -3.11
CA ASP A 41 -3.23 -6.30 -4.03
C ASP A 41 -1.93 -5.84 -3.38
N TRP A 42 -2.05 -5.05 -2.32
CA TRP A 42 -0.89 -4.54 -1.60
C TRP A 42 -0.39 -5.56 -0.59
N LEU A 43 -1.33 -6.22 0.09
CA LEU A 43 -0.98 -7.22 1.10
C LEU A 43 -0.58 -8.54 0.43
N LYS A 44 -0.99 -8.72 -0.82
CA LYS A 44 -0.68 -9.92 -1.57
C LYS A 44 0.84 -10.10 -1.71
N GLN A 45 1.49 -9.12 -2.34
CA GLN A 45 2.93 -9.17 -2.54
C GLN A 45 3.66 -9.10 -1.21
N GLN A 46 3.08 -8.40 -0.25
CA GLN A 46 3.68 -8.26 1.08
C GLN A 46 4.05 -9.61 1.65
N THR A 47 3.22 -10.62 1.39
CA THR A 47 3.45 -11.96 1.89
C THR A 47 4.31 -12.77 0.91
N MET A 48 4.22 -12.41 -0.37
CA MET A 48 4.99 -13.10 -1.40
C MET A 48 6.48 -12.89 -1.20
N LEU A 49 6.86 -11.69 -0.79
CA LEU A 49 8.27 -11.36 -0.56
C LEU A 49 8.79 -12.09 0.69
N ILE A 50 7.96 -12.14 1.73
CA ILE A 50 8.35 -12.81 2.97
C ILE A 50 8.49 -14.32 2.76
N ASN A 51 7.69 -14.86 1.85
CA ASN A 51 7.72 -16.29 1.56
C ASN A 51 8.76 -16.60 0.49
N GLU A 52 9.05 -15.62 -0.36
CA GLU A 52 10.02 -15.79 -1.42
C GLU A 52 11.44 -15.53 -0.92
N ASN A 53 11.54 -14.72 0.13
CA ASN A 53 12.84 -14.38 0.71
C ASN A 53 13.00 -15.02 2.08
N ARG A 54 11.88 -15.47 2.66
CA ARG A 54 11.91 -16.11 3.97
C ARG A 54 12.38 -15.14 5.04
N LEU A 55 11.86 -13.91 5.00
CA LEU A 55 12.24 -12.89 5.97
C LEU A 55 11.61 -13.18 7.33
N ASN A 56 12.02 -12.40 8.34
CA ASN A 56 11.50 -12.58 9.69
C ASN A 56 10.51 -11.46 10.03
N MET A 57 9.23 -11.73 9.82
CA MET A 57 8.19 -10.75 10.10
C MET A 57 8.23 -10.32 11.56
N ALA A 58 8.76 -11.20 12.42
CA ALA A 58 8.86 -10.90 13.84
C ALA A 58 9.52 -9.56 14.09
N ASP A 59 10.41 -9.17 13.17
CA ASP A 59 11.12 -7.90 13.29
C ASP A 59 10.76 -6.97 12.12
N PRO A 60 10.99 -5.67 12.32
CA PRO A 60 10.70 -4.65 11.31
C PRO A 60 11.64 -4.74 10.11
N ARG A 61 12.69 -5.56 10.24
CA ARG A 61 13.66 -5.73 9.17
C ARG A 61 12.97 -6.20 7.88
N ALA A 62 11.92 -7.00 8.04
CA ALA A 62 11.19 -7.53 6.90
C ALA A 62 10.21 -6.48 6.36
N ARG A 63 9.72 -5.62 7.24
CA ARG A 63 8.78 -4.59 6.85
C ARG A 63 9.51 -3.40 6.20
N GLN A 64 10.78 -3.24 6.56
CA GLN A 64 11.58 -2.14 6.02
C GLN A 64 12.03 -2.46 4.60
N TYR A 65 12.15 -3.75 4.28
CA TYR A 65 12.56 -4.18 2.96
C TYR A 65 11.41 -4.09 1.96
N LEU A 66 10.22 -4.47 2.42
CA LEU A 66 9.03 -4.43 1.56
C LEU A 66 8.63 -2.99 1.25
N MET A 67 8.97 -2.09 2.16
CA MET A 67 8.65 -0.67 1.98
C MET A 67 9.24 -0.14 0.67
N LYS A 68 10.28 -0.79 0.19
CA LYS A 68 10.94 -0.39 -1.05
C LYS A 68 10.09 -0.75 -2.26
N GLN A 69 9.16 -1.69 -2.06
CA GLN A 69 8.28 -2.13 -3.14
C GLN A 69 7.01 -1.29 -3.18
N THR A 70 6.64 -0.72 -2.02
CA THR A 70 5.44 0.10 -1.92
C THR A 70 5.76 1.57 -2.21
N GLU A 71 6.94 2.00 -1.77
CA GLU A 71 7.36 3.39 -1.98
C GLU A 71 7.73 3.63 -3.43
N LYS A 72 8.68 2.84 -3.94
CA LYS A 72 9.13 2.97 -5.32
C LYS A 72 7.97 2.76 -6.29
N TYR A 73 6.89 2.17 -5.80
CA TYR A 73 5.71 1.91 -6.61
C TYR A 73 5.03 3.21 -7.01
N PHE A 74 4.36 3.84 -6.04
CA PHE A 74 3.65 5.09 -6.27
C PHE A 74 4.55 6.28 -5.94
N PHE A 75 5.16 6.25 -4.77
CA PHE A 75 6.04 7.33 -4.33
C PHE A 75 7.31 7.37 -5.16
N GLY A 76 7.49 6.35 -6.01
CA GLY A 76 8.67 6.29 -6.85
C GLY A 76 8.34 6.40 -8.32
N GLU A 77 8.39 5.27 -9.02
CA GLU A 77 8.10 5.27 -10.45
C GLU A 77 6.78 5.98 -10.75
N GLY A 78 5.84 5.88 -9.81
CA GLY A 78 4.55 6.52 -10.00
C GLY A 78 3.41 5.53 -10.06
N ALA A 79 3.54 4.53 -10.94
CA ALA A 79 2.52 3.51 -11.09
C ALA A 79 3.01 2.37 -11.98
N ASP A 80 2.21 1.31 -12.06
CA ASP A 80 2.58 0.16 -12.88
C ASP A 80 1.48 -0.15 -13.89
N GLN A 81 0.71 0.88 -14.26
CA GLN A 81 -0.37 0.72 -15.22
C GLN A 81 -0.67 2.05 -15.92
N ALA A 82 -1.26 1.96 -17.10
CA ALA A 82 -1.60 3.15 -17.88
C ALA A 82 -3.11 3.32 -17.97
N SER A 83 -3.82 2.89 -16.93
CA SER A 83 -5.27 3.00 -16.91
C SER A 83 -5.82 2.55 -15.56
N GLY A 84 -7.14 2.69 -15.39
CA GLY A 84 -7.77 2.30 -14.13
C GLY A 84 -9.12 1.65 -14.35
N TYR A 85 -9.44 0.67 -13.52
CA TYR A 85 -10.72 -0.03 -13.62
C TYR A 85 -11.45 -0.04 -12.29
N VAL A 86 -12.65 -0.60 -12.28
CA VAL A 86 -13.45 -0.67 -11.06
C VAL A 86 -13.81 0.72 -10.56
N PRO A 87 -14.70 1.40 -11.29
CA PRO A 87 -15.15 2.75 -10.95
C PRO A 87 -16.03 2.76 -9.70
N PRO A 88 -16.28 3.97 -9.16
CA PRO A 88 -17.10 4.15 -7.97
C PRO A 88 -18.58 3.86 -8.23
N ALA A 89 -19.41 4.08 -7.22
CA ALA A 89 -20.84 3.84 -7.34
C ALA A 89 -21.60 4.47 -6.18
N GLN A 90 -22.92 4.53 -6.30
CA GLN A 90 -23.77 5.10 -5.27
C GLN A 90 -24.57 4.01 -4.56
N GLY A 91 -24.57 4.05 -3.23
CA GLY A 91 -25.30 3.07 -2.45
C GLY A 91 -25.98 3.67 -1.24
N MET A 1 -21.10 -1.49 4.38
CA MET A 1 -20.41 -0.50 3.55
C MET A 1 -19.16 0.01 4.25
N ALA A 2 -18.02 -0.13 3.58
CA ALA A 2 -16.75 0.33 4.13
C ALA A 2 -16.43 1.74 3.67
N ARG A 3 -16.01 1.88 2.41
CA ARG A 3 -15.67 3.18 1.86
C ARG A 3 -15.83 3.18 0.34
N MET A 4 -15.36 4.25 -0.29
CA MET A 4 -15.44 4.37 -1.74
C MET A 4 -14.13 4.91 -2.32
N ILE A 5 -13.32 4.00 -2.85
CA ILE A 5 -12.03 4.38 -3.44
C ILE A 5 -11.81 3.66 -4.76
N HIS A 6 -10.75 4.07 -5.48
CA HIS A 6 -10.42 3.46 -6.77
C HIS A 6 -9.29 2.44 -6.60
N CYS A 7 -9.64 1.17 -6.59
CA CYS A 7 -8.66 0.10 -6.43
C CYS A 7 -7.48 0.31 -7.38
N ALA A 8 -6.31 0.57 -6.81
CA ALA A 8 -5.10 0.79 -7.60
C ALA A 8 -4.51 -0.53 -8.09
N LYS A 9 -5.14 -1.64 -7.69
CA LYS A 9 -4.68 -2.96 -8.08
C LYS A 9 -5.45 -3.48 -9.29
N LEU A 10 -6.73 -3.10 -9.37
CA LEU A 10 -7.58 -3.52 -10.49
C LEU A 10 -7.81 -2.37 -11.45
N GLY A 11 -8.08 -1.19 -10.91
CA GLY A 11 -8.32 -0.02 -11.75
C GLY A 11 -9.78 0.37 -11.79
N LYS A 12 -10.56 -0.18 -10.86
CA LYS A 12 -11.99 0.13 -10.80
C LYS A 12 -12.35 0.78 -9.46
N GLU A 13 -13.64 0.86 -9.18
CA GLU A 13 -14.11 1.48 -7.94
C GLU A 13 -14.45 0.40 -6.90
N ALA A 14 -13.66 0.34 -5.84
CA ALA A 14 -13.88 -0.63 -4.78
C ALA A 14 -13.88 0.04 -3.41
N GLU A 15 -14.27 -0.72 -2.38
CA GLU A 15 -14.32 -0.20 -1.03
C GLU A 15 -12.92 -0.15 -0.42
N GLY A 16 -12.61 0.96 0.24
CA GLY A 16 -11.31 1.12 0.87
C GLY A 16 -11.37 1.03 2.38
N LEU A 17 -10.21 0.86 3.01
CA LEU A 17 -10.14 0.76 4.46
C LEU A 17 -10.43 2.11 5.11
N ASP A 18 -10.23 2.18 6.42
CA ASP A 18 -10.45 3.43 7.16
C ASP A 18 -9.42 3.60 8.27
N PHE A 19 -8.23 3.05 8.05
CA PHE A 19 -7.15 3.14 9.02
C PHE A 19 -5.80 2.86 8.37
N PRO A 20 -4.74 3.45 8.92
CA PRO A 20 -3.37 3.28 8.41
C PRO A 20 -2.83 1.88 8.65
N PRO A 21 -2.65 1.12 7.56
CA PRO A 21 -2.15 -0.26 7.63
C PRO A 21 -0.68 -0.31 8.04
N LEU A 22 -0.01 0.84 7.98
CA LEU A 22 1.40 0.92 8.35
C LEU A 22 1.69 2.19 9.15
N PRO A 23 2.53 2.05 10.18
CA PRO A 23 2.89 3.18 11.05
C PRO A 23 3.78 4.19 10.34
N GLY A 24 3.15 5.09 9.59
CA GLY A 24 3.90 6.10 8.88
C GLY A 24 3.02 6.91 7.92
N GLU A 25 3.64 7.50 6.91
CA GLU A 25 2.92 8.30 5.93
C GLU A 25 2.44 7.44 4.77
N LEU A 26 3.05 6.27 4.61
CA LEU A 26 2.69 5.35 3.55
C LEU A 26 1.29 4.79 3.76
N GLY A 27 1.05 4.23 4.94
CA GLY A 27 -0.24 3.66 5.26
C GLY A 27 -1.38 4.62 4.99
N LYS A 28 -1.16 5.90 5.31
CA LYS A 28 -2.17 6.92 5.10
C LYS A 28 -2.72 6.87 3.67
N ARG A 29 -1.83 6.54 2.73
CA ARG A 29 -2.22 6.45 1.32
C ARG A 29 -2.64 5.03 0.96
N LEU A 30 -2.26 4.07 1.78
CA LEU A 30 -2.60 2.67 1.55
C LEU A 30 -4.09 2.43 1.77
N TYR A 31 -4.64 3.07 2.79
CA TYR A 31 -6.06 2.94 3.10
C TYR A 31 -6.92 3.77 2.16
N GLU A 32 -6.28 4.75 1.52
CA GLU A 32 -6.99 5.63 0.58
C GLU A 32 -6.73 5.21 -0.86
N SER A 33 -5.95 4.15 -1.04
CA SER A 33 -5.62 3.65 -2.37
C SER A 33 -5.99 2.18 -2.50
N VAL A 34 -5.72 1.41 -1.45
CA VAL A 34 -6.02 -0.02 -1.45
C VAL A 34 -7.50 -0.26 -1.17
N SER A 35 -8.05 -1.33 -1.75
CA SER A 35 -9.45 -1.67 -1.56
C SER A 35 -9.59 -3.04 -0.91
N LYS A 36 -10.83 -3.48 -0.72
CA LYS A 36 -11.10 -4.77 -0.10
C LYS A 36 -10.60 -5.90 -0.99
N GLN A 37 -10.42 -5.61 -2.28
CA GLN A 37 -9.94 -6.61 -3.22
C GLN A 37 -8.42 -6.76 -3.13
N ALA A 38 -7.71 -5.70 -3.47
CA ALA A 38 -6.26 -5.71 -3.42
C ALA A 38 -5.74 -6.05 -2.02
N TRP A 39 -6.56 -5.75 -1.02
CA TRP A 39 -6.19 -6.02 0.36
C TRP A 39 -5.74 -7.46 0.54
N GLN A 40 -6.32 -8.36 -0.26
CA GLN A 40 -5.97 -9.78 -0.19
C GLN A 40 -4.83 -10.11 -1.14
N ASP A 41 -4.72 -9.34 -2.22
CA ASP A 41 -3.67 -9.53 -3.21
C ASP A 41 -2.31 -9.14 -2.64
N TRP A 42 -2.29 -8.05 -1.88
CA TRP A 42 -1.06 -7.56 -1.28
C TRP A 42 -0.51 -8.55 -0.25
N LEU A 43 -1.42 -9.34 0.32
CA LEU A 43 -1.03 -10.33 1.33
C LEU A 43 -0.39 -11.55 0.68
N LYS A 44 -0.77 -11.81 -0.58
CA LYS A 44 -0.23 -12.95 -1.32
C LYS A 44 1.28 -12.80 -1.52
N GLN A 45 1.68 -11.66 -2.05
CA GLN A 45 3.11 -11.40 -2.29
C GLN A 45 3.87 -11.31 -0.98
N GLN A 46 3.21 -10.80 0.05
CA GLN A 46 3.83 -10.65 1.36
C GLN A 46 4.48 -11.96 1.80
N THR A 47 3.80 -13.07 1.56
CA THR A 47 4.31 -14.38 1.93
C THR A 47 5.27 -14.91 0.88
N MET A 48 5.13 -14.41 -0.34
CA MET A 48 6.00 -14.83 -1.44
C MET A 48 7.39 -14.24 -1.31
N LEU A 49 7.47 -13.03 -0.75
CA LEU A 49 8.75 -12.35 -0.57
C LEU A 49 9.45 -12.86 0.69
N ILE A 50 8.68 -13.09 1.74
CA ILE A 50 9.23 -13.59 3.00
C ILE A 50 9.85 -14.97 2.81
N ASN A 51 9.23 -15.79 1.98
CA ASN A 51 9.72 -17.14 1.71
C ASN A 51 10.85 -17.12 0.68
N GLU A 52 10.67 -16.31 -0.36
CA GLU A 52 11.68 -16.20 -1.41
C GLU A 52 12.95 -15.53 -0.89
N ASN A 53 12.82 -14.27 -0.48
CA ASN A 53 13.95 -13.52 0.04
C ASN A 53 14.42 -14.08 1.38
N ARG A 54 13.54 -14.88 2.02
CA ARG A 54 13.87 -15.48 3.30
C ARG A 54 14.11 -14.41 4.36
N LEU A 55 13.20 -13.46 4.46
CA LEU A 55 13.32 -12.38 5.43
C LEU A 55 12.90 -12.84 6.82
N ASN A 56 13.16 -12.01 7.82
CA ASN A 56 12.80 -12.32 9.20
C ASN A 56 11.67 -11.44 9.69
N MET A 57 10.43 -11.93 9.54
CA MET A 57 9.26 -11.18 9.98
C MET A 57 9.40 -10.72 11.43
N ALA A 58 10.16 -11.49 12.21
CA ALA A 58 10.38 -11.18 13.62
C ALA A 58 10.85 -9.73 13.78
N ASP A 59 11.55 -9.23 12.77
CA ASP A 59 12.07 -7.86 12.80
C ASP A 59 11.39 -7.00 11.73
N PRO A 60 11.46 -5.68 11.92
CA PRO A 60 10.86 -4.72 10.98
C PRO A 60 11.60 -4.68 9.65
N ARG A 61 12.74 -5.34 9.59
CA ARG A 61 13.55 -5.36 8.37
C ARG A 61 12.78 -6.01 7.23
N ALA A 62 11.91 -6.96 7.57
CA ALA A 62 11.10 -7.66 6.57
C ALA A 62 9.99 -6.75 6.05
N ARG A 63 9.50 -5.86 6.91
CA ARG A 63 8.42 -4.95 6.54
C ARG A 63 8.98 -3.73 5.83
N GLN A 64 10.17 -3.30 6.23
CA GLN A 64 10.82 -2.14 5.63
C GLN A 64 11.04 -2.34 4.14
N TYR A 65 11.08 -3.60 3.72
CA TYR A 65 11.29 -3.94 2.32
C TYR A 65 9.96 -4.02 1.57
N LEU A 66 8.98 -4.65 2.20
CA LEU A 66 7.66 -4.81 1.60
C LEU A 66 7.05 -3.45 1.25
N MET A 67 7.24 -2.48 2.15
CA MET A 67 6.72 -1.13 1.94
C MET A 67 7.30 -0.51 0.67
N LYS A 68 8.43 -1.06 0.22
CA LYS A 68 9.08 -0.57 -0.99
C LYS A 68 8.54 -1.26 -2.23
N GLN A 69 7.92 -2.41 -2.03
CA GLN A 69 7.34 -3.18 -3.13
C GLN A 69 5.92 -2.74 -3.42
N THR A 70 5.26 -2.18 -2.40
CA THR A 70 3.88 -1.72 -2.55
C THR A 70 3.83 -0.26 -3.00
N GLU A 71 4.63 0.58 -2.36
CA GLU A 71 4.67 2.00 -2.71
C GLU A 71 5.15 2.20 -4.15
N LYS A 72 6.32 1.64 -4.45
CA LYS A 72 6.88 1.76 -5.79
C LYS A 72 5.94 1.17 -6.83
N TYR A 73 4.98 0.37 -6.38
CA TYR A 73 4.01 -0.25 -7.27
C TYR A 73 3.07 0.79 -7.85
N PHE A 74 2.18 1.31 -7.01
CA PHE A 74 1.21 2.31 -7.44
C PHE A 74 1.74 3.72 -7.18
N PHE A 75 2.20 3.95 -5.96
CA PHE A 75 2.73 5.25 -5.57
C PHE A 75 4.04 5.55 -6.30
N GLY A 76 4.55 4.54 -7.00
CA GLY A 76 5.80 4.70 -7.72
C GLY A 76 5.62 4.60 -9.23
N GLU A 77 6.01 3.46 -9.78
CA GLU A 77 5.89 3.23 -11.22
C GLU A 77 4.48 3.54 -11.70
N GLY A 78 3.50 3.32 -10.83
CA GLY A 78 2.11 3.60 -11.19
C GLY A 78 1.68 5.00 -10.83
N ALA A 79 2.56 5.97 -11.10
CA ALA A 79 2.27 7.36 -10.81
C ALA A 79 3.00 8.29 -11.77
N ASP A 80 2.81 9.60 -11.58
CA ASP A 80 3.47 10.59 -12.42
C ASP A 80 4.38 11.50 -11.61
N GLN A 81 4.91 12.53 -12.24
CA GLN A 81 5.80 13.47 -11.57
C GLN A 81 5.16 14.01 -10.28
N ALA A 82 5.99 14.52 -9.39
CA ALA A 82 5.50 15.07 -8.13
C ALA A 82 5.69 16.58 -8.09
N SER A 83 4.60 17.29 -7.76
CA SER A 83 4.65 18.75 -7.69
C SER A 83 5.64 19.21 -6.63
N GLY A 84 5.67 20.52 -6.39
CA GLY A 84 6.58 21.07 -5.41
C GLY A 84 6.12 20.79 -3.99
N TYR A 85 5.83 21.85 -3.24
CA TYR A 85 5.37 21.71 -1.86
C TYR A 85 4.09 20.91 -1.79
N VAL A 86 3.68 20.55 -0.57
CA VAL A 86 2.47 19.78 -0.35
C VAL A 86 2.10 19.75 1.13
N PRO A 87 1.51 20.85 1.62
CA PRO A 87 1.08 20.98 3.01
C PRO A 87 -0.11 20.07 3.34
N PRO A 88 -0.39 19.93 4.64
CA PRO A 88 -1.51 19.09 5.11
C PRO A 88 -2.86 19.71 4.78
N ALA A 89 -3.93 19.00 5.14
CA ALA A 89 -5.29 19.47 4.87
C ALA A 89 -6.00 19.85 6.17
N GLN A 90 -6.21 21.14 6.37
CA GLN A 90 -6.87 21.63 7.57
C GLN A 90 -8.00 22.59 7.22
N GLY A 91 -9.12 22.46 7.92
CA GLY A 91 -10.26 23.33 7.66
C GLY A 91 -11.09 23.57 8.90
N MET A 1 -18.93 6.53 9.20
CA MET A 1 -18.22 7.78 9.02
C MET A 1 -16.72 7.59 9.25
N ALA A 2 -16.02 7.11 8.23
CA ALA A 2 -14.59 6.88 8.32
C ALA A 2 -13.81 8.06 7.73
N ARG A 3 -13.77 8.14 6.41
CA ARG A 3 -13.05 9.22 5.73
C ARG A 3 -13.64 9.47 4.35
N MET A 4 -12.94 10.26 3.54
CA MET A 4 -13.39 10.59 2.20
C MET A 4 -12.23 10.56 1.21
N ILE A 5 -12.11 9.47 0.47
CA ILE A 5 -11.04 9.32 -0.51
C ILE A 5 -11.56 8.74 -1.82
N HIS A 6 -10.71 8.74 -2.84
CA HIS A 6 -11.09 8.20 -4.15
C HIS A 6 -10.44 6.85 -4.39
N CYS A 7 -11.19 5.78 -4.12
CA CYS A 7 -10.68 4.43 -4.30
C CYS A 7 -9.94 4.31 -5.63
N ALA A 8 -8.62 4.23 -5.55
CA ALA A 8 -7.79 4.10 -6.75
C ALA A 8 -7.85 2.69 -7.32
N LYS A 9 -8.40 1.78 -6.54
CA LYS A 9 -8.52 0.39 -6.97
C LYS A 9 -9.79 0.17 -7.78
N LEU A 10 -10.50 1.26 -8.05
CA LEU A 10 -11.74 1.21 -8.82
C LEU A 10 -11.90 2.45 -9.67
N GLY A 11 -11.72 3.62 -9.06
CA GLY A 11 -11.85 4.88 -9.78
C GLY A 11 -13.08 5.66 -9.36
N LYS A 12 -13.50 5.47 -8.11
CA LYS A 12 -14.67 6.16 -7.58
C LYS A 12 -14.35 6.85 -6.26
N GLU A 13 -15.39 7.22 -5.52
CA GLU A 13 -15.21 7.89 -4.24
C GLU A 13 -15.66 6.99 -3.09
N ALA A 14 -14.70 6.47 -2.34
CA ALA A 14 -15.00 5.60 -1.21
C ALA A 14 -14.47 6.18 0.10
N GLU A 15 -14.62 5.42 1.18
CA GLU A 15 -14.16 5.86 2.49
C GLU A 15 -12.67 5.53 2.68
N GLY A 16 -11.97 6.39 3.42
CA GLY A 16 -10.56 6.17 3.67
C GLY A 16 -10.31 5.42 4.95
N LEU A 17 -9.18 4.72 5.02
CA LEU A 17 -8.83 3.95 6.21
C LEU A 17 -8.75 4.84 7.43
N ASP A 18 -8.23 6.06 7.25
CA ASP A 18 -8.11 7.01 8.35
C ASP A 18 -7.16 6.48 9.43
N PHE A 19 -6.05 5.91 8.99
CA PHE A 19 -5.06 5.37 9.92
C PHE A 19 -3.73 5.12 9.21
N PRO A 20 -2.74 5.98 9.49
CA PRO A 20 -1.40 5.87 8.89
C PRO A 20 -0.63 4.66 9.41
N PRO A 21 -0.40 3.69 8.52
CA PRO A 21 0.33 2.46 8.87
C PRO A 21 1.81 2.72 9.12
N LEU A 22 2.28 3.91 8.73
CA LEU A 22 3.67 4.28 8.92
C LEU A 22 3.84 5.80 8.88
N PRO A 23 4.92 6.29 9.51
CA PRO A 23 5.23 7.72 9.55
C PRO A 23 5.63 8.28 8.19
N GLY A 24 6.26 7.43 7.38
CA GLY A 24 6.70 7.86 6.07
C GLY A 24 5.56 8.41 5.23
N GLU A 25 5.90 8.96 4.06
CA GLU A 25 4.90 9.52 3.17
C GLU A 25 4.08 8.42 2.51
N LEU A 26 4.69 7.26 2.33
CA LEU A 26 4.02 6.13 1.70
C LEU A 26 2.71 5.79 2.44
N GLY A 27 2.84 5.47 3.72
CA GLY A 27 1.67 5.14 4.52
C GLY A 27 0.58 6.19 4.42
N LYS A 28 0.97 7.45 4.57
CA LYS A 28 0.02 8.55 4.49
C LYS A 28 -0.73 8.54 3.16
N ARG A 29 -0.11 7.95 2.14
CA ARG A 29 -0.72 7.87 0.82
C ARG A 29 -1.52 6.59 0.67
N LEU A 30 -1.24 5.61 1.53
CA LEU A 30 -1.94 4.34 1.49
C LEU A 30 -3.36 4.47 2.03
N TYR A 31 -3.51 5.25 3.11
CA TYR A 31 -4.81 5.46 3.73
C TYR A 31 -5.62 6.50 2.94
N GLU A 32 -4.92 7.30 2.15
CA GLU A 32 -5.57 8.33 1.35
C GLU A 32 -5.89 7.82 -0.06
N SER A 33 -5.45 6.60 -0.34
CA SER A 33 -5.69 5.98 -1.65
C SER A 33 -6.51 4.70 -1.51
N VAL A 34 -6.19 3.92 -0.48
CA VAL A 34 -6.91 2.67 -0.23
C VAL A 34 -8.27 2.93 0.40
N SER A 35 -9.28 2.20 -0.07
CA SER A 35 -10.64 2.34 0.45
C SER A 35 -11.05 1.12 1.25
N LYS A 36 -12.14 1.25 2.00
CA LYS A 36 -12.65 0.15 2.81
C LYS A 36 -12.98 -1.06 1.95
N GLN A 37 -13.19 -0.82 0.66
CA GLN A 37 -13.51 -1.89 -0.27
C GLN A 37 -12.24 -2.54 -0.83
N ALA A 38 -11.38 -1.72 -1.42
CA ALA A 38 -10.13 -2.21 -1.99
C ALA A 38 -9.23 -2.79 -0.91
N TRP A 39 -9.53 -2.47 0.35
CA TRP A 39 -8.75 -2.97 1.47
C TRP A 39 -8.60 -4.49 1.39
N GLN A 40 -9.64 -5.16 0.90
CA GLN A 40 -9.63 -6.61 0.78
C GLN A 40 -8.56 -7.07 -0.21
N ASP A 41 -8.47 -6.37 -1.34
CA ASP A 41 -7.50 -6.71 -2.37
C ASP A 41 -6.08 -6.64 -1.81
N TRP A 42 -5.83 -5.68 -0.92
CA TRP A 42 -4.52 -5.51 -0.32
C TRP A 42 -4.20 -6.67 0.62
N LEU A 43 -5.24 -7.27 1.19
CA LEU A 43 -5.06 -8.39 2.11
C LEU A 43 -4.63 -9.64 1.35
N LYS A 44 -4.96 -9.69 0.07
CA LYS A 44 -4.60 -10.83 -0.77
C LYS A 44 -3.09 -10.86 -1.05
N GLN A 45 -2.59 -9.77 -1.63
CA GLN A 45 -1.18 -9.67 -1.95
C GLN A 45 -0.33 -9.71 -0.68
N GLN A 46 -0.88 -9.16 0.41
CA GLN A 46 -0.17 -9.13 1.67
C GLN A 46 0.34 -10.52 2.06
N THR A 47 -0.46 -11.54 1.76
CA THR A 47 -0.10 -12.91 2.07
C THR A 47 0.65 -13.56 0.90
N MET A 48 0.33 -13.15 -0.32
CA MET A 48 0.97 -13.68 -1.51
C MET A 48 2.46 -13.34 -1.51
N LEU A 49 2.77 -12.09 -1.19
CA LEU A 49 4.16 -11.63 -1.16
C LEU A 49 4.94 -12.33 -0.06
N ILE A 50 4.31 -12.49 1.11
CA ILE A 50 4.94 -13.14 2.24
C ILE A 50 5.12 -14.64 1.97
N ASN A 51 4.14 -15.24 1.30
CA ASN A 51 4.19 -16.67 0.99
C ASN A 51 5.16 -16.94 -0.16
N GLU A 52 5.25 -15.98 -1.08
CA GLU A 52 6.13 -16.12 -2.22
C GLU A 52 7.58 -15.81 -1.84
N ASN A 53 7.79 -14.65 -1.25
CA ASN A 53 9.12 -14.23 -0.83
C ASN A 53 9.54 -14.96 0.44
N ARG A 54 8.56 -15.52 1.15
CA ARG A 54 8.84 -16.24 2.38
C ARG A 54 9.42 -15.32 3.45
N LEU A 55 8.67 -14.29 3.80
CA LEU A 55 9.12 -13.32 4.80
C LEU A 55 8.51 -13.63 6.17
N ASN A 56 8.97 -12.91 7.19
CA ASN A 56 8.46 -13.11 8.55
C ASN A 56 7.26 -12.21 8.82
N MET A 57 6.09 -12.64 8.39
CA MET A 57 4.87 -11.87 8.60
C MET A 57 4.74 -11.42 10.04
N ALA A 58 4.91 -12.36 10.97
CA ALA A 58 4.81 -12.06 12.39
C ALA A 58 5.67 -10.86 12.76
N ASP A 59 6.79 -10.71 12.06
CA ASP A 59 7.70 -9.59 12.30
C ASP A 59 7.41 -8.43 11.36
N PRO A 60 7.76 -7.21 11.79
CA PRO A 60 7.54 -5.99 11.00
C PRO A 60 8.47 -5.92 9.79
N ARG A 61 9.42 -6.85 9.73
CA ARG A 61 10.37 -6.89 8.63
C ARG A 61 9.67 -7.24 7.31
N ALA A 62 8.67 -8.12 7.40
CA ALA A 62 7.92 -8.53 6.22
C ALA A 62 6.86 -7.50 5.85
N ARG A 63 6.51 -6.65 6.81
CA ARG A 63 5.51 -5.61 6.58
C ARG A 63 6.14 -4.38 5.96
N GLN A 64 7.43 -4.19 6.20
CA GLN A 64 8.16 -3.04 5.66
C GLN A 64 8.51 -3.27 4.19
N TYR A 65 8.50 -4.53 3.77
CA TYR A 65 8.81 -4.88 2.40
C TYR A 65 7.56 -4.90 1.54
N LEU A 66 6.44 -5.26 2.14
CA LEU A 66 5.16 -5.32 1.44
C LEU A 66 4.84 -3.97 0.79
N MET A 67 5.27 -2.90 1.43
CA MET A 67 5.02 -1.54 0.93
C MET A 67 5.58 -1.39 -0.49
N LYS A 68 6.60 -2.18 -0.81
CA LYS A 68 7.22 -2.13 -2.12
C LYS A 68 6.30 -2.74 -3.18
N GLN A 69 5.37 -3.58 -2.74
CA GLN A 69 4.42 -4.22 -3.65
C GLN A 69 3.18 -3.37 -3.83
N THR A 70 2.86 -2.56 -2.81
CA THR A 70 1.69 -1.70 -2.87
C THR A 70 2.03 -0.34 -3.47
N GLU A 71 3.22 0.15 -3.15
CA GLU A 71 3.67 1.45 -3.66
C GLU A 71 4.00 1.36 -5.15
N LYS A 72 4.90 0.45 -5.49
CA LYS A 72 5.30 0.26 -6.89
C LYS A 72 4.09 -0.08 -7.76
N TYR A 73 3.01 -0.52 -7.12
CA TYR A 73 1.80 -0.88 -7.84
C TYR A 73 1.13 0.35 -8.44
N PHE A 74 0.54 1.18 -7.59
CA PHE A 74 -0.14 2.38 -8.04
C PHE A 74 0.81 3.58 -7.99
N PHE A 75 1.47 3.76 -6.85
CA PHE A 75 2.40 4.87 -6.67
C PHE A 75 3.65 4.67 -7.55
N GLY A 76 3.74 3.51 -8.17
CA GLY A 76 4.88 3.22 -9.03
C GLY A 76 4.51 3.09 -10.48
N GLU A 77 4.41 1.85 -10.96
CA GLU A 77 4.05 1.60 -12.35
C GLU A 77 2.77 2.33 -12.72
N GLY A 78 1.86 2.45 -11.75
CA GLY A 78 0.60 3.12 -12.01
C GLY A 78 0.76 4.61 -12.18
N ALA A 79 1.71 5.19 -11.45
CA ALA A 79 1.96 6.63 -11.53
C ALA A 79 2.20 7.06 -12.98
N ASP A 80 2.26 8.37 -13.19
CA ASP A 80 2.49 8.92 -14.53
C ASP A 80 3.60 9.96 -14.51
N GLN A 81 4.53 9.82 -13.57
CA GLN A 81 5.64 10.75 -13.45
C GLN A 81 6.89 10.20 -14.13
N ALA A 82 7.74 11.10 -14.61
CA ALA A 82 8.96 10.69 -15.29
C ALA A 82 10.19 11.05 -14.44
N SER A 83 10.23 10.50 -13.22
CA SER A 83 11.35 10.75 -12.32
C SER A 83 11.40 9.70 -11.22
N GLY A 84 12.60 9.46 -10.69
CA GLY A 84 12.76 8.47 -9.64
C GLY A 84 14.22 8.22 -9.30
N TYR A 85 14.71 8.88 -8.26
CA TYR A 85 16.10 8.72 -7.84
C TYR A 85 16.18 8.26 -6.39
N VAL A 86 17.39 7.93 -5.95
CA VAL A 86 17.60 7.48 -4.58
C VAL A 86 16.84 6.19 -4.31
N PRO A 87 17.31 5.08 -4.90
CA PRO A 87 16.69 3.77 -4.73
C PRO A 87 16.88 3.20 -3.32
N PRO A 88 16.14 2.14 -3.00
CA PRO A 88 16.22 1.49 -1.69
C PRO A 88 17.54 0.76 -1.48
N ALA A 89 17.66 0.08 -0.34
CA ALA A 89 18.87 -0.67 -0.03
C ALA A 89 18.56 -1.89 0.83
N GLN A 90 19.59 -2.62 1.21
CA GLN A 90 19.43 -3.82 2.03
C GLN A 90 20.12 -3.65 3.38
N GLY A 91 21.45 -3.53 3.34
CA GLY A 91 22.21 -3.37 4.57
C GLY A 91 22.24 -1.94 5.04
N MET A 1 -17.84 -0.77 3.30
CA MET A 1 -17.66 0.67 3.18
C MET A 1 -16.70 1.18 4.26
N ALA A 2 -15.51 0.60 4.31
CA ALA A 2 -14.51 1.00 5.28
C ALA A 2 -14.20 2.50 5.17
N ARG A 3 -13.43 2.85 4.16
CA ARG A 3 -13.06 4.25 3.95
C ARG A 3 -13.38 4.69 2.52
N MET A 4 -12.89 5.87 2.15
CA MET A 4 -13.12 6.40 0.80
C MET A 4 -11.81 6.90 0.18
N ILE A 5 -11.21 6.08 -0.66
CA ILE A 5 -9.96 6.45 -1.33
C ILE A 5 -9.93 5.93 -2.76
N HIS A 6 -8.93 6.37 -3.51
CA HIS A 6 -8.78 5.95 -4.91
C HIS A 6 -7.67 4.90 -5.04
N CYS A 7 -8.08 3.64 -5.11
CA CYS A 7 -7.13 2.55 -5.25
C CYS A 7 -6.10 2.84 -6.33
N ALA A 8 -4.88 3.18 -5.91
CA ALA A 8 -3.81 3.50 -6.84
C ALA A 8 -3.27 2.23 -7.50
N LYS A 9 -3.60 1.08 -6.93
CA LYS A 9 -3.15 -0.20 -7.45
C LYS A 9 -3.86 -0.52 -8.77
N LEU A 10 -4.96 0.17 -9.03
CA LEU A 10 -5.71 -0.04 -10.26
C LEU A 10 -6.02 1.28 -10.95
N GLY A 11 -6.58 2.21 -10.19
CA GLY A 11 -6.92 3.51 -10.75
C GLY A 11 -8.40 3.83 -10.65
N LYS A 12 -9.02 3.38 -9.57
CA LYS A 12 -10.44 3.61 -9.36
C LYS A 12 -10.72 4.04 -7.92
N GLU A 13 -11.99 3.98 -7.52
CA GLU A 13 -12.38 4.37 -6.17
C GLU A 13 -12.74 3.14 -5.34
N ALA A 14 -11.92 2.85 -4.34
CA ALA A 14 -12.16 1.70 -3.47
C ALA A 14 -12.17 2.12 -2.00
N GLU A 15 -12.29 1.14 -1.12
CA GLU A 15 -12.33 1.41 0.32
C GLU A 15 -10.92 1.44 0.90
N GLY A 16 -10.62 2.48 1.66
CA GLY A 16 -9.30 2.61 2.27
C GLY A 16 -9.14 1.76 3.51
N LEU A 17 -7.90 1.53 3.92
CA LEU A 17 -7.62 0.73 5.09
C LEU A 17 -8.05 1.45 6.36
N ASP A 18 -7.87 2.77 6.38
CA ASP A 18 -8.24 3.57 7.54
C ASP A 18 -7.44 3.17 8.77
N PHE A 19 -6.13 3.01 8.59
CA PHE A 19 -5.25 2.63 9.69
C PHE A 19 -3.79 2.76 9.29
N PRO A 20 -2.97 3.33 10.18
CA PRO A 20 -1.54 3.53 9.96
C PRO A 20 -0.77 2.21 9.94
N PRO A 21 -0.24 1.84 8.76
CA PRO A 21 0.52 0.60 8.59
C PRO A 21 1.88 0.67 9.28
N LEU A 22 2.40 1.87 9.43
CA LEU A 22 3.70 2.07 10.08
C LEU A 22 3.80 3.47 10.67
N PRO A 23 4.67 3.62 11.68
CA PRO A 23 4.89 4.91 12.36
C PRO A 23 5.60 5.92 11.46
N GLY A 24 6.05 5.46 10.30
CA GLY A 24 6.74 6.34 9.37
C GLY A 24 5.78 7.26 8.63
N GLU A 25 6.33 8.30 8.00
CA GLU A 25 5.52 9.26 7.26
C GLU A 25 4.94 8.61 6.00
N LEU A 26 5.56 7.53 5.57
CA LEU A 26 5.11 6.82 4.37
C LEU A 26 3.87 5.98 4.67
N GLY A 27 3.75 5.53 5.91
CA GLY A 27 2.62 4.72 6.32
C GLY A 27 1.30 5.44 6.12
N LYS A 28 1.22 6.67 6.62
CA LYS A 28 0.00 7.47 6.50
C LYS A 28 -0.39 7.64 5.03
N ARG A 29 0.58 7.50 4.14
CA ARG A 29 0.33 7.63 2.71
C ARG A 29 -0.03 6.29 2.09
N LEU A 30 0.30 5.21 2.79
CA LEU A 30 0.00 3.87 2.32
C LEU A 30 -1.48 3.55 2.47
N TYR A 31 -2.02 3.79 3.66
CA TYR A 31 -3.43 3.53 3.93
C TYR A 31 -4.32 4.52 3.19
N GLU A 32 -3.74 5.64 2.79
CA GLU A 32 -4.48 6.67 2.06
C GLU A 32 -4.35 6.48 0.56
N SER A 33 -3.63 5.45 0.16
CA SER A 33 -3.41 5.15 -1.25
C SER A 33 -3.93 3.76 -1.61
N VAL A 34 -3.69 2.80 -0.72
CA VAL A 34 -4.14 1.43 -0.93
C VAL A 34 -5.59 1.25 -0.49
N SER A 35 -6.23 0.21 -1.02
CA SER A 35 -7.63 -0.07 -0.69
C SER A 35 -7.81 -1.54 -0.33
N LYS A 36 -9.03 -1.91 0.03
CA LYS A 36 -9.34 -3.28 0.40
C LYS A 36 -9.08 -4.23 -0.77
N GLN A 37 -9.04 -3.66 -1.98
CA GLN A 37 -8.79 -4.46 -3.18
C GLN A 37 -7.32 -4.75 -3.35
N ALA A 38 -6.49 -3.70 -3.29
CA ALA A 38 -5.05 -3.85 -3.43
C ALA A 38 -4.45 -4.58 -2.24
N TRP A 39 -5.13 -4.50 -1.11
CA TRP A 39 -4.66 -5.15 0.12
C TRP A 39 -4.36 -6.62 -0.14
N GLN A 40 -5.15 -7.25 -1.00
CA GLN A 40 -4.96 -8.66 -1.33
C GLN A 40 -3.72 -8.85 -2.19
N ASP A 41 -3.61 -8.06 -3.26
CA ASP A 41 -2.47 -8.14 -4.15
C ASP A 41 -1.17 -7.83 -3.42
N TRP A 42 -1.23 -6.88 -2.50
CA TRP A 42 -0.05 -6.50 -1.73
C TRP A 42 0.42 -7.64 -0.84
N LEU A 43 -0.52 -8.49 -0.43
CA LEU A 43 -0.21 -9.62 0.44
C LEU A 43 0.59 -10.67 -0.33
N LYS A 44 0.27 -10.84 -1.61
CA LYS A 44 0.95 -11.82 -2.45
C LYS A 44 2.46 -11.60 -2.43
N GLN A 45 2.89 -10.45 -2.92
CA GLN A 45 4.32 -10.11 -2.96
C GLN A 45 4.89 -10.04 -1.55
N GLN A 46 4.06 -9.61 -0.60
CA GLN A 46 4.48 -9.50 0.79
C GLN A 46 5.12 -10.80 1.28
N THR A 47 4.55 -11.93 0.85
CA THR A 47 5.07 -13.23 1.25
C THR A 47 6.18 -13.68 0.32
N MET A 48 6.15 -13.20 -0.92
CA MET A 48 7.16 -13.55 -1.91
C MET A 48 8.52 -12.96 -1.54
N LEU A 49 8.50 -11.74 -0.99
CA LEU A 49 9.73 -11.07 -0.59
C LEU A 49 10.27 -11.65 0.70
N ILE A 50 9.38 -12.00 1.62
CA ILE A 50 9.77 -12.57 2.90
C ILE A 50 10.35 -13.97 2.72
N ASN A 51 9.84 -14.70 1.73
CA ASN A 51 10.31 -16.04 1.45
C ASN A 51 11.54 -16.02 0.56
N GLU A 52 11.59 -15.06 -0.36
CA GLU A 52 12.72 -14.92 -1.27
C GLU A 52 13.93 -14.33 -0.56
N ASN A 53 13.68 -13.29 0.26
CA ASN A 53 14.75 -12.63 0.99
C ASN A 53 14.97 -13.30 2.35
N ARG A 54 14.01 -14.13 2.76
CA ARG A 54 14.08 -14.82 4.03
C ARG A 54 14.21 -13.83 5.19
N LEU A 55 13.29 -12.88 5.24
CA LEU A 55 13.30 -11.86 6.29
C LEU A 55 12.53 -12.34 7.52
N ASN A 56 12.47 -11.51 8.55
CA ASN A 56 11.77 -11.84 9.77
C ASN A 56 10.36 -11.24 9.77
N MET A 57 9.45 -11.89 9.07
CA MET A 57 8.07 -11.42 9.00
C MET A 57 7.52 -11.13 10.39
N ALA A 58 7.66 -12.09 11.30
CA ALA A 58 7.18 -11.93 12.66
C ALA A 58 7.68 -10.62 13.27
N ASP A 59 8.86 -10.18 12.84
CA ASP A 59 9.45 -8.95 13.34
C ASP A 59 9.23 -7.80 12.36
N PRO A 60 9.34 -6.57 12.86
CA PRO A 60 9.16 -5.36 12.04
C PRO A 60 10.28 -5.17 11.03
N ARG A 61 11.34 -5.96 11.18
CA ARG A 61 12.49 -5.88 10.28
C ARG A 61 12.08 -6.21 8.84
N ALA A 62 11.22 -7.19 8.70
CA ALA A 62 10.75 -7.61 7.38
C ALA A 62 9.65 -6.66 6.87
N ARG A 63 9.04 -5.93 7.78
CA ARG A 63 7.97 -5.00 7.42
C ARG A 63 8.56 -3.65 7.03
N GLN A 64 9.74 -3.34 7.55
CA GLN A 64 10.41 -2.09 7.25
C GLN A 64 11.03 -2.10 5.85
N TYR A 65 11.23 -3.30 5.33
CA TYR A 65 11.82 -3.46 4.00
C TYR A 65 10.74 -3.50 2.92
N LEU A 66 9.56 -3.97 3.31
CA LEU A 66 8.44 -4.06 2.37
C LEU A 66 8.02 -2.67 1.89
N MET A 67 8.19 -1.67 2.75
CA MET A 67 7.84 -0.31 2.41
C MET A 67 8.56 0.15 1.14
N LYS A 68 9.72 -0.45 0.89
CA LYS A 68 10.52 -0.11 -0.28
C LYS A 68 9.88 -0.67 -1.56
N GLN A 69 9.07 -1.71 -1.39
CA GLN A 69 8.39 -2.33 -2.52
C GLN A 69 7.06 -1.66 -2.81
N THR A 70 6.50 -1.02 -1.78
CA THR A 70 5.22 -0.33 -1.91
C THR A 70 5.41 1.12 -2.33
N GLU A 71 6.48 1.74 -1.83
CA GLU A 71 6.79 3.13 -2.15
C GLU A 71 7.28 3.26 -3.58
N LYS A 72 8.36 2.57 -3.91
CA LYS A 72 8.94 2.61 -5.24
C LYS A 72 7.91 2.16 -6.28
N TYR A 73 6.87 1.47 -5.82
CA TYR A 73 5.82 0.98 -6.71
C TYR A 73 5.02 2.14 -7.29
N PHE A 74 4.18 2.75 -6.45
CA PHE A 74 3.35 3.86 -6.87
C PHE A 74 4.05 5.20 -6.59
N PHE A 75 4.53 5.36 -5.36
CA PHE A 75 5.23 6.58 -4.97
C PHE A 75 6.56 6.71 -5.68
N GLY A 76 6.94 5.66 -6.41
CA GLY A 76 8.20 5.68 -7.13
C GLY A 76 8.01 5.65 -8.63
N GLU A 77 8.21 4.47 -9.23
CA GLU A 77 8.05 4.31 -10.66
C GLU A 77 6.70 4.85 -11.13
N GLY A 78 5.70 4.78 -10.25
CA GLY A 78 4.38 5.26 -10.59
C GLY A 78 3.88 4.69 -11.90
N ALA A 79 3.77 3.37 -11.97
CA ALA A 79 3.30 2.70 -13.17
C ALA A 79 1.80 2.40 -13.08
N ASP A 80 1.08 3.24 -12.36
CA ASP A 80 -0.35 3.06 -12.19
C ASP A 80 -1.11 4.33 -12.59
N GLN A 81 -2.14 4.16 -13.42
CA GLN A 81 -2.93 5.30 -13.88
C GLN A 81 -4.29 5.34 -13.17
N ALA A 82 -5.16 6.24 -13.61
CA ALA A 82 -6.48 6.37 -13.02
C ALA A 82 -7.44 7.08 -13.97
N SER A 83 -8.46 6.37 -14.42
CA SER A 83 -9.44 6.94 -15.35
C SER A 83 -10.62 7.54 -14.58
N GLY A 84 -10.31 8.29 -13.52
CA GLY A 84 -11.35 8.91 -12.72
C GLY A 84 -10.80 9.92 -11.74
N TYR A 85 -11.69 10.76 -11.20
CA TYR A 85 -11.29 11.78 -10.25
C TYR A 85 -12.10 11.68 -8.96
N VAL A 86 -11.65 12.38 -7.93
CA VAL A 86 -12.33 12.37 -6.64
C VAL A 86 -12.48 13.78 -6.08
N PRO A 87 -13.48 13.96 -5.20
CA PRO A 87 -13.75 15.27 -4.58
C PRO A 87 -12.67 15.67 -3.59
N PRO A 88 -12.71 16.94 -3.16
CA PRO A 88 -11.74 17.49 -2.21
C PRO A 88 -11.91 16.91 -0.81
N ALA A 89 -13.17 16.73 -0.41
CA ALA A 89 -13.47 16.18 0.91
C ALA A 89 -12.72 14.88 1.16
N GLN A 90 -12.28 14.69 2.40
CA GLN A 90 -11.54 13.48 2.76
C GLN A 90 -12.05 12.91 4.08
N GLY A 91 -11.50 11.77 4.48
CA GLY A 91 -11.92 11.13 5.71
C GLY A 91 -13.43 10.95 5.79
N MET A 1 -17.98 0.82 6.96
CA MET A 1 -17.57 2.22 6.84
C MET A 1 -16.26 2.46 7.58
N ALA A 2 -15.16 2.50 6.82
CA ALA A 2 -13.84 2.73 7.39
C ALA A 2 -13.27 4.06 6.93
N ARG A 3 -12.77 4.09 5.71
CA ARG A 3 -12.19 5.31 5.15
C ARG A 3 -12.70 5.55 3.73
N MET A 4 -12.21 6.63 3.11
CA MET A 4 -12.61 6.97 1.76
C MET A 4 -11.40 7.29 0.88
N ILE A 5 -10.98 6.31 0.08
CA ILE A 5 -9.82 6.48 -0.79
C ILE A 5 -10.06 5.81 -2.14
N HIS A 6 -9.17 6.08 -3.09
CA HIS A 6 -9.27 5.50 -4.42
C HIS A 6 -8.27 4.36 -4.61
N CYS A 7 -8.74 3.13 -4.45
CA CYS A 7 -7.88 1.96 -4.59
C CYS A 7 -7.01 2.07 -5.85
N ALA A 8 -5.73 2.34 -5.64
CA ALA A 8 -4.79 2.48 -6.76
C ALA A 8 -4.44 1.13 -7.34
N LYS A 9 -4.75 0.07 -6.60
CA LYS A 9 -4.45 -1.29 -7.05
C LYS A 9 -5.45 -1.73 -8.12
N LEU A 10 -6.45 -0.90 -8.37
CA LEU A 10 -7.47 -1.20 -9.36
C LEU A 10 -7.83 0.05 -10.17
N GLY A 11 -8.10 1.14 -9.47
CA GLY A 11 -8.46 2.38 -10.13
C GLY A 11 -9.88 2.81 -9.85
N LYS A 12 -10.40 2.43 -8.68
CA LYS A 12 -11.75 2.77 -8.28
C LYS A 12 -11.77 3.43 -6.91
N GLU A 13 -12.95 3.47 -6.29
CA GLU A 13 -13.10 4.07 -4.97
C GLU A 13 -13.41 3.01 -3.92
N ALA A 14 -12.45 2.76 -3.05
CA ALA A 14 -12.61 1.76 -1.99
C ALA A 14 -12.36 2.37 -0.62
N GLU A 15 -12.46 1.54 0.42
CA GLU A 15 -12.24 2.00 1.79
C GLU A 15 -10.76 2.02 2.12
N GLY A 16 -10.33 3.07 2.82
CA GLY A 16 -8.93 3.19 3.20
C GLY A 16 -8.61 2.46 4.49
N LEU A 17 -7.33 2.20 4.72
CA LEU A 17 -6.89 1.51 5.92
C LEU A 17 -7.15 2.36 7.15
N ASP A 18 -6.99 3.67 7.01
CA ASP A 18 -7.21 4.60 8.12
C ASP A 18 -6.20 4.34 9.24
N PHE A 19 -4.94 4.12 8.86
CA PHE A 19 -3.89 3.87 9.84
C PHE A 19 -2.53 3.76 9.15
N PRO A 20 -1.52 4.40 9.75
CA PRO A 20 -0.16 4.39 9.22
C PRO A 20 0.51 3.02 9.34
N PRO A 21 0.75 2.38 8.19
CA PRO A 21 1.38 1.06 8.14
C PRO A 21 2.85 1.09 8.54
N LEU A 22 3.42 2.30 8.55
CA LEU A 22 4.82 2.48 8.91
C LEU A 22 5.09 3.92 9.36
N PRO A 23 5.90 4.06 10.41
CA PRO A 23 6.25 5.37 10.96
C PRO A 23 7.17 6.16 10.03
N GLY A 24 6.58 6.75 9.00
CA GLY A 24 7.36 7.53 8.05
C GLY A 24 6.49 8.39 7.15
N GLU A 25 7.06 8.86 6.05
CA GLU A 25 6.33 9.70 5.11
C GLU A 25 5.62 8.85 4.05
N LEU A 26 6.06 7.61 3.91
CA LEU A 26 5.46 6.69 2.94
C LEU A 26 4.17 6.09 3.47
N GLY A 27 4.15 5.82 4.78
CA GLY A 27 2.97 5.24 5.39
C GLY A 27 1.74 6.10 5.18
N LYS A 28 1.85 7.38 5.50
CA LYS A 28 0.73 8.32 5.34
C LYS A 28 0.19 8.29 3.92
N ARG A 29 1.06 7.97 2.97
CA ARG A 29 0.68 7.91 1.56
C ARG A 29 0.21 6.49 1.20
N LEU A 30 0.59 5.52 2.01
CA LEU A 30 0.21 4.13 1.76
C LEU A 30 -1.23 3.87 2.19
N TYR A 31 -1.53 4.16 3.45
CA TYR A 31 -2.88 3.96 3.98
C TYR A 31 -3.89 4.79 3.21
N GLU A 32 -3.42 5.82 2.52
CA GLU A 32 -4.29 6.69 1.73
C GLU A 32 -4.26 6.29 0.25
N SER A 33 -3.50 5.25 -0.06
CA SER A 33 -3.38 4.77 -1.43
C SER A 33 -3.99 3.38 -1.58
N VAL A 34 -3.76 2.54 -0.59
CA VAL A 34 -4.28 1.18 -0.60
C VAL A 34 -5.67 1.12 0.04
N SER A 35 -6.42 0.08 -0.29
CA SER A 35 -7.76 -0.10 0.25
C SER A 35 -7.94 -1.50 0.81
N LYS A 36 -9.14 -1.78 1.32
CA LYS A 36 -9.45 -3.09 1.90
C LYS A 36 -9.26 -4.19 0.86
N GLN A 37 -9.29 -3.81 -0.41
CA GLN A 37 -9.13 -4.77 -1.50
C GLN A 37 -7.65 -5.10 -1.71
N ALA A 38 -6.86 -4.08 -2.02
CA ALA A 38 -5.43 -4.26 -2.25
C ALA A 38 -4.74 -4.78 -0.99
N TRP A 39 -5.40 -4.63 0.16
CA TRP A 39 -4.85 -5.08 1.42
C TRP A 39 -4.40 -6.54 1.34
N GLN A 40 -5.08 -7.31 0.50
CA GLN A 40 -4.74 -8.72 0.33
C GLN A 40 -3.51 -8.88 -0.54
N ASP A 41 -3.40 -8.05 -1.58
CA ASP A 41 -2.26 -8.11 -2.48
C ASP A 41 -0.95 -7.92 -1.71
N TRP A 42 -1.02 -7.25 -0.58
CA TRP A 42 0.15 -7.00 0.25
C TRP A 42 0.66 -8.30 0.87
N LEU A 43 -0.25 -9.04 1.49
CA LEU A 43 0.11 -10.31 2.12
C LEU A 43 0.72 -11.27 1.11
N LYS A 44 0.39 -11.08 -0.16
CA LYS A 44 0.90 -11.93 -1.23
C LYS A 44 2.39 -11.67 -1.46
N GLN A 45 2.72 -10.41 -1.73
CA GLN A 45 4.12 -10.03 -1.97
C GLN A 45 4.94 -10.12 -0.69
N GLN A 46 4.30 -9.83 0.44
CA GLN A 46 4.97 -9.88 1.73
C GLN A 46 5.68 -11.21 1.92
N THR A 47 4.97 -12.31 1.66
CA THR A 47 5.53 -13.64 1.81
C THR A 47 6.58 -13.91 0.74
N MET A 48 6.40 -13.32 -0.43
CA MET A 48 7.34 -13.49 -1.53
C MET A 48 8.69 -12.87 -1.19
N LEU A 49 8.67 -11.84 -0.36
CA LEU A 49 9.90 -11.15 0.03
C LEU A 49 10.50 -11.80 1.27
N ILE A 50 9.65 -12.19 2.21
CA ILE A 50 10.10 -12.82 3.44
C ILE A 50 10.78 -14.17 3.15
N ASN A 51 10.27 -14.87 2.16
CA ASN A 51 10.83 -16.17 1.78
C ASN A 51 12.11 -16.00 0.97
N GLU A 52 12.06 -15.10 -0.02
CA GLU A 52 13.22 -14.85 -0.86
C GLU A 52 14.35 -14.20 -0.07
N ASN A 53 14.08 -13.02 0.49
CA ASN A 53 15.08 -12.30 1.27
C ASN A 53 15.38 -13.04 2.57
N ARG A 54 14.49 -13.96 2.94
CA ARG A 54 14.65 -14.74 4.17
C ARG A 54 14.66 -13.83 5.39
N LEU A 55 13.70 -12.92 5.45
CA LEU A 55 13.59 -11.99 6.56
C LEU A 55 12.96 -12.66 7.78
N ASN A 56 13.05 -11.99 8.93
CA ASN A 56 12.49 -12.53 10.17
C ASN A 56 11.23 -11.76 10.56
N MET A 57 10.07 -12.27 10.17
CA MET A 57 8.80 -11.63 10.49
C MET A 57 8.67 -11.40 11.99
N ALA A 58 9.34 -12.24 12.77
CA ALA A 58 9.30 -12.12 14.22
C ALA A 58 9.63 -10.70 14.67
N ASP A 59 10.44 -10.01 13.88
CA ASP A 59 10.83 -8.64 14.19
C ASP A 59 10.36 -7.68 13.10
N PRO A 60 10.28 -6.38 13.45
CA PRO A 60 9.84 -5.34 12.51
C PRO A 60 10.87 -5.08 11.41
N ARG A 61 12.06 -5.65 11.58
CA ARG A 61 13.13 -5.49 10.59
C ARG A 61 12.66 -5.91 9.20
N ALA A 62 11.82 -6.94 9.15
CA ALA A 62 11.29 -7.44 7.89
C ALA A 62 10.24 -6.50 7.33
N ARG A 63 9.50 -5.84 8.22
CA ARG A 63 8.45 -4.92 7.82
C ARG A 63 9.03 -3.57 7.41
N GLN A 64 10.19 -3.23 7.97
CA GLN A 64 10.86 -1.97 7.67
C GLN A 64 11.46 -2.00 6.28
N TYR A 65 11.68 -3.21 5.76
CA TYR A 65 12.26 -3.37 4.42
C TYR A 65 11.18 -3.42 3.36
N LEU A 66 10.01 -3.92 3.75
CA LEU A 66 8.87 -4.02 2.83
C LEU A 66 8.43 -2.65 2.35
N MET A 67 8.68 -1.63 3.16
CA MET A 67 8.31 -0.26 2.82
C MET A 67 8.91 0.14 1.47
N LYS A 68 10.08 -0.41 1.17
CA LYS A 68 10.76 -0.11 -0.09
C LYS A 68 10.07 -0.80 -1.26
N GLN A 69 9.36 -1.89 -0.97
CA GLN A 69 8.66 -2.64 -2.00
C GLN A 69 7.30 -2.03 -2.29
N THR A 70 6.77 -1.27 -1.32
CA THR A 70 5.48 -0.63 -1.47
C THR A 70 5.60 0.68 -2.24
N GLU A 71 6.58 1.49 -1.86
CA GLU A 71 6.81 2.78 -2.51
C GLU A 71 7.09 2.59 -4.00
N LYS A 72 8.11 1.81 -4.32
CA LYS A 72 8.48 1.54 -5.69
C LYS A 72 7.31 0.95 -6.46
N TYR A 73 6.33 0.43 -5.74
CA TYR A 73 5.15 -0.16 -6.36
C TYR A 73 4.30 0.89 -7.04
N PHE A 74 3.65 1.73 -6.24
CA PHE A 74 2.80 2.79 -6.76
C PHE A 74 3.57 4.09 -6.90
N PHE A 75 4.25 4.49 -5.84
CA PHE A 75 5.04 5.72 -5.83
C PHE A 75 6.46 5.46 -6.30
N GLY A 76 6.62 4.44 -7.15
CA GLY A 76 7.93 4.11 -7.67
C GLY A 76 8.29 4.88 -8.93
N GLU A 77 8.79 4.18 -9.93
CA GLU A 77 9.17 4.81 -11.19
C GLU A 77 8.01 5.60 -11.78
N GLY A 78 6.79 5.20 -11.43
CA GLY A 78 5.60 5.88 -11.93
C GLY A 78 4.33 5.12 -11.64
N ALA A 79 3.79 4.45 -12.65
CA ALA A 79 2.57 3.67 -12.51
C ALA A 79 1.46 4.52 -11.87
N ASP A 80 1.51 5.82 -12.12
CA ASP A 80 0.51 6.73 -11.59
C ASP A 80 -0.63 6.94 -12.58
N GLN A 81 -1.49 5.94 -12.69
CA GLN A 81 -2.63 6.01 -13.61
C GLN A 81 -3.95 6.05 -12.84
N ALA A 82 -3.96 6.79 -11.74
CA ALA A 82 -5.16 6.91 -10.92
C ALA A 82 -5.50 8.38 -10.64
N SER A 83 -5.42 9.20 -11.69
CA SER A 83 -5.71 10.62 -11.56
C SER A 83 -6.77 11.06 -12.57
N GLY A 84 -7.95 11.41 -12.07
CA GLY A 84 -9.03 11.84 -12.93
C GLY A 84 -9.88 12.92 -12.31
N TYR A 85 -10.77 13.51 -13.10
CA TYR A 85 -11.64 14.58 -12.63
C TYR A 85 -13.11 14.19 -12.78
N VAL A 86 -14.00 15.01 -12.22
CA VAL A 86 -15.43 14.76 -12.31
C VAL A 86 -15.79 13.43 -11.65
N PRO A 87 -15.72 13.39 -10.31
CA PRO A 87 -16.03 12.19 -9.53
C PRO A 87 -17.52 11.85 -9.56
N PRO A 88 -17.86 10.64 -9.09
CA PRO A 88 -19.25 10.17 -9.05
C PRO A 88 -20.08 10.92 -8.01
N ALA A 89 -21.36 10.57 -7.91
CA ALA A 89 -22.25 11.21 -6.95
C ALA A 89 -22.59 10.25 -5.80
N GLN A 90 -22.72 10.81 -4.60
CA GLN A 90 -23.04 10.01 -3.42
C GLN A 90 -24.53 9.71 -3.35
N GLY A 91 -24.92 8.54 -3.83
CA GLY A 91 -26.32 8.15 -3.81
C GLY A 91 -26.58 6.86 -4.55
N MET A 1 -20.55 3.00 8.89
CA MET A 1 -19.88 3.72 7.81
C MET A 1 -18.38 3.78 8.06
N ALA A 2 -17.60 3.80 6.99
CA ALA A 2 -16.15 3.88 7.09
C ALA A 2 -15.60 5.13 6.39
N ARG A 3 -15.57 5.10 5.08
CA ARG A 3 -15.07 6.22 4.30
C ARG A 3 -15.66 6.21 2.89
N MET A 4 -15.12 7.07 2.02
CA MET A 4 -15.60 7.16 0.64
C MET A 4 -14.43 7.36 -0.32
N ILE A 5 -14.06 6.29 -1.02
CA ILE A 5 -12.96 6.35 -1.97
C ILE A 5 -13.29 5.56 -3.24
N HIS A 6 -12.44 5.69 -4.25
CA HIS A 6 -12.64 4.98 -5.51
C HIS A 6 -11.75 3.74 -5.58
N CYS A 7 -12.34 2.58 -5.31
CA CYS A 7 -11.60 1.33 -5.34
C CYS A 7 -10.76 1.22 -6.61
N ALA A 8 -9.45 1.30 -6.45
CA ALA A 8 -8.53 1.21 -7.58
C ALA A 8 -8.56 -0.19 -8.20
N LYS A 9 -9.15 -1.13 -7.48
CA LYS A 9 -9.25 -2.51 -7.96
C LYS A 9 -10.50 -2.71 -8.79
N LEU A 10 -11.66 -2.50 -8.18
CA LEU A 10 -12.93 -2.67 -8.87
C LEU A 10 -13.08 -1.65 -9.99
N GLY A 11 -13.05 -0.36 -9.63
CA GLY A 11 -13.18 0.70 -10.61
C GLY A 11 -14.36 1.60 -10.33
N LYS A 12 -14.84 1.58 -9.09
CA LYS A 12 -15.98 2.41 -8.70
C LYS A 12 -15.81 2.94 -7.28
N GLU A 13 -16.85 3.57 -6.76
CA GLU A 13 -16.82 4.11 -5.41
C GLU A 13 -17.09 3.02 -4.37
N ALA A 14 -16.13 2.81 -3.48
CA ALA A 14 -16.27 1.80 -2.44
C ALA A 14 -15.81 2.34 -1.09
N GLU A 15 -16.13 1.60 -0.03
CA GLU A 15 -15.76 2.01 1.32
C GLU A 15 -14.24 2.09 1.47
N GLY A 16 -13.77 3.16 2.11
CA GLY A 16 -12.34 3.34 2.31
C GLY A 16 -11.84 2.69 3.58
N LEU A 17 -10.58 2.29 3.58
CA LEU A 17 -9.98 1.64 4.75
C LEU A 17 -10.23 2.46 6.00
N ASP A 18 -9.92 3.75 5.94
CA ASP A 18 -10.12 4.64 7.09
C ASP A 18 -9.21 4.24 8.25
N PHE A 19 -8.09 3.60 7.93
CA PHE A 19 -7.15 3.16 8.95
C PHE A 19 -5.76 2.92 8.34
N PRO A 20 -4.72 3.22 9.11
CA PRO A 20 -3.33 3.04 8.67
C PRO A 20 -2.95 1.57 8.55
N PRO A 21 -2.73 1.11 7.31
CA PRO A 21 -2.35 -0.28 7.03
C PRO A 21 -0.94 -0.60 7.50
N LEU A 22 -0.01 0.30 7.23
CA LEU A 22 1.38 0.11 7.62
C LEU A 22 1.91 1.33 8.37
N PRO A 23 2.92 1.12 9.22
CA PRO A 23 3.53 2.19 10.01
C PRO A 23 4.33 3.17 9.14
N GLY A 24 4.49 2.83 7.88
CA GLY A 24 5.23 3.69 6.97
C GLY A 24 4.34 4.67 6.24
N GLU A 25 4.95 5.60 5.52
CA GLU A 25 4.20 6.61 4.77
C GLU A 25 3.38 5.97 3.66
N LEU A 26 3.98 4.99 2.97
CA LEU A 26 3.31 4.30 1.89
C LEU A 26 1.95 3.80 2.31
N GLY A 27 1.82 3.45 3.60
CA GLY A 27 0.55 2.97 4.11
C GLY A 27 -0.51 4.05 4.15
N LYS A 28 -0.10 5.27 4.46
CA LYS A 28 -1.02 6.40 4.54
C LYS A 28 -1.73 6.61 3.21
N ARG A 29 -1.09 6.19 2.12
CA ARG A 29 -1.66 6.33 0.79
C ARG A 29 -2.45 5.08 0.40
N LEU A 30 -2.19 3.98 1.10
CA LEU A 30 -2.87 2.72 0.83
C LEU A 30 -4.34 2.82 1.20
N TYR A 31 -4.60 3.21 2.45
CA TYR A 31 -5.97 3.34 2.93
C TYR A 31 -6.75 4.37 2.12
N GLU A 32 -6.03 5.18 1.35
CA GLU A 32 -6.64 6.20 0.52
C GLU A 32 -6.79 5.72 -0.92
N SER A 33 -6.38 4.48 -1.16
CA SER A 33 -6.46 3.90 -2.49
C SER A 33 -7.25 2.60 -2.47
N VAL A 34 -7.02 1.78 -1.44
CA VAL A 34 -7.71 0.52 -1.30
C VAL A 34 -9.06 0.70 -0.62
N SER A 35 -10.02 -0.15 -0.98
CA SER A 35 -11.37 -0.08 -0.40
C SER A 35 -11.63 -1.28 0.49
N LYS A 36 -12.88 -1.43 0.91
CA LYS A 36 -13.27 -2.55 1.77
C LYS A 36 -13.25 -3.86 1.00
N GLN A 37 -13.32 -3.77 -0.33
CA GLN A 37 -13.31 -4.95 -1.17
C GLN A 37 -11.88 -5.34 -1.57
N ALA A 38 -11.16 -4.37 -2.13
CA ALA A 38 -9.78 -4.60 -2.54
C ALA A 38 -8.88 -4.88 -1.35
N TRP A 39 -9.38 -4.58 -0.16
CA TRP A 39 -8.62 -4.80 1.08
C TRP A 39 -8.09 -6.23 1.14
N GLN A 40 -8.84 -7.16 0.56
CA GLN A 40 -8.44 -8.56 0.57
C GLN A 40 -7.48 -8.85 -0.59
N ASP A 41 -7.67 -8.14 -1.70
CA ASP A 41 -6.83 -8.32 -2.87
C ASP A 41 -5.40 -7.86 -2.59
N TRP A 42 -5.28 -6.83 -1.77
CA TRP A 42 -3.97 -6.28 -1.43
C TRP A 42 -3.26 -7.17 -0.41
N LEU A 43 -4.04 -7.97 0.31
CA LEU A 43 -3.49 -8.87 1.33
C LEU A 43 -2.83 -10.08 0.67
N LYS A 44 -3.32 -10.45 -0.51
CA LYS A 44 -2.77 -11.58 -1.25
C LYS A 44 -1.26 -11.47 -1.39
N GLN A 45 -0.82 -10.40 -2.06
CA GLN A 45 0.60 -10.17 -2.26
C GLN A 45 1.33 -10.02 -0.93
N GLN A 46 0.67 -9.38 0.03
CA GLN A 46 1.26 -9.16 1.35
C GLN A 46 1.78 -10.47 1.93
N THR A 47 0.94 -11.49 1.90
CA THR A 47 1.32 -12.80 2.43
C THR A 47 2.24 -13.54 1.47
N MET A 48 1.94 -13.45 0.18
CA MET A 48 2.74 -14.11 -0.84
C MET A 48 4.21 -13.67 -0.75
N LEU A 49 4.41 -12.37 -0.50
CA LEU A 49 5.76 -11.83 -0.39
C LEU A 49 6.46 -12.36 0.85
N ILE A 50 5.77 -12.30 1.99
CA ILE A 50 6.32 -12.79 3.25
C ILE A 50 6.61 -14.29 3.19
N ASN A 51 5.75 -15.02 2.49
CA ASN A 51 5.91 -16.47 2.36
C ASN A 51 6.94 -16.80 1.28
N GLU A 52 7.13 -15.88 0.33
CA GLU A 52 8.08 -16.08 -0.73
C GLU A 52 9.50 -15.76 -0.27
N ASN A 53 9.67 -14.60 0.35
CA ASN A 53 10.97 -14.17 0.85
C ASN A 53 11.20 -14.68 2.27
N ARG A 54 10.16 -15.27 2.86
CA ARG A 54 10.26 -15.79 4.21
C ARG A 54 10.72 -14.70 5.18
N LEU A 55 10.10 -13.53 5.10
CA LEU A 55 10.44 -12.41 5.96
C LEU A 55 9.83 -12.59 7.35
N ASN A 56 10.29 -11.80 8.31
CA ASN A 56 9.79 -11.87 9.67
C ASN A 56 8.84 -10.72 9.96
N MET A 57 7.55 -10.98 9.80
CA MET A 57 6.53 -9.96 10.05
C MET A 57 6.66 -9.39 11.45
N ALA A 58 7.21 -10.18 12.36
CA ALA A 58 7.40 -9.75 13.74
C ALA A 58 8.16 -8.43 13.81
N ASP A 59 9.00 -8.18 12.81
CA ASP A 59 9.79 -6.96 12.75
C ASP A 59 9.31 -6.06 11.61
N PRO A 60 9.65 -4.76 11.69
CA PRO A 60 9.27 -3.78 10.67
C PRO A 60 10.01 -4.00 9.36
N ARG A 61 11.02 -4.86 9.38
CA ARG A 61 11.80 -5.15 8.19
C ARG A 61 10.93 -5.75 7.10
N ALA A 62 10.01 -6.63 7.49
CA ALA A 62 9.11 -7.27 6.54
C ALA A 62 7.96 -6.35 6.17
N ARG A 63 7.71 -5.36 7.01
CA ARG A 63 6.62 -4.40 6.76
C ARG A 63 7.11 -3.26 5.87
N GLN A 64 8.40 -2.95 5.94
CA GLN A 64 8.97 -1.88 5.14
C GLN A 64 9.23 -2.35 3.71
N TYR A 65 9.40 -3.65 3.54
CA TYR A 65 9.65 -4.22 2.22
C TYR A 65 8.36 -4.36 1.42
N LEU A 66 7.30 -4.80 2.10
CA LEU A 66 5.99 -4.97 1.46
C LEU A 66 5.52 -3.67 0.83
N MET A 67 5.87 -2.56 1.46
CA MET A 67 5.48 -1.24 0.96
C MET A 67 6.09 -0.99 -0.41
N LYS A 68 7.21 -1.65 -0.69
CA LYS A 68 7.89 -1.49 -1.97
C LYS A 68 7.12 -2.18 -3.09
N GLN A 69 6.32 -3.19 -2.73
CA GLN A 69 5.53 -3.91 -3.70
C GLN A 69 4.16 -3.28 -3.88
N THR A 70 3.68 -2.60 -2.84
CA THR A 70 2.38 -1.96 -2.87
C THR A 70 2.42 -0.69 -3.74
N GLU A 71 3.39 0.17 -3.48
CA GLU A 71 3.54 1.40 -4.24
C GLU A 71 3.79 1.11 -5.71
N LYS A 72 4.80 0.28 -5.98
CA LYS A 72 5.15 -0.08 -7.36
C LYS A 72 3.94 -0.69 -8.07
N TYR A 73 2.97 -1.14 -7.29
CA TYR A 73 1.76 -1.74 -7.85
C TYR A 73 0.93 -0.71 -8.60
N PHE A 74 0.31 0.19 -7.85
CA PHE A 74 -0.53 1.24 -8.44
C PHE A 74 0.28 2.51 -8.65
N PHE A 75 0.98 2.95 -7.61
CA PHE A 75 1.78 4.17 -7.67
C PHE A 75 3.20 3.85 -8.17
N GLY A 76 3.31 2.78 -8.95
CA GLY A 76 4.61 2.38 -9.49
C GLY A 76 4.97 3.14 -10.74
N GLU A 77 5.38 2.40 -11.77
CA GLU A 77 5.75 3.00 -13.05
C GLU A 77 4.68 3.96 -13.53
N GLY A 78 3.42 3.61 -13.27
CA GLY A 78 2.31 4.45 -13.70
C GLY A 78 1.97 5.52 -12.67
N ALA A 79 2.97 6.26 -12.24
CA ALA A 79 2.77 7.32 -11.26
C ALA A 79 3.18 8.68 -11.83
N ASP A 80 2.24 9.62 -11.84
CA ASP A 80 2.50 10.96 -12.35
C ASP A 80 2.97 11.89 -11.25
N GLN A 81 4.28 12.17 -11.22
CA GLN A 81 4.85 13.04 -10.21
C GLN A 81 5.68 14.14 -10.85
N ALA A 82 6.14 15.09 -10.02
CA ALA A 82 6.94 16.20 -10.51
C ALA A 82 7.96 16.64 -9.47
N SER A 83 9.23 16.69 -9.86
CA SER A 83 10.29 17.09 -8.95
C SER A 83 11.62 17.22 -9.69
N GLY A 84 12.48 18.11 -9.21
CA GLY A 84 13.77 18.32 -9.83
C GLY A 84 14.87 17.53 -9.16
N TYR A 85 15.63 18.19 -8.28
CA TYR A 85 16.72 17.53 -7.58
C TYR A 85 16.43 17.47 -6.08
N VAL A 86 17.28 16.73 -5.36
CA VAL A 86 17.11 16.58 -3.91
C VAL A 86 18.40 16.93 -3.18
N PRO A 87 18.27 17.31 -1.91
CA PRO A 87 19.42 17.67 -1.07
C PRO A 87 20.29 16.47 -0.72
N PRO A 88 21.49 16.74 -0.18
CA PRO A 88 22.43 15.69 0.21
C PRO A 88 21.96 14.90 1.42
N ALA A 89 22.76 13.93 1.84
CA ALA A 89 22.42 13.10 2.99
C ALA A 89 22.69 13.83 4.29
N GLN A 90 21.63 14.10 5.05
CA GLN A 90 21.74 14.80 6.32
C GLN A 90 21.81 13.82 7.47
N GLY A 91 21.15 12.66 7.31
CA GLY A 91 21.15 11.65 8.36
C GLY A 91 21.51 10.28 7.83
N MET A 1 -19.07 0.77 8.23
CA MET A 1 -18.61 2.12 8.51
C MET A 1 -17.09 2.17 8.60
N ALA A 2 -16.45 2.69 7.57
CA ALA A 2 -15.00 2.81 7.53
C ALA A 2 -14.56 4.16 7.00
N ARG A 3 -14.66 4.32 5.68
CA ARG A 3 -14.27 5.58 5.03
C ARG A 3 -14.85 5.68 3.63
N MET A 4 -14.48 6.73 2.91
CA MET A 4 -14.98 6.93 1.55
C MET A 4 -13.84 7.35 0.63
N ILE A 5 -13.31 6.39 -0.13
CA ILE A 5 -12.22 6.65 -1.05
C ILE A 5 -12.47 6.00 -2.40
N HIS A 6 -11.62 6.32 -3.38
CA HIS A 6 -11.76 5.75 -4.72
C HIS A 6 -10.72 4.64 -4.94
N CYS A 7 -11.16 3.40 -4.78
CA CYS A 7 -10.28 2.26 -4.97
C CYS A 7 -9.44 2.42 -6.24
N ALA A 8 -8.15 2.69 -6.06
CA ALA A 8 -7.25 2.86 -7.19
C ALA A 8 -6.93 1.53 -7.85
N LYS A 9 -7.37 0.44 -7.22
CA LYS A 9 -7.13 -0.90 -7.74
C LYS A 9 -8.13 -1.23 -8.85
N LEU A 10 -9.36 -0.77 -8.69
CA LEU A 10 -10.41 -1.02 -9.68
C LEU A 10 -10.70 0.23 -10.50
N GLY A 11 -11.07 1.30 -9.81
CA GLY A 11 -11.37 2.55 -10.49
C GLY A 11 -12.76 3.05 -10.19
N LYS A 12 -13.17 2.95 -8.93
CA LYS A 12 -14.49 3.40 -8.51
C LYS A 12 -14.48 3.82 -7.04
N GLU A 13 -15.67 4.04 -6.48
CA GLU A 13 -15.79 4.46 -5.09
C GLU A 13 -15.95 3.24 -4.18
N ALA A 14 -15.02 3.09 -3.24
CA ALA A 14 -15.05 1.98 -2.30
C ALA A 14 -14.59 2.42 -0.91
N GLU A 15 -14.91 1.61 0.09
CA GLU A 15 -14.55 1.92 1.47
C GLU A 15 -13.04 2.16 1.58
N GLY A 16 -12.65 2.90 2.61
CA GLY A 16 -11.24 3.19 2.82
C GLY A 16 -10.66 2.46 4.02
N LEU A 17 -9.35 2.23 4.00
CA LEU A 17 -8.69 1.55 5.09
C LEU A 17 -9.03 2.19 6.44
N ASP A 18 -9.03 3.51 6.47
CA ASP A 18 -9.35 4.24 7.69
C ASP A 18 -8.29 4.00 8.76
N PHE A 19 -7.05 3.78 8.32
CA PHE A 19 -5.95 3.52 9.24
C PHE A 19 -4.64 3.28 8.48
N PRO A 20 -3.55 3.86 8.98
CA PRO A 20 -2.23 3.71 8.36
C PRO A 20 -1.67 2.30 8.50
N PRO A 21 -1.29 1.69 7.38
CA PRO A 21 -0.74 0.34 7.34
C PRO A 21 0.65 0.27 7.96
N LEU A 22 1.28 1.43 8.12
CA LEU A 22 2.62 1.50 8.69
C LEU A 22 2.89 2.89 9.27
N PRO A 23 3.88 2.97 10.17
CA PRO A 23 4.26 4.22 10.82
C PRO A 23 4.94 5.19 9.85
N GLY A 24 5.21 4.71 8.65
CA GLY A 24 5.85 5.54 7.64
C GLY A 24 4.86 6.40 6.88
N GLU A 25 5.37 7.41 6.18
CA GLU A 25 4.53 8.30 5.40
C GLU A 25 3.88 7.57 4.24
N LEU A 26 4.52 6.50 3.79
CA LEU A 26 4.01 5.70 2.68
C LEU A 26 2.68 5.06 3.04
N GLY A 27 2.48 4.81 4.33
CA GLY A 27 1.24 4.19 4.78
C GLY A 27 0.07 5.15 4.72
N LYS A 28 0.28 6.38 5.17
CA LYS A 28 -0.77 7.40 5.16
C LYS A 28 -1.32 7.60 3.75
N ARG A 29 -0.51 7.27 2.75
CA ARG A 29 -0.91 7.41 1.36
C ARG A 29 -1.56 6.13 0.84
N LEU A 30 -1.31 5.03 1.55
CA LEU A 30 -1.87 3.74 1.16
C LEU A 30 -3.31 3.60 1.64
N TYR A 31 -3.53 3.85 2.92
CA TYR A 31 -4.86 3.75 3.50
C TYR A 31 -5.83 4.73 2.82
N GLU A 32 -5.27 5.71 2.13
CA GLU A 32 -6.07 6.71 1.43
C GLU A 32 -6.14 6.40 -0.07
N SER A 33 -5.51 5.29 -0.46
CA SER A 33 -5.49 4.88 -1.86
C SER A 33 -6.16 3.53 -2.04
N VAL A 34 -5.87 2.60 -1.13
CA VAL A 34 -6.44 1.27 -1.18
C VAL A 34 -7.79 1.22 -0.48
N SER A 35 -8.67 0.34 -0.97
CA SER A 35 -10.01 0.20 -0.40
C SER A 35 -10.14 -1.12 0.36
N LYS A 36 -11.31 -1.35 0.94
CA LYS A 36 -11.57 -2.57 1.69
C LYS A 36 -11.70 -3.77 0.75
N GLN A 37 -12.01 -3.49 -0.51
CA GLN A 37 -12.17 -4.54 -1.51
C GLN A 37 -10.84 -4.86 -2.19
N ALA A 38 -10.05 -3.82 -2.45
CA ALA A 38 -8.75 -3.99 -3.10
C ALA A 38 -7.72 -4.53 -2.12
N TRP A 39 -7.97 -4.34 -0.83
CA TRP A 39 -7.06 -4.82 0.20
C TRP A 39 -6.74 -6.30 0.01
N GLN A 40 -7.74 -7.06 -0.43
CA GLN A 40 -7.55 -8.50 -0.66
C GLN A 40 -6.51 -8.74 -1.74
N ASP A 41 -6.47 -7.86 -2.73
CA ASP A 41 -5.52 -7.99 -3.83
C ASP A 41 -4.09 -7.90 -3.33
N TRP A 42 -3.86 -6.99 -2.37
CA TRP A 42 -2.53 -6.81 -1.80
C TRP A 42 -2.14 -8.00 -0.93
N LEU A 43 -3.11 -8.54 -0.22
CA LEU A 43 -2.86 -9.70 0.65
C LEU A 43 -2.34 -10.88 -0.14
N LYS A 44 -2.70 -10.94 -1.42
CA LYS A 44 -2.27 -12.02 -2.30
C LYS A 44 -0.74 -12.05 -2.40
N GLN A 45 -0.16 -10.91 -2.77
CA GLN A 45 1.29 -10.81 -2.91
C GLN A 45 1.96 -10.76 -1.55
N GLN A 46 1.28 -10.18 -0.57
CA GLN A 46 1.82 -10.08 0.78
C GLN A 46 2.24 -11.45 1.31
N THR A 47 1.36 -12.42 1.15
CA THR A 47 1.63 -13.77 1.61
C THR A 47 2.76 -14.41 0.82
N MET A 48 2.68 -14.35 -0.50
CA MET A 48 3.70 -14.90 -1.37
C MET A 48 5.07 -14.31 -1.04
N LEU A 49 5.11 -13.01 -0.78
CA LEU A 49 6.35 -12.33 -0.46
C LEU A 49 6.87 -12.76 0.90
N ILE A 50 6.01 -12.67 1.91
CA ILE A 50 6.38 -13.07 3.27
C ILE A 50 6.83 -14.52 3.32
N ASN A 51 6.16 -15.37 2.55
CA ASN A 51 6.49 -16.79 2.50
C ASN A 51 7.76 -17.03 1.69
N GLU A 52 7.89 -16.32 0.57
CA GLU A 52 9.06 -16.46 -0.28
C GLU A 52 10.31 -15.95 0.42
N ASN A 53 10.35 -14.65 0.70
CA ASN A 53 11.49 -14.05 1.37
C ASN A 53 11.60 -14.54 2.82
N ARG A 54 10.53 -15.14 3.31
CA ARG A 54 10.50 -15.65 4.67
C ARG A 54 10.72 -14.53 5.69
N LEU A 55 9.97 -13.45 5.54
CA LEU A 55 10.09 -12.30 6.44
C LEU A 55 9.33 -12.55 7.74
N ASN A 56 9.57 -11.69 8.72
CA ASN A 56 8.92 -11.82 10.02
C ASN A 56 7.90 -10.69 10.22
N MET A 57 6.65 -10.96 9.87
CA MET A 57 5.59 -9.97 10.01
C MET A 57 5.55 -9.43 11.43
N ALA A 58 5.84 -10.29 12.40
CA ALA A 58 5.83 -9.90 13.81
C ALA A 58 6.75 -8.70 14.04
N ASP A 59 7.75 -8.55 13.18
CA ASP A 59 8.70 -7.46 13.30
C ASP A 59 8.44 -6.40 12.22
N PRO A 60 8.95 -5.18 12.46
CA PRO A 60 8.79 -4.06 11.52
C PRO A 60 9.58 -4.26 10.24
N ARG A 61 10.47 -5.24 10.24
CA ARG A 61 11.29 -5.54 9.08
C ARG A 61 10.43 -5.91 7.87
N ALA A 62 9.39 -6.70 8.12
CA ALA A 62 8.48 -7.12 7.06
C ALA A 62 7.48 -6.02 6.72
N ARG A 63 7.30 -5.08 7.65
CA ARG A 63 6.36 -3.99 7.45
C ARG A 63 7.04 -2.84 6.69
N GLN A 64 8.36 -2.77 6.78
CA GLN A 64 9.12 -1.73 6.11
C GLN A 64 9.42 -2.11 4.66
N TYR A 65 9.35 -3.41 4.39
CA TYR A 65 9.63 -3.92 3.04
C TYR A 65 8.35 -3.96 2.20
N LEU A 66 7.23 -4.29 2.85
CA LEU A 66 5.95 -4.36 2.16
C LEU A 66 5.58 -3.02 1.56
N MET A 67 5.83 -1.95 2.31
CA MET A 67 5.53 -0.59 1.83
C MET A 67 6.23 -0.32 0.51
N LYS A 68 7.32 -1.03 0.26
CA LYS A 68 8.09 -0.84 -0.97
C LYS A 68 7.46 -1.64 -2.11
N GLN A 69 6.72 -2.69 -1.77
CA GLN A 69 6.07 -3.53 -2.77
C GLN A 69 4.73 -2.93 -3.19
N THR A 70 4.17 -2.10 -2.33
CA THR A 70 2.89 -1.45 -2.62
C THR A 70 3.09 -0.13 -3.34
N GLU A 71 4.01 0.68 -2.84
CA GLU A 71 4.30 1.98 -3.44
C GLU A 71 4.70 1.83 -4.90
N LYS A 72 5.75 1.06 -5.15
CA LYS A 72 6.23 0.83 -6.51
C LYS A 72 5.14 0.21 -7.37
N TYR A 73 4.12 -0.34 -6.73
CA TYR A 73 3.01 -0.97 -7.44
C TYR A 73 2.17 0.08 -8.17
N PHE A 74 1.43 0.87 -7.40
CA PHE A 74 0.58 1.91 -7.96
C PHE A 74 1.31 3.25 -7.99
N PHE A 75 1.89 3.62 -6.86
CA PHE A 75 2.63 4.88 -6.75
C PHE A 75 3.91 4.84 -7.57
N GLY A 76 4.22 3.65 -8.11
CA GLY A 76 5.42 3.49 -8.90
C GLY A 76 5.12 3.18 -10.36
N GLU A 77 5.25 1.91 -10.72
CA GLU A 77 4.98 1.47 -12.09
C GLU A 77 3.61 1.95 -12.55
N GLY A 78 2.69 2.08 -11.60
CA GLY A 78 1.34 2.52 -11.94
C GLY A 78 1.18 4.03 -11.81
N ALA A 79 2.18 4.77 -12.26
CA ALA A 79 2.15 6.23 -12.19
C ALA A 79 2.58 6.85 -13.51
N ASP A 80 2.79 8.16 -13.51
CA ASP A 80 3.19 8.87 -14.71
C ASP A 80 4.71 8.89 -14.85
N GLN A 81 5.20 9.38 -15.98
CA GLN A 81 6.64 9.45 -16.24
C GLN A 81 7.29 10.54 -15.40
N ALA A 82 7.52 10.25 -14.12
CA ALA A 82 8.13 11.21 -13.21
C ALA A 82 7.41 12.54 -13.26
N SER A 83 6.09 12.50 -13.40
CA SER A 83 5.28 13.71 -13.45
C SER A 83 4.53 13.92 -12.14
N GLY A 84 4.36 15.19 -11.77
CA GLY A 84 3.66 15.51 -10.53
C GLY A 84 4.62 15.79 -9.39
N TYR A 85 4.09 15.77 -8.16
CA TYR A 85 4.90 16.02 -6.98
C TYR A 85 6.02 15.00 -6.85
N VAL A 86 6.91 15.22 -5.88
CA VAL A 86 8.03 14.31 -5.66
C VAL A 86 8.03 13.79 -4.23
N PRO A 87 8.67 12.62 -4.03
CA PRO A 87 8.76 11.98 -2.72
C PRO A 87 9.66 12.75 -1.76
N PRO A 88 9.60 12.39 -0.47
CA PRO A 88 10.40 13.03 0.57
C PRO A 88 11.89 12.70 0.44
N ALA A 89 12.18 11.44 0.13
CA ALA A 89 13.56 10.99 -0.02
C ALA A 89 14.39 11.34 1.21
N GLN A 90 13.93 10.89 2.38
CA GLN A 90 14.63 11.15 3.63
C GLN A 90 15.73 10.14 3.86
N GLY A 91 15.37 8.85 3.84
CA GLY A 91 16.35 7.80 4.04
C GLY A 91 15.74 6.41 3.94
N MET A 1 -22.21 3.67 2.38
CA MET A 1 -21.32 4.68 1.78
C MET A 1 -20.12 4.95 2.68
N ALA A 2 -19.09 4.13 2.56
CA ALA A 2 -17.89 4.29 3.36
C ALA A 2 -17.19 5.60 3.05
N ARG A 3 -16.51 5.65 1.91
CA ARG A 3 -15.80 6.86 1.50
C ARG A 3 -16.05 7.16 0.02
N MET A 4 -15.31 8.13 -0.51
CA MET A 4 -15.44 8.51 -1.91
C MET A 4 -14.08 8.71 -2.56
N ILE A 5 -13.63 7.72 -3.31
CA ILE A 5 -12.34 7.79 -3.98
C ILE A 5 -12.41 7.18 -5.37
N HIS A 6 -11.35 7.36 -6.15
CA HIS A 6 -11.29 6.83 -7.51
C HIS A 6 -10.49 5.53 -7.55
N CYS A 7 -11.19 4.41 -7.63
CA CYS A 7 -10.53 3.11 -7.68
C CYS A 7 -9.40 3.10 -8.70
N ALA A 8 -8.17 3.11 -8.19
CA ALA A 8 -6.99 3.10 -9.06
C ALA A 8 -6.82 1.75 -9.75
N LYS A 9 -7.61 0.77 -9.32
CA LYS A 9 -7.55 -0.57 -9.91
C LYS A 9 -8.43 -0.66 -11.14
N LEU A 10 -9.64 -0.11 -11.05
CA LEU A 10 -10.58 -0.13 -12.16
C LEU A 10 -10.47 1.15 -13.00
N GLY A 11 -10.62 2.29 -12.33
CA GLY A 11 -10.53 3.56 -13.03
C GLY A 11 -11.81 4.38 -12.91
N LYS A 12 -12.65 4.01 -11.95
CA LYS A 12 -13.91 4.72 -11.74
C LYS A 12 -14.01 5.24 -10.30
N GLU A 13 -15.21 5.66 -9.91
CA GLU A 13 -15.43 6.18 -8.57
C GLU A 13 -16.00 5.10 -7.66
N ALA A 14 -15.23 4.71 -6.65
CA ALA A 14 -15.66 3.69 -5.71
C ALA A 14 -15.40 4.13 -4.27
N GLU A 15 -15.94 3.37 -3.32
CA GLU A 15 -15.77 3.68 -1.91
C GLU A 15 -14.37 3.29 -1.42
N GLY A 16 -13.72 4.19 -0.70
CA GLY A 16 -12.40 3.92 -0.20
C GLY A 16 -12.40 3.50 1.26
N LEU A 17 -11.28 2.95 1.72
CA LEU A 17 -11.16 2.50 3.10
C LEU A 17 -11.18 3.69 4.06
N ASP A 18 -11.05 3.41 5.35
CA ASP A 18 -11.04 4.46 6.37
C ASP A 18 -10.01 4.15 7.44
N PHE A 19 -8.78 3.85 7.02
CA PHE A 19 -7.70 3.54 7.94
C PHE A 19 -6.40 3.29 7.19
N PRO A 20 -5.29 3.79 7.74
CA PRO A 20 -3.95 3.63 7.14
C PRO A 20 -3.45 2.19 7.22
N PRO A 21 -3.35 1.54 6.05
CA PRO A 21 -2.88 0.15 5.96
C PRO A 21 -1.39 0.02 6.29
N LEU A 22 -0.70 1.15 6.33
CA LEU A 22 0.72 1.15 6.63
C LEU A 22 1.11 2.42 7.39
N PRO A 23 1.99 2.27 8.39
CA PRO A 23 2.46 3.39 9.22
C PRO A 23 3.37 4.33 8.43
N GLY A 24 2.80 5.39 7.89
CA GLY A 24 3.57 6.35 7.13
C GLY A 24 2.73 7.14 6.15
N GLU A 25 3.38 7.77 5.18
CA GLU A 25 2.67 8.57 4.18
C GLU A 25 2.07 7.67 3.10
N LEU A 26 2.63 6.48 2.95
CA LEU A 26 2.15 5.52 1.96
C LEU A 26 0.73 5.05 2.29
N GLY A 27 0.54 4.59 3.51
CA GLY A 27 -0.77 4.12 3.94
C GLY A 27 -1.86 5.13 3.65
N LYS A 28 -1.63 6.38 4.02
CA LYS A 28 -2.61 7.44 3.80
C LYS A 28 -2.99 7.53 2.33
N ARG A 29 -2.08 7.11 1.47
CA ARG A 29 -2.32 7.14 0.03
C ARG A 29 -2.94 5.83 -0.46
N LEU A 30 -2.81 4.78 0.36
CA LEU A 30 -3.36 3.48 0.03
C LEU A 30 -4.87 3.44 0.26
N TYR A 31 -5.27 3.75 1.49
CA TYR A 31 -6.68 3.75 1.83
C TYR A 31 -7.46 4.73 0.98
N GLU A 32 -6.74 5.68 0.38
CA GLU A 32 -7.37 6.69 -0.48
C GLU A 32 -7.19 6.34 -1.95
N SER A 33 -6.54 5.21 -2.20
CA SER A 33 -6.31 4.77 -3.57
C SER A 33 -7.08 3.48 -3.86
N VAL A 34 -7.11 2.58 -2.88
CA VAL A 34 -7.81 1.31 -3.04
C VAL A 34 -9.26 1.43 -2.58
N SER A 35 -10.18 0.96 -3.40
CA SER A 35 -11.61 1.01 -3.09
C SER A 35 -12.11 -0.35 -2.62
N LYS A 36 -13.40 -0.42 -2.33
CA LYS A 36 -14.02 -1.67 -1.87
C LYS A 36 -13.88 -2.76 -2.92
N GLN A 37 -13.64 -2.36 -4.16
CA GLN A 37 -13.49 -3.31 -5.26
C GLN A 37 -12.07 -3.86 -5.29
N ALA A 38 -11.09 -2.98 -5.45
CA ALA A 38 -9.70 -3.39 -5.50
C ALA A 38 -9.25 -4.00 -4.18
N TRP A 39 -10.02 -3.76 -3.13
CA TRP A 39 -9.71 -4.29 -1.81
C TRP A 39 -9.47 -5.80 -1.88
N GLN A 40 -10.22 -6.47 -2.73
CA GLN A 40 -10.09 -7.91 -2.90
C GLN A 40 -8.77 -8.28 -3.56
N ASP A 41 -8.38 -7.49 -4.56
CA ASP A 41 -7.13 -7.72 -5.27
C ASP A 41 -5.93 -7.34 -4.41
N TRP A 42 -6.15 -6.42 -3.48
CA TRP A 42 -5.08 -5.97 -2.58
C TRP A 42 -4.84 -6.97 -1.46
N LEU A 43 -5.90 -7.32 -0.75
CA LEU A 43 -5.81 -8.28 0.34
C LEU A 43 -5.39 -9.65 -0.16
N LYS A 44 -5.59 -9.88 -1.45
CA LYS A 44 -5.22 -11.16 -2.06
C LYS A 44 -3.71 -11.28 -2.21
N GLN A 45 -3.12 -10.34 -2.94
CA GLN A 45 -1.68 -10.33 -3.16
C GLN A 45 -0.92 -10.27 -1.84
N GLN A 46 -1.52 -9.62 -0.85
CA GLN A 46 -0.91 -9.47 0.46
C GLN A 46 -0.47 -10.83 1.00
N THR A 47 -1.29 -11.85 0.76
CA THR A 47 -0.99 -13.20 1.22
C THR A 47 -0.15 -13.96 0.19
N MET A 48 -0.35 -13.63 -1.08
CA MET A 48 0.40 -14.28 -2.16
C MET A 48 1.89 -14.02 -2.02
N LEU A 49 2.25 -12.80 -1.63
CA LEU A 49 3.64 -12.43 -1.47
C LEU A 49 4.24 -13.10 -0.24
N ILE A 50 3.47 -13.16 0.84
CA ILE A 50 3.92 -13.78 2.08
C ILE A 50 4.18 -15.28 1.88
N ASN A 51 3.40 -15.89 0.99
CA ASN A 51 3.55 -17.31 0.70
C ASN A 51 4.55 -17.55 -0.42
N GLU A 52 4.68 -16.56 -1.30
CA GLU A 52 5.61 -16.65 -2.43
C GLU A 52 7.03 -16.30 -2.00
N ASN A 53 7.14 -15.57 -0.89
CA ASN A 53 8.44 -15.17 -0.37
C ASN A 53 8.69 -15.76 1.01
N ARG A 54 7.63 -16.31 1.62
CA ARG A 54 7.73 -16.91 2.94
C ARG A 54 8.22 -15.89 3.96
N LEU A 55 7.71 -14.66 3.88
CA LEU A 55 8.10 -13.60 4.80
C LEU A 55 7.53 -13.85 6.19
N ASN A 56 7.95 -13.02 7.15
CA ASN A 56 7.48 -13.15 8.52
C ASN A 56 6.45 -12.08 8.85
N MET A 57 5.17 -12.43 8.69
CA MET A 57 4.08 -11.50 8.96
C MET A 57 4.21 -10.91 10.36
N ALA A 58 4.61 -11.74 11.32
CA ALA A 58 4.79 -11.29 12.69
C ALA A 58 5.66 -10.04 12.77
N ASP A 59 6.67 -9.99 11.91
CA ASP A 59 7.59 -8.85 11.87
C ASP A 59 7.20 -7.89 10.76
N PRO A 60 7.66 -6.63 10.88
CA PRO A 60 7.38 -5.58 9.89
C PRO A 60 8.09 -5.82 8.58
N ARG A 61 9.01 -6.78 8.57
CA ARG A 61 9.77 -7.11 7.36
C ARG A 61 8.84 -7.51 6.22
N ALA A 62 7.71 -8.13 6.57
CA ALA A 62 6.74 -8.56 5.58
C ALA A 62 5.87 -7.39 5.13
N ARG A 63 5.65 -6.43 6.03
CA ARG A 63 4.84 -5.26 5.71
C ARG A 63 5.64 -4.22 4.95
N GLN A 64 6.96 -4.23 5.15
CA GLN A 64 7.84 -3.29 4.47
C GLN A 64 8.21 -3.78 3.08
N TYR A 65 8.11 -5.09 2.87
CA TYR A 65 8.43 -5.68 1.58
C TYR A 65 7.20 -5.68 0.66
N LEU A 66 6.02 -5.78 1.25
CA LEU A 66 4.79 -5.78 0.49
C LEU A 66 4.42 -4.37 0.04
N MET A 67 4.67 -3.39 0.90
CA MET A 67 4.38 -2.00 0.59
C MET A 67 5.09 -1.57 -0.69
N LYS A 68 6.17 -2.26 -1.02
CA LYS A 68 6.94 -1.94 -2.22
C LYS A 68 6.23 -2.46 -3.47
N GLN A 69 5.36 -3.44 -3.29
CA GLN A 69 4.62 -4.02 -4.41
C GLN A 69 3.30 -3.28 -4.62
N THR A 70 2.83 -2.61 -3.57
CA THR A 70 1.57 -1.87 -3.65
C THR A 70 1.81 -0.43 -4.10
N GLU A 71 2.97 0.12 -3.72
CA GLU A 71 3.32 1.49 -4.08
C GLU A 71 3.74 1.56 -5.55
N LYS A 72 4.78 0.82 -5.91
CA LYS A 72 5.27 0.81 -7.27
C LYS A 72 4.18 0.39 -8.25
N TYR A 73 3.13 -0.24 -7.72
CA TYR A 73 2.02 -0.70 -8.54
C TYR A 73 1.35 0.47 -9.26
N PHE A 74 0.62 1.28 -8.50
CA PHE A 74 -0.07 2.43 -9.07
C PHE A 74 0.78 3.69 -8.94
N PHE A 75 1.29 3.93 -7.73
CA PHE A 75 2.12 5.10 -7.47
C PHE A 75 3.43 5.01 -8.22
N GLY A 76 3.92 3.79 -8.41
CA GLY A 76 5.17 3.60 -9.13
C GLY A 76 6.37 4.13 -8.37
N GLU A 77 6.61 5.43 -8.48
CA GLU A 77 7.73 6.07 -7.80
C GLU A 77 7.24 7.05 -6.74
N GLY A 78 5.98 7.49 -6.88
CA GLY A 78 5.42 8.42 -5.93
C GLY A 78 6.27 9.66 -5.76
N ALA A 79 6.08 10.64 -6.64
CA ALA A 79 6.84 11.88 -6.58
C ALA A 79 6.71 12.54 -5.21
N ASP A 80 7.82 12.67 -4.51
CA ASP A 80 7.82 13.29 -3.19
C ASP A 80 9.22 13.81 -2.84
N GLN A 81 9.26 14.93 -2.12
CA GLN A 81 10.53 15.54 -1.72
C GLN A 81 11.36 14.55 -0.91
N ALA A 82 12.67 14.77 -0.88
CA ALA A 82 13.58 13.91 -0.14
C ALA A 82 14.77 14.69 0.39
N SER A 83 14.83 14.87 1.71
CA SER A 83 15.92 15.61 2.34
C SER A 83 16.02 15.25 3.82
N GLY A 84 17.26 15.12 4.30
CA GLY A 84 17.49 14.78 5.69
C GLY A 84 18.56 13.72 5.87
N TYR A 85 19.77 14.16 6.20
CA TYR A 85 20.89 13.24 6.40
C TYR A 85 21.20 13.08 7.88
N VAL A 86 22.08 12.13 8.18
CA VAL A 86 22.47 11.87 9.56
C VAL A 86 23.98 11.65 9.67
N PRO A 87 24.52 11.90 10.88
CA PRO A 87 25.96 11.73 11.14
C PRO A 87 26.38 10.27 11.13
N PRO A 88 27.70 10.05 11.12
CA PRO A 88 28.28 8.69 11.11
C PRO A 88 28.07 7.97 12.43
N ALA A 89 28.68 6.79 12.55
CA ALA A 89 28.57 5.99 13.77
C ALA A 89 29.86 5.25 14.07
N GLN A 90 30.04 4.85 15.32
CA GLN A 90 31.24 4.13 15.73
C GLN A 90 31.01 3.38 17.04
N GLY A 91 31.82 2.36 17.29
CA GLY A 91 31.68 1.58 18.50
C GLY A 91 33.02 1.19 19.09
N MET A 1 -21.49 5.29 4.08
CA MET A 1 -20.24 5.48 3.34
C MET A 1 -19.11 5.84 4.30
N ALA A 2 -17.92 5.34 4.00
CA ALA A 2 -16.75 5.60 4.84
C ALA A 2 -16.05 6.89 4.40
N ARG A 3 -15.44 6.87 3.22
CA ARG A 3 -14.74 8.03 2.70
C ARG A 3 -15.00 8.20 1.21
N MET A 4 -14.27 9.10 0.58
CA MET A 4 -14.42 9.36 -0.85
C MET A 4 -13.07 9.49 -1.53
N ILE A 5 -12.63 8.43 -2.19
CA ILE A 5 -11.35 8.42 -2.89
C ILE A 5 -11.41 7.62 -4.18
N HIS A 6 -10.37 7.71 -4.99
CA HIS A 6 -10.31 6.99 -6.25
C HIS A 6 -9.49 5.71 -6.11
N CYS A 7 -10.18 4.58 -6.01
CA CYS A 7 -9.51 3.29 -5.86
C CYS A 7 -8.36 3.16 -6.85
N ALA A 8 -7.15 3.08 -6.33
CA ALA A 8 -5.96 2.95 -7.17
C ALA A 8 -5.78 1.51 -7.65
N LYS A 9 -6.67 0.64 -7.22
CA LYS A 9 -6.62 -0.77 -7.60
C LYS A 9 -7.55 -1.05 -8.79
N LEU A 10 -8.55 -0.21 -8.94
CA LEU A 10 -9.52 -0.37 -10.03
C LEU A 10 -9.46 0.82 -10.98
N GLY A 11 -9.67 2.02 -10.43
CA GLY A 11 -9.63 3.22 -11.25
C GLY A 11 -10.92 4.01 -11.17
N LYS A 12 -11.78 3.65 -10.22
CA LYS A 12 -13.06 4.34 -10.05
C LYS A 12 -13.13 5.03 -8.70
N GLU A 13 -14.32 5.47 -8.31
CA GLU A 13 -14.51 6.16 -7.05
C GLU A 13 -15.06 5.19 -5.99
N ALA A 14 -14.24 4.89 -5.00
CA ALA A 14 -14.65 3.99 -3.93
C ALA A 14 -14.36 4.60 -2.55
N GLU A 15 -14.95 4.01 -1.52
CA GLU A 15 -14.77 4.51 -0.15
C GLU A 15 -13.35 4.21 0.34
N GLY A 16 -12.68 5.25 0.82
CA GLY A 16 -11.32 5.09 1.30
C GLY A 16 -11.28 4.62 2.75
N LEU A 17 -10.10 4.16 3.19
CA LEU A 17 -9.94 3.68 4.56
C LEU A 17 -10.16 4.81 5.56
N ASP A 18 -10.02 4.48 6.84
CA ASP A 18 -10.20 5.48 7.90
C ASP A 18 -9.18 5.24 9.03
N PHE A 19 -7.97 4.86 8.65
CA PHE A 19 -6.91 4.61 9.62
C PHE A 19 -5.65 4.10 8.93
N PRO A 20 -4.49 4.50 9.48
CA PRO A 20 -3.19 4.10 8.93
C PRO A 20 -2.89 2.62 9.15
N PRO A 21 -2.30 1.98 8.13
CA PRO A 21 -1.95 0.56 8.18
C PRO A 21 -0.81 0.27 9.15
N LEU A 22 0.10 1.23 9.27
CA LEU A 22 1.24 1.08 10.17
C LEU A 22 2.14 2.33 10.11
N PRO A 23 2.75 2.56 8.94
CA PRO A 23 3.63 3.71 8.73
C PRO A 23 2.88 5.03 8.72
N GLY A 24 3.59 6.11 9.02
CA GLY A 24 2.97 7.42 9.04
C GLY A 24 3.22 8.21 7.77
N GLU A 25 4.31 7.89 7.08
CA GLU A 25 4.67 8.57 5.85
C GLU A 25 3.98 7.92 4.65
N LEU A 26 4.03 6.60 4.59
CA LEU A 26 3.41 5.85 3.51
C LEU A 26 1.99 5.43 3.87
N GLY A 27 1.79 5.07 5.13
CA GLY A 27 0.47 4.66 5.58
C GLY A 27 -0.54 5.78 5.52
N LYS A 28 -0.17 6.95 6.05
CA LYS A 28 -1.05 8.10 6.05
C LYS A 28 -1.61 8.36 4.65
N ARG A 29 -0.82 8.04 3.64
CA ARG A 29 -1.23 8.23 2.25
C ARG A 29 -1.91 6.98 1.70
N LEU A 30 -1.62 5.84 2.32
CA LEU A 30 -2.20 4.57 1.89
C LEU A 30 -3.72 4.57 2.09
N TYR A 31 -4.15 4.86 3.30
CA TYR A 31 -5.58 4.89 3.62
C TYR A 31 -6.29 5.93 2.77
N GLU A 32 -5.52 6.84 2.18
CA GLU A 32 -6.09 7.89 1.34
C GLU A 32 -6.04 7.50 -0.13
N SER A 33 -5.46 6.33 -0.40
CA SER A 33 -5.35 5.84 -1.78
C SER A 33 -6.13 4.54 -1.95
N VAL A 34 -6.08 3.69 -0.94
CA VAL A 34 -6.79 2.41 -0.98
C VAL A 34 -8.26 2.58 -0.62
N SER A 35 -9.11 1.73 -1.20
CA SER A 35 -10.54 1.79 -0.94
C SER A 35 -11.04 0.50 -0.32
N LYS A 36 -12.35 0.42 -0.09
CA LYS A 36 -12.95 -0.77 0.51
C LYS A 36 -12.84 -1.96 -0.43
N GLN A 37 -12.63 -1.68 -1.71
CA GLN A 37 -12.51 -2.74 -2.71
C GLN A 37 -11.10 -3.34 -2.71
N ALA A 38 -10.11 -2.49 -2.95
CA ALA A 38 -8.72 -2.93 -2.96
C ALA A 38 -8.31 -3.51 -1.61
N TRP A 39 -9.00 -3.10 -0.56
CA TRP A 39 -8.71 -3.58 0.79
C TRP A 39 -8.66 -5.10 0.82
N GLN A 40 -9.45 -5.74 -0.04
CA GLN A 40 -9.50 -7.20 -0.10
C GLN A 40 -8.43 -7.73 -1.04
N ASP A 41 -8.16 -7.00 -2.11
CA ASP A 41 -7.15 -7.40 -3.08
C ASP A 41 -5.76 -7.38 -2.46
N TRP A 42 -5.44 -6.29 -1.77
CA TRP A 42 -4.14 -6.15 -1.13
C TRP A 42 -3.84 -7.34 -0.23
N LEU A 43 -4.89 -7.88 0.39
CA LEU A 43 -4.74 -9.03 1.28
C LEU A 43 -4.35 -10.28 0.50
N LYS A 44 -4.88 -10.40 -0.72
CA LYS A 44 -4.59 -11.54 -1.58
C LYS A 44 -3.12 -11.62 -1.91
N GLN A 45 -2.55 -10.49 -2.36
CA GLN A 45 -1.13 -10.44 -2.71
C GLN A 45 -0.26 -10.51 -1.46
N GLN A 46 -0.76 -9.95 -0.36
CA GLN A 46 -0.02 -9.95 0.90
C GLN A 46 0.45 -11.36 1.25
N THR A 47 -0.43 -12.34 1.04
CA THR A 47 -0.11 -13.73 1.34
C THR A 47 0.77 -14.34 0.25
N MET A 48 0.67 -13.80 -0.95
CA MET A 48 1.46 -14.28 -2.08
C MET A 48 2.92 -13.89 -1.93
N LEU A 49 3.17 -12.74 -1.31
CA LEU A 49 4.52 -12.25 -1.09
C LEU A 49 5.19 -12.96 0.08
N ILE A 50 4.41 -13.19 1.14
CA ILE A 50 4.93 -13.87 2.32
C ILE A 50 5.27 -15.32 2.02
N ASN A 51 4.46 -15.96 1.18
CA ASN A 51 4.69 -17.34 0.80
C ASN A 51 5.79 -17.46 -0.24
N GLU A 52 5.77 -16.54 -1.21
CA GLU A 52 6.77 -16.54 -2.27
C GLU A 52 8.14 -16.12 -1.73
N ASN A 53 8.21 -14.88 -1.23
CA ASN A 53 9.46 -14.36 -0.68
C ASN A 53 9.85 -15.10 0.59
N ARG A 54 8.90 -15.81 1.17
CA ARG A 54 9.13 -16.56 2.40
C ARG A 54 9.60 -15.64 3.51
N LEU A 55 8.84 -14.59 3.76
CA LEU A 55 9.17 -13.62 4.81
C LEU A 55 8.64 -14.08 6.16
N ASN A 56 9.08 -13.42 7.23
CA ASN A 56 8.65 -13.76 8.58
C ASN A 56 7.68 -12.71 9.12
N MET A 57 6.39 -12.99 8.97
CA MET A 57 5.36 -12.07 9.44
C MET A 57 5.61 -11.68 10.90
N ALA A 58 6.20 -12.60 11.66
CA ALA A 58 6.49 -12.35 13.07
C ALA A 58 7.28 -11.04 13.24
N ASP A 59 8.05 -10.68 12.23
CA ASP A 59 8.85 -9.47 12.27
C ASP A 59 8.32 -8.43 11.27
N PRO A 60 8.68 -7.15 11.49
CA PRO A 60 8.25 -6.05 10.63
C PRO A 60 8.90 -6.11 9.26
N ARG A 61 9.98 -6.87 9.15
CA ARG A 61 10.70 -7.01 7.88
C ARG A 61 9.74 -7.39 6.76
N ALA A 62 8.88 -8.37 7.03
CA ALA A 62 7.91 -8.83 6.05
C ALA A 62 6.98 -7.70 5.61
N ARG A 63 6.77 -6.74 6.50
CA ARG A 63 5.91 -5.60 6.21
C ARG A 63 6.68 -4.49 5.49
N GLN A 64 7.96 -4.35 5.82
CA GLN A 64 8.80 -3.35 5.20
C GLN A 64 8.96 -3.61 3.71
N TYR A 65 8.78 -4.86 3.32
CA TYR A 65 8.91 -5.25 1.91
C TYR A 65 7.57 -5.15 1.19
N LEU A 66 6.49 -5.47 1.92
CA LEU A 66 5.15 -5.41 1.35
C LEU A 66 4.81 -4.01 0.89
N MET A 67 5.18 -3.02 1.71
CA MET A 67 4.91 -1.62 1.38
C MET A 67 5.53 -1.24 0.04
N LYS A 68 6.57 -1.97 -0.36
CA LYS A 68 7.25 -1.71 -1.62
C LYS A 68 6.42 -2.21 -2.79
N GLN A 69 5.49 -3.13 -2.51
CA GLN A 69 4.63 -3.68 -3.55
C GLN A 69 3.38 -2.83 -3.74
N THR A 70 2.97 -2.14 -2.67
CA THR A 70 1.78 -1.29 -2.72
C THR A 70 2.15 0.13 -3.12
N GLU A 71 3.28 0.62 -2.61
CA GLU A 71 3.75 1.96 -2.92
C GLU A 71 4.17 2.07 -4.39
N LYS A 72 5.13 1.24 -4.77
CA LYS A 72 5.63 1.24 -6.15
C LYS A 72 4.49 1.01 -7.14
N TYR A 73 3.38 0.48 -6.65
CA TYR A 73 2.22 0.21 -7.49
C TYR A 73 1.61 1.51 -8.00
N PHE A 74 0.93 2.23 -7.12
CA PHE A 74 0.30 3.50 -7.48
C PHE A 74 1.20 4.67 -7.12
N PHE A 75 1.76 4.64 -5.92
CA PHE A 75 2.63 5.72 -5.45
C PHE A 75 3.95 5.71 -6.21
N GLY A 76 4.14 4.68 -7.03
CA GLY A 76 5.37 4.58 -7.81
C GLY A 76 5.11 4.56 -9.31
N GLU A 77 5.31 3.40 -9.93
CA GLU A 77 5.10 3.26 -11.36
C GLU A 77 3.73 3.80 -11.77
N GLY A 78 2.77 3.73 -10.85
CA GLY A 78 1.44 4.21 -11.12
C GLY A 78 1.26 5.67 -10.73
N ALA A 79 2.27 6.48 -11.01
CA ALA A 79 2.23 7.91 -10.69
C ALA A 79 2.62 8.76 -11.88
N ASP A 80 1.99 9.92 -12.01
CA ASP A 80 2.28 10.83 -13.12
C ASP A 80 3.19 11.96 -12.66
N GLN A 81 4.07 11.67 -11.72
CA GLN A 81 5.00 12.66 -11.19
C GLN A 81 6.43 12.14 -11.21
N ALA A 82 7.38 13.02 -10.91
CA ALA A 82 8.80 12.65 -10.90
C ALA A 82 9.32 12.55 -9.46
N SER A 83 9.88 11.39 -9.14
CA SER A 83 10.41 11.16 -7.79
C SER A 83 11.42 10.02 -7.81
N GLY A 84 12.58 10.25 -7.19
CA GLY A 84 13.62 9.24 -7.14
C GLY A 84 13.68 8.53 -5.80
N TYR A 85 14.78 7.85 -5.54
CA TYR A 85 14.96 7.12 -4.29
C TYR A 85 14.91 8.07 -3.09
N VAL A 86 14.94 7.50 -1.89
CA VAL A 86 14.90 8.30 -0.66
C VAL A 86 15.56 7.56 0.49
N PRO A 87 16.90 7.57 0.50
CA PRO A 87 17.69 6.91 1.55
C PRO A 87 17.58 7.61 2.89
N PRO A 88 18.04 6.95 3.95
CA PRO A 88 18.01 7.49 5.31
C PRO A 88 18.97 8.65 5.50
N ALA A 89 19.14 9.10 6.74
CA ALA A 89 20.04 10.20 7.04
C ALA A 89 20.97 9.84 8.19
N GLN A 90 22.14 9.31 7.84
CA GLN A 90 23.13 8.92 8.84
C GLN A 90 24.38 9.79 8.74
N GLY A 91 24.35 10.94 9.41
CA GLY A 91 25.48 11.84 9.37
C GLY A 91 26.64 11.35 10.22
N MET A 1 -16.34 3.98 8.31
CA MET A 1 -15.28 4.53 7.49
C MET A 1 -14.09 4.95 8.34
N ALA A 2 -12.95 5.16 7.70
CA ALA A 2 -11.73 5.56 8.39
C ALA A 2 -11.33 6.98 8.03
N ARG A 3 -10.77 7.15 6.83
CA ARG A 3 -10.34 8.45 6.35
C ARG A 3 -10.84 8.71 4.93
N MET A 4 -10.32 9.77 4.32
CA MET A 4 -10.72 10.12 2.95
C MET A 4 -9.49 10.43 2.10
N ILE A 5 -9.08 9.45 1.29
CA ILE A 5 -7.92 9.62 0.43
C ILE A 5 -8.10 8.87 -0.88
N HIS A 6 -7.19 9.10 -1.82
CA HIS A 6 -7.25 8.43 -3.13
C HIS A 6 -6.21 7.32 -3.21
N CYS A 7 -6.65 6.09 -3.01
CA CYS A 7 -5.76 4.94 -3.07
C CYS A 7 -4.84 5.02 -4.29
N ALA A 8 -3.54 5.15 -4.03
CA ALA A 8 -2.56 5.25 -5.10
C ALA A 8 -2.31 3.88 -5.74
N LYS A 9 -2.79 2.83 -5.09
CA LYS A 9 -2.62 1.48 -5.58
C LYS A 9 -3.76 1.10 -6.53
N LEU A 10 -4.99 1.44 -6.14
CA LEU A 10 -6.16 1.13 -6.95
C LEU A 10 -6.36 2.20 -8.02
N GLY A 11 -6.28 3.46 -7.62
CA GLY A 11 -6.46 4.56 -8.55
C GLY A 11 -7.83 5.18 -8.46
N LYS A 12 -8.32 5.36 -7.24
CA LYS A 12 -9.63 5.96 -7.01
C LYS A 12 -9.76 6.46 -5.58
N GLU A 13 -10.98 6.82 -5.19
CA GLU A 13 -11.23 7.31 -3.84
C GLU A 13 -11.52 6.16 -2.89
N ALA A 14 -10.69 6.04 -1.85
CA ALA A 14 -10.86 4.98 -0.86
C ALA A 14 -10.66 5.53 0.55
N GLU A 15 -10.96 4.69 1.55
CA GLU A 15 -10.82 5.08 2.94
C GLU A 15 -9.37 5.01 3.38
N GLY A 16 -8.82 6.15 3.82
CA GLY A 16 -7.44 6.19 4.26
C GLY A 16 -7.21 5.32 5.48
N LEU A 17 -5.93 5.01 5.74
CA LEU A 17 -5.57 4.18 6.89
C LEU A 17 -5.56 5.00 8.17
N ASP A 18 -5.34 6.30 8.03
CA ASP A 18 -5.32 7.20 9.18
C ASP A 18 -4.53 6.57 10.34
N PHE A 19 -3.44 5.90 10.01
CA PHE A 19 -2.61 5.25 11.01
C PHE A 19 -1.21 4.98 10.47
N PRO A 20 -0.28 5.92 10.74
CA PRO A 20 1.11 5.81 10.29
C PRO A 20 1.87 4.70 11.01
N PRO A 21 2.23 3.64 10.26
CA PRO A 21 2.97 2.50 10.82
C PRO A 21 4.40 2.86 11.19
N LEU A 22 5.10 3.51 10.26
CA LEU A 22 6.48 3.91 10.49
C LEU A 22 6.57 5.38 10.85
N PRO A 23 7.41 5.70 11.85
CA PRO A 23 7.61 7.07 12.32
C PRO A 23 8.35 7.93 11.29
N GLY A 24 9.05 7.28 10.38
CA GLY A 24 9.79 8.00 9.36
C GLY A 24 8.89 8.81 8.45
N GLU A 25 9.41 9.21 7.29
CA GLU A 25 8.64 9.99 6.34
C GLU A 25 7.81 9.09 5.43
N LEU A 26 8.40 7.98 5.01
CA LEU A 26 7.72 7.03 4.14
C LEU A 26 6.44 6.52 4.79
N GLY A 27 6.57 5.97 5.99
CA GLY A 27 5.42 5.45 6.70
C GLY A 27 4.29 6.46 6.79
N LYS A 28 4.60 7.65 7.30
CA LYS A 28 3.61 8.70 7.45
C LYS A 28 2.99 9.05 6.09
N ARG A 29 3.71 8.74 5.02
CA ARG A 29 3.24 9.03 3.67
C ARG A 29 2.48 7.84 3.10
N LEU A 30 2.68 6.67 3.70
CA LEU A 30 2.01 5.45 3.25
C LEU A 30 0.54 5.44 3.70
N TYR A 31 0.32 5.76 4.97
CA TYR A 31 -1.03 5.79 5.52
C TYR A 31 -1.84 6.94 4.92
N GLU A 32 -1.14 7.92 4.36
CA GLU A 32 -1.80 9.07 3.76
C GLU A 32 -1.85 8.93 2.24
N SER A 33 -1.32 7.82 1.74
CA SER A 33 -1.30 7.56 0.30
C SER A 33 -2.15 6.35 -0.05
N VAL A 34 -2.06 5.31 0.78
CA VAL A 34 -2.82 4.09 0.56
C VAL A 34 -4.15 4.13 1.32
N SER A 35 -4.98 3.11 1.09
CA SER A 35 -6.28 3.04 1.73
C SER A 35 -6.61 1.59 2.09
N LYS A 36 -7.81 1.38 2.64
CA LYS A 36 -8.26 0.05 3.02
C LYS A 36 -8.69 -0.75 1.80
N GLN A 37 -8.99 -0.06 0.71
CA GLN A 37 -9.42 -0.71 -0.52
C GLN A 37 -8.25 -1.41 -1.20
N ALA A 38 -7.13 -0.71 -1.32
CA ALA A 38 -5.94 -1.27 -1.95
C ALA A 38 -5.08 -2.02 -0.93
N TRP A 39 -5.40 -1.84 0.35
CA TRP A 39 -4.66 -2.50 1.42
C TRP A 39 -4.56 -4.00 1.16
N GLN A 40 -5.59 -4.57 0.54
CA GLN A 40 -5.62 -6.00 0.24
C GLN A 40 -4.52 -6.36 -0.74
N ASP A 41 -4.31 -5.50 -1.74
CA ASP A 41 -3.29 -5.74 -2.75
C ASP A 41 -1.90 -5.42 -2.21
N TRP A 42 -1.86 -4.57 -1.18
CA TRP A 42 -0.59 -4.18 -0.56
C TRP A 42 -0.08 -5.28 0.37
N LEU A 43 -0.99 -5.86 1.14
CA LEU A 43 -0.63 -6.92 2.07
C LEU A 43 -0.33 -8.23 1.34
N LYS A 44 -0.90 -8.37 0.14
CA LYS A 44 -0.69 -9.56 -0.67
C LYS A 44 0.81 -9.82 -0.87
N GLN A 45 1.49 -8.85 -1.45
CA GLN A 45 2.92 -8.97 -1.70
C GLN A 45 3.69 -9.10 -0.39
N GLN A 46 3.20 -8.46 0.65
CA GLN A 46 3.84 -8.50 1.96
C GLN A 46 4.13 -9.94 2.37
N THR A 47 3.18 -10.82 2.13
CA THR A 47 3.34 -12.23 2.47
C THR A 47 4.11 -12.98 1.40
N MET A 48 4.11 -12.44 0.19
CA MET A 48 4.83 -13.06 -0.92
C MET A 48 6.34 -12.87 -0.78
N LEU A 49 6.73 -11.74 -0.20
CA LEU A 49 8.14 -11.43 0.00
C LEU A 49 8.68 -12.13 1.24
N ILE A 50 7.88 -12.16 2.30
CA ILE A 50 8.27 -12.81 3.55
C ILE A 50 8.51 -14.30 3.34
N ASN A 51 7.69 -14.91 2.49
CA ASN A 51 7.81 -16.34 2.20
C ASN A 51 8.92 -16.59 1.18
N GLU A 52 8.94 -15.78 0.12
CA GLU A 52 9.94 -15.92 -0.92
C GLU A 52 11.33 -15.59 -0.40
N ASN A 53 11.55 -14.33 -0.04
CA ASN A 53 12.84 -13.89 0.48
C ASN A 53 13.15 -14.57 1.80
N ARG A 54 12.13 -15.09 2.45
CA ARG A 54 12.29 -15.76 3.73
C ARG A 54 12.80 -14.80 4.80
N LEU A 55 12.12 -13.67 4.94
CA LEU A 55 12.50 -12.66 5.91
C LEU A 55 11.96 -13.02 7.29
N ASN A 56 12.47 -12.33 8.31
CA ASN A 56 12.05 -12.58 9.70
C ASN A 56 11.17 -11.44 10.20
N MET A 57 9.87 -11.60 10.08
CA MET A 57 8.92 -10.59 10.53
C MET A 57 9.19 -10.20 11.99
N ALA A 58 9.74 -11.14 12.75
CA ALA A 58 10.06 -10.89 14.15
C ALA A 58 10.88 -9.61 14.32
N ASP A 59 11.66 -9.28 13.31
CA ASP A 59 12.49 -8.07 13.34
C ASP A 59 11.96 -7.02 12.37
N PRO A 60 12.36 -5.76 12.58
CA PRO A 60 11.94 -4.64 11.74
C PRO A 60 12.55 -4.70 10.35
N ARG A 61 13.64 -5.45 10.22
CA ARG A 61 14.32 -5.59 8.94
C ARG A 61 13.35 -6.00 7.84
N ALA A 62 12.50 -6.98 8.14
CA ALA A 62 11.52 -7.46 7.18
C ALA A 62 10.61 -6.32 6.71
N ARG A 63 10.45 -5.31 7.56
CA ARG A 63 9.61 -4.17 7.23
C ARG A 63 10.41 -3.08 6.53
N GLN A 64 11.72 -3.07 6.77
CA GLN A 64 12.60 -2.08 6.16
C GLN A 64 12.83 -2.40 4.69
N TYR A 65 12.65 -3.66 4.33
CA TYR A 65 12.84 -4.08 2.95
C TYR A 65 11.54 -3.97 2.15
N LEU A 66 10.43 -4.30 2.80
CA LEU A 66 9.12 -4.24 2.15
C LEU A 66 8.82 -2.81 1.68
N MET A 67 9.17 -1.84 2.50
CA MET A 67 8.95 -0.43 2.16
C MET A 67 9.62 -0.08 0.84
N LYS A 68 10.65 -0.84 0.49
CA LYS A 68 11.39 -0.60 -0.75
C LYS A 68 10.59 -1.08 -1.96
N GLN A 69 9.64 -1.98 -1.71
CA GLN A 69 8.79 -2.51 -2.78
C GLN A 69 7.56 -1.64 -2.99
N THR A 70 7.10 -1.00 -1.92
CA THR A 70 5.92 -0.15 -1.97
C THR A 70 6.30 1.27 -2.38
N GLU A 71 7.41 1.76 -1.82
CA GLU A 71 7.88 3.12 -2.13
C GLU A 71 8.24 3.25 -3.61
N LYS A 72 9.20 2.44 -4.05
CA LYS A 72 9.64 2.47 -5.44
C LYS A 72 8.47 2.20 -6.38
N TYR A 73 7.39 1.64 -5.84
CA TYR A 73 6.21 1.33 -6.65
C TYR A 73 5.53 2.61 -7.10
N PHE A 74 4.87 3.30 -6.16
CA PHE A 74 4.17 4.54 -6.48
C PHE A 74 5.04 5.74 -6.19
N PHE A 75 5.66 5.75 -5.01
CA PHE A 75 6.53 6.85 -4.61
C PHE A 75 7.81 6.88 -5.45
N GLY A 76 8.00 5.84 -6.26
CA GLY A 76 9.18 5.75 -7.10
C GLY A 76 8.83 5.75 -8.58
N GLU A 77 9.02 4.61 -9.23
CA GLU A 77 8.73 4.48 -10.65
C GLU A 77 7.34 5.00 -10.97
N GLY A 78 6.43 4.89 -10.00
CA GLY A 78 5.07 5.35 -10.20
C GLY A 78 4.23 4.37 -10.99
N ALA A 79 3.61 3.42 -10.29
CA ALA A 79 2.78 2.42 -10.93
C ALA A 79 1.58 3.06 -11.63
N ASP A 80 0.76 2.24 -12.28
CA ASP A 80 -0.42 2.73 -12.98
C ASP A 80 -1.68 2.03 -12.47
N GLN A 81 -2.81 2.41 -13.04
CA GLN A 81 -4.09 1.81 -12.65
C GLN A 81 -4.82 1.21 -13.85
N ALA A 82 -6.03 0.71 -13.63
CA ALA A 82 -6.81 0.11 -14.69
C ALA A 82 -8.24 -0.15 -14.23
N SER A 83 -9.19 0.52 -14.88
CA SER A 83 -10.61 0.36 -14.53
C SER A 83 -11.46 0.25 -15.79
N GLY A 84 -12.57 -0.49 -15.69
CA GLY A 84 -13.46 -0.65 -16.82
C GLY A 84 -14.79 0.04 -16.61
N TYR A 85 -15.72 -0.18 -17.54
CA TYR A 85 -17.04 0.43 -17.46
C TYR A 85 -17.81 -0.06 -16.24
N VAL A 86 -18.97 0.52 -16.01
CA VAL A 86 -19.82 0.14 -14.88
C VAL A 86 -21.30 0.21 -15.23
N PRO A 87 -21.74 -0.71 -16.11
CA PRO A 87 -23.14 -0.77 -16.54
C PRO A 87 -24.08 -1.23 -15.44
N PRO A 88 -25.39 -1.07 -15.66
CA PRO A 88 -26.42 -1.45 -14.69
C PRO A 88 -26.53 -2.96 -14.54
N ALA A 89 -26.46 -3.68 -15.66
CA ALA A 89 -26.56 -5.13 -15.65
C ALA A 89 -27.87 -5.59 -15.03
N GLN A 90 -28.93 -4.83 -15.27
CA GLN A 90 -30.25 -5.16 -14.74
C GLN A 90 -30.94 -6.20 -15.61
N GLY A 91 -30.62 -6.18 -16.91
CA GLY A 91 -31.23 -7.13 -17.84
C GLY A 91 -32.19 -6.45 -18.80
N MET A 1 -22.20 1.22 -0.22
CA MET A 1 -20.84 0.88 -0.63
C MET A 1 -19.84 1.31 0.43
N ALA A 2 -18.79 0.53 0.60
CA ALA A 2 -17.75 0.84 1.58
C ALA A 2 -17.22 2.26 1.39
N ARG A 3 -16.40 2.44 0.36
CA ARG A 3 -15.83 3.75 0.08
C ARG A 3 -15.76 3.99 -1.44
N MET A 4 -15.09 5.08 -1.82
CA MET A 4 -14.94 5.42 -3.23
C MET A 4 -13.54 5.95 -3.52
N ILE A 5 -12.68 5.08 -4.05
CA ILE A 5 -11.31 5.47 -4.38
C ILE A 5 -10.91 4.97 -5.76
N HIS A 6 -9.76 5.42 -6.23
CA HIS A 6 -9.27 5.02 -7.55
C HIS A 6 -8.26 3.88 -7.42
N CYS A 7 -8.72 2.65 -7.65
CA CYS A 7 -7.86 1.48 -7.56
C CYS A 7 -6.59 1.66 -8.39
N ALA A 8 -5.46 1.80 -7.72
CA ALA A 8 -4.19 1.99 -8.39
C ALA A 8 -3.64 0.66 -8.91
N LYS A 9 -4.36 -0.42 -8.63
CA LYS A 9 -3.96 -1.74 -9.07
C LYS A 9 -4.52 -2.06 -10.45
N LEU A 10 -5.74 -1.60 -10.71
CA LEU A 10 -6.40 -1.82 -11.99
C LEU A 10 -6.35 -0.57 -12.86
N GLY A 11 -6.73 0.57 -12.27
CA GLY A 11 -6.72 1.82 -13.01
C GLY A 11 -8.10 2.42 -13.14
N LYS A 12 -9.05 1.91 -12.36
CA LYS A 12 -10.42 2.41 -12.39
C LYS A 12 -10.88 2.82 -10.99
N GLU A 13 -12.17 3.13 -10.87
CA GLU A 13 -12.73 3.54 -9.59
C GLU A 13 -13.29 2.33 -8.84
N ALA A 14 -12.68 2.02 -7.70
CA ALA A 14 -13.12 0.89 -6.89
C ALA A 14 -13.35 1.31 -5.45
N GLU A 15 -13.97 0.43 -4.67
CA GLU A 15 -14.26 0.71 -3.27
C GLU A 15 -12.96 0.88 -2.46
N GLY A 16 -13.05 1.60 -1.35
CA GLY A 16 -11.89 1.83 -0.53
C GLY A 16 -11.93 1.04 0.78
N LEU A 17 -10.78 0.56 1.23
CA LEU A 17 -10.70 -0.21 2.47
C LEU A 17 -11.40 0.52 3.61
N ASP A 18 -11.37 1.85 3.55
CA ASP A 18 -12.01 2.68 4.58
C ASP A 18 -11.30 2.48 5.92
N PHE A 19 -9.99 2.31 5.88
CA PHE A 19 -9.21 2.10 7.10
C PHE A 19 -7.73 1.94 6.76
N PRO A 20 -6.89 2.82 7.35
CA PRO A 20 -5.44 2.78 7.12
C PRO A 20 -4.78 1.57 7.78
N PRO A 21 -3.87 0.92 7.04
CA PRO A 21 -3.15 -0.25 7.52
C PRO A 21 -2.16 0.09 8.63
N LEU A 22 -1.77 1.36 8.70
CA LEU A 22 -0.83 1.81 9.71
C LEU A 22 -1.01 3.30 9.99
N PRO A 23 -0.56 3.74 11.18
CA PRO A 23 -0.66 5.14 11.60
C PRO A 23 0.27 6.05 10.80
N GLY A 24 1.13 5.44 9.99
CA GLY A 24 2.06 6.21 9.17
C GLY A 24 1.37 7.06 8.15
N GLU A 25 2.14 7.79 7.35
CA GLU A 25 1.60 8.66 6.32
C GLU A 25 1.30 7.87 5.04
N LEU A 26 1.87 6.68 4.95
CA LEU A 26 1.67 5.83 3.79
C LEU A 26 0.38 5.02 3.91
N GLY A 27 -0.03 4.78 5.16
CA GLY A 27 -1.25 4.02 5.39
C GLY A 27 -2.48 4.73 4.87
N LYS A 28 -2.61 6.02 5.21
CA LYS A 28 -3.75 6.81 4.78
C LYS A 28 -3.91 6.76 3.25
N ARG A 29 -2.79 6.61 2.56
CA ARG A 29 -2.80 6.54 1.11
C ARG A 29 -2.92 5.10 0.63
N LEU A 30 -2.60 4.16 1.51
CA LEU A 30 -2.67 2.74 1.19
C LEU A 30 -4.11 2.25 1.15
N TYR A 31 -4.91 2.72 2.11
CA TYR A 31 -6.31 2.33 2.20
C TYR A 31 -7.14 3.08 1.16
N GLU A 32 -6.59 4.17 0.65
CA GLU A 32 -7.29 4.98 -0.35
C GLU A 32 -6.76 4.68 -1.75
N SER A 33 -5.82 3.75 -1.83
CA SER A 33 -5.23 3.38 -3.12
C SER A 33 -5.39 1.87 -3.37
N VAL A 34 -5.19 1.08 -2.32
CA VAL A 34 -5.31 -0.37 -2.41
C VAL A 34 -6.72 -0.77 -2.84
N SER A 35 -7.72 -0.05 -2.34
CA SER A 35 -9.11 -0.33 -2.65
C SER A 35 -9.52 -1.71 -2.13
N LYS A 36 -10.78 -2.05 -2.32
CA LYS A 36 -11.30 -3.35 -1.86
C LYS A 36 -10.95 -4.45 -2.85
N GLN A 37 -10.65 -4.06 -4.08
CA GLN A 37 -10.28 -5.02 -5.13
C GLN A 37 -8.85 -5.50 -4.95
N ALA A 38 -7.90 -4.59 -5.08
CA ALA A 38 -6.48 -4.92 -4.93
C ALA A 38 -6.19 -5.42 -3.53
N TRP A 39 -7.12 -5.18 -2.61
CA TRP A 39 -6.95 -5.62 -1.22
C TRP A 39 -6.53 -7.08 -1.15
N GLN A 40 -7.01 -7.87 -2.10
CA GLN A 40 -6.68 -9.30 -2.15
C GLN A 40 -5.30 -9.52 -2.76
N ASP A 41 -4.98 -8.73 -3.79
CA ASP A 41 -3.70 -8.85 -4.46
C ASP A 41 -2.56 -8.45 -3.53
N TRP A 42 -2.75 -7.36 -2.79
CA TRP A 42 -1.74 -6.88 -1.85
C TRP A 42 -1.32 -7.99 -0.90
N LEU A 43 -2.24 -8.92 -0.63
CA LEU A 43 -1.96 -10.02 0.28
C LEU A 43 -1.17 -11.12 -0.44
N LYS A 44 -1.44 -11.29 -1.73
CA LYS A 44 -0.76 -12.30 -2.53
C LYS A 44 0.73 -12.02 -2.61
N GLN A 45 1.09 -10.74 -2.68
CA GLN A 45 2.50 -10.35 -2.75
C GLN A 45 3.12 -10.32 -1.36
N GLN A 46 2.33 -9.96 -0.36
CA GLN A 46 2.81 -9.89 1.01
C GLN A 46 3.48 -11.20 1.42
N THR A 47 2.90 -12.32 0.98
CA THR A 47 3.44 -13.63 1.30
C THR A 47 4.44 -14.08 0.26
N MET A 48 4.13 -13.83 -1.02
CA MET A 48 5.00 -14.21 -2.11
C MET A 48 6.40 -13.61 -1.94
N LEU A 49 6.43 -12.31 -1.64
CA LEU A 49 7.69 -11.60 -1.45
C LEU A 49 8.48 -12.22 -0.30
N ILE A 50 7.81 -12.49 0.80
CA ILE A 50 8.44 -13.09 1.97
C ILE A 50 8.93 -14.50 1.67
N ASN A 51 8.12 -15.25 0.93
CA ASN A 51 8.47 -16.62 0.58
C ASN A 51 9.64 -16.65 -0.41
N GLU A 52 9.63 -15.71 -1.34
CA GLU A 52 10.68 -15.63 -2.36
C GLU A 52 11.97 -15.08 -1.75
N ASN A 53 11.90 -13.85 -1.26
CA ASN A 53 13.07 -13.19 -0.66
C ASN A 53 13.46 -13.89 0.63
N ARG A 54 12.57 -14.75 1.15
CA ARG A 54 12.84 -15.47 2.38
C ARG A 54 13.16 -14.53 3.53
N LEU A 55 12.26 -13.57 3.77
CA LEU A 55 12.46 -12.59 4.83
C LEU A 55 11.95 -13.13 6.17
N ASN A 56 12.20 -12.38 7.23
CA ASN A 56 11.77 -12.78 8.57
C ASN A 56 10.40 -12.20 8.89
N MET A 57 9.35 -12.82 8.37
CA MET A 57 7.99 -12.37 8.61
C MET A 57 7.74 -12.14 10.10
N ALA A 58 8.08 -13.14 10.90
CA ALA A 58 7.89 -13.05 12.35
C ALA A 58 8.51 -11.76 12.90
N ASP A 59 9.58 -11.30 12.25
CA ASP A 59 10.26 -10.09 12.68
C ASP A 59 9.84 -8.90 11.82
N PRO A 60 10.06 -7.68 12.34
CA PRO A 60 9.71 -6.44 11.64
C PRO A 60 10.60 -6.19 10.43
N ARG A 61 11.65 -7.00 10.29
CA ARG A 61 12.58 -6.85 9.18
C ARG A 61 11.88 -7.15 7.85
N ALA A 62 10.98 -8.13 7.87
CA ALA A 62 10.26 -8.51 6.66
C ALA A 62 9.09 -7.55 6.41
N ARG A 63 8.67 -6.85 7.44
CA ARG A 63 7.57 -5.89 7.32
C ARG A 63 8.07 -4.54 6.83
N GLN A 64 9.36 -4.28 7.04
CA GLN A 64 9.95 -3.02 6.61
C GLN A 64 10.31 -3.06 5.12
N TYR A 65 10.48 -4.26 4.60
CA TYR A 65 10.82 -4.44 3.20
C TYR A 65 9.58 -4.42 2.32
N LEU A 66 8.53 -5.11 2.77
CA LEU A 66 7.28 -5.19 2.03
C LEU A 66 6.75 -3.78 1.72
N MET A 67 6.86 -2.90 2.71
CA MET A 67 6.40 -1.52 2.53
C MET A 67 7.10 -0.84 1.36
N LYS A 68 8.27 -1.37 1.00
CA LYS A 68 9.04 -0.83 -0.10
C LYS A 68 8.56 -1.38 -1.44
N GLN A 69 7.87 -2.51 -1.39
CA GLN A 69 7.35 -3.14 -2.59
C GLN A 69 5.99 -2.56 -2.97
N THR A 70 5.27 -2.04 -1.97
CA THR A 70 3.96 -1.45 -2.21
C THR A 70 4.07 0.03 -2.53
N GLU A 71 4.84 0.75 -1.73
CA GLU A 71 5.02 2.19 -1.93
C GLU A 71 5.62 2.46 -3.30
N LYS A 72 6.78 1.88 -3.57
CA LYS A 72 7.46 2.06 -4.85
C LYS A 72 6.56 1.66 -6.01
N TYR A 73 5.52 0.88 -5.70
CA TYR A 73 4.58 0.41 -6.71
C TYR A 73 3.74 1.56 -7.25
N PHE A 74 2.85 2.08 -6.41
CA PHE A 74 1.98 3.18 -6.80
C PHE A 74 2.60 4.52 -6.40
N PHE A 75 3.00 4.63 -5.15
CA PHE A 75 3.60 5.86 -4.64
C PHE A 75 5.12 5.84 -4.81
N GLY A 76 5.57 5.15 -5.86
CA GLY A 76 6.99 5.06 -6.12
C GLY A 76 7.50 6.23 -6.95
N GLU A 77 8.32 5.93 -7.94
CA GLU A 77 8.89 6.96 -8.81
C GLU A 77 7.78 7.87 -9.36
N GLY A 78 6.63 7.28 -9.64
CA GLY A 78 5.51 8.04 -10.17
C GLY A 78 4.18 7.33 -10.00
N ALA A 79 3.58 6.93 -11.11
CA ALA A 79 2.30 6.23 -11.08
C ALA A 79 1.28 6.99 -10.23
N ASP A 80 1.42 8.32 -10.20
CA ASP A 80 0.51 9.16 -9.43
C ASP A 80 0.86 10.63 -9.61
N GLN A 81 0.19 11.49 -8.84
CA GLN A 81 0.43 12.93 -8.92
C GLN A 81 1.19 13.42 -7.69
N ALA A 82 1.39 14.72 -7.61
CA ALA A 82 2.11 15.32 -6.48
C ALA A 82 1.17 16.19 -5.64
N SER A 83 0.85 15.71 -4.44
CA SER A 83 -0.03 16.44 -3.54
C SER A 83 -0.14 15.73 -2.19
N GLY A 84 0.04 16.50 -1.12
CA GLY A 84 -0.04 15.94 0.22
C GLY A 84 0.42 16.91 1.29
N TYR A 85 0.37 16.48 2.54
CA TYR A 85 0.78 17.32 3.65
C TYR A 85 2.25 17.67 3.55
N VAL A 86 2.72 18.52 4.46
CA VAL A 86 4.11 18.94 4.48
C VAL A 86 4.78 18.59 5.80
N PRO A 87 5.99 18.01 5.72
CA PRO A 87 6.76 17.61 6.91
C PRO A 87 7.28 18.81 7.68
N PRO A 88 7.77 18.56 8.91
CA PRO A 88 8.32 19.60 9.77
C PRO A 88 9.63 20.16 9.26
N ALA A 89 10.55 19.26 8.87
CA ALA A 89 11.85 19.66 8.36
C ALA A 89 12.60 20.52 9.37
N GLN A 90 12.36 20.26 10.65
CA GLN A 90 13.02 21.01 11.71
C GLN A 90 13.40 20.09 12.87
N GLY A 91 14.57 20.34 13.46
CA GLY A 91 15.03 19.53 14.57
C GLY A 91 16.18 20.17 15.32
N MET A 1 -19.12 -1.00 4.51
CA MET A 1 -18.73 0.38 4.24
C MET A 1 -17.32 0.67 4.75
N ALA A 2 -16.34 -0.05 4.20
CA ALA A 2 -14.94 0.13 4.60
C ALA A 2 -14.49 1.57 4.37
N ARG A 3 -14.23 1.90 3.11
CA ARG A 3 -13.77 3.24 2.76
C ARG A 3 -14.08 3.55 1.29
N MET A 4 -13.57 4.68 0.81
CA MET A 4 -13.79 5.09 -0.58
C MET A 4 -12.48 5.55 -1.22
N ILE A 5 -11.87 4.67 -1.99
CA ILE A 5 -10.61 4.98 -2.67
C ILE A 5 -10.57 4.36 -4.06
N HIS A 6 -9.55 4.74 -4.84
CA HIS A 6 -9.39 4.21 -6.18
C HIS A 6 -8.28 3.16 -6.23
N CYS A 7 -8.68 1.90 -6.25
CA CYS A 7 -7.72 0.80 -6.30
C CYS A 7 -6.64 1.05 -7.34
N ALA A 8 -5.45 1.41 -6.87
CA ALA A 8 -4.33 1.69 -7.76
C ALA A 8 -3.75 0.39 -8.35
N LYS A 9 -4.13 -0.73 -7.75
CA LYS A 9 -3.66 -2.03 -8.21
C LYS A 9 -4.31 -2.42 -9.53
N LEU A 10 -5.38 -1.70 -9.89
CA LEU A 10 -6.09 -1.97 -11.13
C LEU A 10 -6.37 -0.68 -11.89
N GLY A 11 -6.98 0.28 -11.19
CA GLY A 11 -7.28 1.56 -11.81
C GLY A 11 -8.77 1.87 -11.79
N LYS A 12 -9.44 1.47 -10.72
CA LYS A 12 -10.88 1.70 -10.59
C LYS A 12 -11.21 2.20 -9.19
N GLU A 13 -12.49 2.17 -8.84
CA GLU A 13 -12.94 2.61 -7.53
C GLU A 13 -13.33 1.43 -6.65
N ALA A 14 -12.58 1.23 -5.57
CA ALA A 14 -12.83 0.14 -4.64
C ALA A 14 -12.82 0.62 -3.20
N GLU A 15 -13.10 -0.29 -2.27
CA GLU A 15 -13.11 0.05 -0.85
C GLU A 15 -11.72 -0.03 -0.26
N GLY A 16 -11.31 1.05 0.42
CA GLY A 16 -9.99 1.08 1.02
C GLY A 16 -10.02 0.67 2.48
N LEU A 17 -8.83 0.47 3.05
CA LEU A 17 -8.72 0.05 4.45
C LEU A 17 -8.93 1.25 5.38
N ASP A 18 -8.62 1.07 6.65
CA ASP A 18 -8.77 2.12 7.65
C ASP A 18 -7.76 1.96 8.77
N PHE A 19 -6.52 1.68 8.41
CA PHE A 19 -5.45 1.51 9.38
C PHE A 19 -4.07 1.67 8.73
N PRO A 20 -3.17 2.37 9.42
CA PRO A 20 -1.81 2.62 8.94
C PRO A 20 -0.97 1.34 8.92
N PRO A 21 -0.63 0.87 7.71
CA PRO A 21 0.18 -0.33 7.54
C PRO A 21 1.64 -0.13 7.97
N LEU A 22 2.04 1.13 8.06
CA LEU A 22 3.41 1.45 8.46
C LEU A 22 3.44 2.76 9.24
N PRO A 23 4.38 2.86 10.21
CA PRO A 23 4.54 4.05 11.03
C PRO A 23 5.08 5.24 10.26
N GLY A 24 5.48 4.99 9.01
CA GLY A 24 6.00 6.06 8.17
C GLY A 24 4.91 6.87 7.51
N GLU A 25 5.30 7.95 6.84
CA GLU A 25 4.34 8.81 6.15
C GLU A 25 3.77 8.13 4.93
N LEU A 26 4.36 6.99 4.56
CA LEU A 26 3.91 6.23 3.40
C LEU A 26 2.72 5.35 3.75
N GLY A 27 2.71 4.83 4.97
CA GLY A 27 1.62 3.98 5.42
C GLY A 27 0.27 4.65 5.27
N LYS A 28 0.16 5.88 5.76
CA LYS A 28 -1.09 6.63 5.68
C LYS A 28 -1.58 6.71 4.24
N ARG A 29 -0.65 6.62 3.29
CA ARG A 29 -0.99 6.70 1.88
C ARG A 29 -1.25 5.30 1.31
N LEU A 30 -0.76 4.29 2.01
CA LEU A 30 -0.95 2.91 1.58
C LEU A 30 -2.40 2.47 1.74
N TYR A 31 -2.93 2.62 2.94
CA TYR A 31 -4.31 2.24 3.23
C TYR A 31 -5.28 3.07 2.39
N GLU A 32 -4.78 4.18 1.86
CA GLU A 32 -5.61 5.06 1.04
C GLU A 32 -5.51 4.69 -0.44
N SER A 33 -4.58 3.79 -0.76
CA SER A 33 -4.38 3.36 -2.13
C SER A 33 -4.81 1.91 -2.31
N VAL A 34 -4.49 1.07 -1.32
CA VAL A 34 -4.86 -0.34 -1.37
C VAL A 34 -6.32 -0.54 -1.01
N SER A 35 -7.02 -1.34 -1.81
CA SER A 35 -8.43 -1.62 -1.58
C SER A 35 -8.65 -3.09 -1.25
N LYS A 36 -9.89 -3.46 -0.98
CA LYS A 36 -10.24 -4.84 -0.66
C LYS A 36 -9.84 -5.78 -1.79
N GLN A 37 -9.68 -5.22 -2.98
CA GLN A 37 -9.30 -6.01 -4.15
C GLN A 37 -7.79 -6.09 -4.29
N ALA A 38 -7.11 -5.00 -3.93
CA ALA A 38 -5.66 -4.94 -4.01
C ALA A 38 -5.01 -5.68 -2.84
N TRP A 39 -5.73 -5.73 -1.71
CA TRP A 39 -5.22 -6.40 -0.53
C TRP A 39 -4.73 -7.81 -0.85
N GLN A 40 -5.41 -8.45 -1.80
CA GLN A 40 -5.05 -9.81 -2.20
C GLN A 40 -3.66 -9.83 -2.83
N ASP A 41 -3.43 -8.96 -3.81
CA ASP A 41 -2.15 -8.89 -4.49
C ASP A 41 -1.08 -8.32 -3.56
N TRP A 42 -1.49 -7.47 -2.63
CA TRP A 42 -0.56 -6.87 -1.69
C TRP A 42 -0.02 -7.91 -0.71
N LEU A 43 -0.92 -8.70 -0.13
CA LEU A 43 -0.53 -9.74 0.81
C LEU A 43 0.18 -10.89 0.10
N LYS A 44 -0.04 -11.00 -1.20
CA LYS A 44 0.56 -12.05 -2.00
C LYS A 44 2.06 -11.80 -2.18
N GLN A 45 2.39 -10.66 -2.78
CA GLN A 45 3.79 -10.30 -3.01
C GLN A 45 4.55 -10.20 -1.70
N GLN A 46 3.82 -10.00 -0.61
CA GLN A 46 4.43 -9.88 0.71
C GLN A 46 5.11 -11.19 1.11
N THR A 47 4.48 -12.31 0.78
CA THR A 47 5.04 -13.62 1.10
C THR A 47 6.13 -14.01 0.12
N MET A 48 5.87 -13.80 -1.16
CA MET A 48 6.84 -14.13 -2.21
C MET A 48 8.14 -13.34 -2.01
N LEU A 49 8.05 -12.24 -1.27
CA LEU A 49 9.21 -11.40 -1.01
C LEU A 49 9.94 -11.85 0.26
N ILE A 50 9.19 -11.96 1.35
CA ILE A 50 9.76 -12.38 2.63
C ILE A 50 10.35 -13.78 2.52
N ASN A 51 9.71 -14.63 1.72
CA ASN A 51 10.19 -16.00 1.53
C ASN A 51 11.47 -16.03 0.70
N GLU A 52 11.50 -15.22 -0.36
CA GLU A 52 12.66 -15.17 -1.23
C GLU A 52 13.85 -14.55 -0.50
N ASN A 53 13.71 -13.30 -0.09
CA ASN A 53 14.78 -12.60 0.62
C ASN A 53 15.01 -13.22 2.00
N ARG A 54 14.04 -14.01 2.46
CA ARG A 54 14.14 -14.66 3.76
C ARG A 54 14.26 -13.62 4.88
N LEU A 55 13.35 -12.67 4.89
CA LEU A 55 13.35 -11.61 5.89
C LEU A 55 12.72 -12.10 7.19
N ASN A 56 12.79 -11.28 8.24
CA ASN A 56 12.23 -11.62 9.53
C ASN A 56 11.06 -10.71 9.88
N MET A 57 9.85 -11.12 9.50
CA MET A 57 8.65 -10.34 9.78
C MET A 57 8.57 -9.97 11.25
N ALA A 58 9.10 -10.83 12.10
CA ALA A 58 9.09 -10.60 13.54
C ALA A 58 9.72 -9.26 13.88
N ASP A 59 10.62 -8.80 13.02
CA ASP A 59 11.31 -7.52 13.23
C ASP A 59 10.83 -6.49 12.23
N PRO A 60 11.06 -5.20 12.55
CA PRO A 60 10.66 -4.09 11.68
C PRO A 60 11.50 -4.01 10.41
N ARG A 61 12.54 -4.84 10.34
CA ARG A 61 13.42 -4.86 9.18
C ARG A 61 12.67 -5.35 7.94
N ALA A 62 11.75 -6.28 8.14
CA ALA A 62 10.97 -6.83 7.04
C ALA A 62 9.83 -5.87 6.66
N ARG A 63 9.47 -4.98 7.58
CA ARG A 63 8.41 -4.03 7.34
C ARG A 63 8.94 -2.76 6.66
N GLN A 64 10.24 -2.52 6.84
CA GLN A 64 10.87 -1.34 6.26
C GLN A 64 11.32 -1.63 4.82
N TYR A 65 11.46 -2.91 4.50
CA TYR A 65 11.89 -3.31 3.17
C TYR A 65 10.68 -3.52 2.25
N LEU A 66 9.60 -4.02 2.81
CA LEU A 66 8.38 -4.26 2.05
C LEU A 66 7.80 -2.95 1.51
N MET A 67 7.81 -1.92 2.35
CA MET A 67 7.29 -0.62 1.96
C MET A 67 7.98 -0.11 0.70
N LYS A 68 9.21 -0.58 0.47
CA LYS A 68 9.97 -0.17 -0.71
C LYS A 68 9.38 -0.79 -1.97
N GLN A 69 8.72 -1.93 -1.81
CA GLN A 69 8.11 -2.61 -2.95
C GLN A 69 6.68 -2.14 -3.18
N THR A 70 6.07 -1.59 -2.12
CA THR A 70 4.70 -1.09 -2.19
C THR A 70 4.66 0.34 -2.70
N GLU A 71 5.59 1.16 -2.22
CA GLU A 71 5.66 2.56 -2.62
C GLU A 71 5.94 2.68 -4.12
N LYS A 72 7.09 2.16 -4.54
CA LYS A 72 7.47 2.22 -5.95
C LYS A 72 6.46 1.46 -6.82
N TYR A 73 5.63 0.65 -6.18
CA TYR A 73 4.63 -0.13 -6.89
C TYR A 73 3.72 0.78 -7.72
N PHE A 74 2.88 1.55 -7.04
CA PHE A 74 1.97 2.48 -7.71
C PHE A 74 2.56 3.88 -7.78
N PHE A 75 3.06 4.35 -6.64
CA PHE A 75 3.65 5.68 -6.56
C PHE A 75 4.90 5.77 -7.42
N GLY A 76 5.63 4.66 -7.52
CA GLY A 76 6.84 4.63 -8.31
C GLY A 76 8.01 5.30 -7.61
N GLU A 77 9.10 4.56 -7.47
CA GLU A 77 10.30 5.09 -6.79
C GLU A 77 10.86 6.28 -7.56
N GLY A 78 10.34 6.51 -8.77
CA GLY A 78 10.81 7.62 -9.58
C GLY A 78 9.77 8.06 -10.60
N ALA A 79 8.71 8.70 -10.12
CA ALA A 79 7.65 9.18 -11.00
C ALA A 79 6.87 10.32 -10.35
N ASP A 80 6.45 11.28 -11.16
CA ASP A 80 5.69 12.42 -10.67
C ASP A 80 4.20 12.24 -10.93
N GLN A 81 3.42 13.24 -10.56
CA GLN A 81 1.97 13.19 -10.74
C GLN A 81 1.39 11.88 -10.21
N ALA A 82 1.90 11.44 -9.06
CA ALA A 82 1.43 10.20 -8.44
C ALA A 82 1.13 10.41 -6.96
N SER A 83 0.58 11.58 -6.63
CA SER A 83 0.25 11.90 -5.25
C SER A 83 -0.84 12.98 -5.19
N GLY A 84 -1.51 13.06 -4.05
CA GLY A 84 -2.57 14.04 -3.88
C GLY A 84 -3.62 13.59 -2.89
N TYR A 85 -4.25 14.56 -2.23
CA TYR A 85 -5.29 14.26 -1.23
C TYR A 85 -6.61 14.92 -1.62
N VAL A 86 -7.67 14.57 -0.90
CA VAL A 86 -8.99 15.13 -1.15
C VAL A 86 -9.52 15.87 0.07
N PRO A 87 -10.05 17.09 -0.16
CA PRO A 87 -10.60 17.92 0.91
C PRO A 87 -11.89 17.35 1.48
N PRO A 88 -12.33 17.91 2.62
CA PRO A 88 -13.57 17.47 3.29
C PRO A 88 -14.82 17.86 2.51
N ALA A 89 -15.98 17.48 3.04
CA ALA A 89 -17.24 17.79 2.39
C ALA A 89 -17.97 18.93 3.11
N GLN A 90 -19.01 19.45 2.48
CA GLN A 90 -19.79 20.54 3.06
C GLN A 90 -21.28 20.25 2.99
N GLY A 91 -22.00 20.63 4.04
CA GLY A 91 -23.43 20.40 4.08
C GLY A 91 -23.81 19.21 4.95
N MET A 1 -18.60 9.46 10.30
CA MET A 1 -17.84 9.98 9.17
C MET A 1 -16.36 10.13 9.54
N ALA A 2 -15.50 9.43 8.81
CA ALA A 2 -14.07 9.49 9.05
C ALA A 2 -13.42 10.58 8.21
N ARG A 3 -13.24 10.31 6.92
CA ARG A 3 -12.63 11.25 6.00
C ARG A 3 -13.38 11.31 4.68
N MET A 4 -12.80 11.98 3.70
CA MET A 4 -13.42 12.11 2.39
C MET A 4 -12.40 11.86 1.28
N ILE A 5 -12.42 10.65 0.73
CA ILE A 5 -11.50 10.27 -0.34
C ILE A 5 -12.21 9.46 -1.42
N HIS A 6 -11.52 9.22 -2.53
CA HIS A 6 -12.08 8.45 -3.62
C HIS A 6 -11.44 7.06 -3.69
N CYS A 7 -12.13 6.07 -3.14
CA CYS A 7 -11.64 4.70 -3.14
C CYS A 7 -11.02 4.34 -4.48
N ALA A 8 -9.69 4.28 -4.52
CA ALA A 8 -8.98 3.94 -5.74
C ALA A 8 -9.08 2.45 -6.06
N LYS A 9 -9.55 1.69 -5.08
CA LYS A 9 -9.70 0.25 -5.25
C LYS A 9 -10.92 -0.08 -6.10
N LEU A 10 -11.81 0.89 -6.25
CA LEU A 10 -13.02 0.71 -7.05
C LEU A 10 -13.18 1.84 -8.06
N GLY A 11 -13.15 3.08 -7.57
CA GLY A 11 -13.30 4.23 -8.43
C GLY A 11 -14.49 5.09 -8.07
N LYS A 12 -14.78 5.17 -6.77
CA LYS A 12 -15.91 5.97 -6.29
C LYS A 12 -15.50 6.82 -5.10
N GLU A 13 -16.49 7.34 -4.39
CA GLU A 13 -16.23 8.19 -3.22
C GLU A 13 -16.54 7.42 -1.94
N ALA A 14 -15.51 7.17 -1.14
CA ALA A 14 -15.67 6.46 0.12
C ALA A 14 -14.88 7.14 1.24
N GLU A 15 -15.13 6.72 2.47
CA GLU A 15 -14.45 7.28 3.63
C GLU A 15 -13.02 6.77 3.72
N GLY A 16 -12.09 7.67 4.02
CA GLY A 16 -10.70 7.29 4.13
C GLY A 16 -10.21 7.28 5.57
N LEU A 17 -9.08 6.61 5.80
CA LEU A 17 -8.51 6.53 7.15
C LEU A 17 -7.99 7.88 7.61
N ASP A 18 -7.36 7.90 8.78
CA ASP A 18 -6.80 9.13 9.33
C ASP A 18 -5.53 8.85 10.10
N PHE A 19 -4.74 7.90 9.62
CA PHE A 19 -3.48 7.53 10.27
C PHE A 19 -2.59 6.75 9.31
N PRO A 20 -1.27 6.77 9.59
CA PRO A 20 -0.29 6.06 8.77
C PRO A 20 -0.40 4.55 8.89
N PRO A 21 -0.82 3.89 7.81
CA PRO A 21 -0.97 2.43 7.77
C PRO A 21 0.38 1.71 7.81
N LEU A 22 1.43 2.40 7.39
CA LEU A 22 2.77 1.83 7.38
C LEU A 22 3.82 2.89 7.71
N PRO A 23 4.98 2.43 8.20
CA PRO A 23 6.09 3.31 8.56
C PRO A 23 6.74 3.95 7.34
N GLY A 24 6.52 5.25 7.16
CA GLY A 24 7.10 5.95 6.03
C GLY A 24 6.13 6.92 5.39
N GLU A 25 6.59 7.63 4.36
CA GLU A 25 5.76 8.60 3.66
C GLU A 25 4.67 7.89 2.85
N LEU A 26 4.96 6.65 2.44
CA LEU A 26 4.01 5.88 1.65
C LEU A 26 2.67 5.76 2.37
N GLY A 27 2.72 5.66 3.69
CA GLY A 27 1.50 5.56 4.47
C GLY A 27 0.60 6.77 4.32
N LYS A 28 1.20 7.95 4.36
CA LYS A 28 0.45 9.20 4.24
C LYS A 28 -0.37 9.20 2.95
N ARG A 29 0.11 8.49 1.94
CA ARG A 29 -0.58 8.42 0.66
C ARG A 29 -1.54 7.23 0.63
N LEU A 30 -1.33 6.28 1.54
CA LEU A 30 -2.18 5.10 1.62
C LEU A 30 -3.51 5.43 2.29
N TYR A 31 -3.44 6.03 3.47
CA TYR A 31 -4.64 6.39 4.21
C TYR A 31 -5.45 7.43 3.46
N GLU A 32 -4.81 8.10 2.50
CA GLU A 32 -5.48 9.12 1.70
C GLU A 32 -5.89 8.56 0.34
N SER A 33 -5.61 7.28 0.12
CA SER A 33 -5.94 6.62 -1.14
C SER A 33 -6.94 5.50 -0.91
N VAL A 34 -6.74 4.75 0.16
CA VAL A 34 -7.62 3.63 0.49
C VAL A 34 -8.79 4.09 1.35
N SER A 35 -9.94 3.42 1.20
CA SER A 35 -11.12 3.77 1.97
C SER A 35 -11.47 2.66 2.96
N LYS A 36 -12.56 2.86 3.69
CA LYS A 36 -13.01 1.87 4.68
C LYS A 36 -13.49 0.61 3.99
N GLN A 37 -13.82 0.72 2.71
CA GLN A 37 -14.30 -0.42 1.93
C GLN A 37 -13.14 -1.18 1.29
N ALA A 38 -12.12 -0.43 0.89
CA ALA A 38 -10.95 -1.03 0.25
C ALA A 38 -9.91 -1.43 1.30
N TRP A 39 -10.08 -0.93 2.51
CA TRP A 39 -9.14 -1.25 3.60
C TRP A 39 -8.95 -2.75 3.74
N GLN A 40 -10.00 -3.51 3.45
CA GLN A 40 -9.95 -4.96 3.53
C GLN A 40 -9.18 -5.55 2.35
N ASP A 41 -9.53 -5.11 1.15
CA ASP A 41 -8.88 -5.59 -0.06
C ASP A 41 -7.41 -5.20 -0.08
N TRP A 42 -7.08 -4.14 0.67
CA TRP A 42 -5.70 -3.66 0.73
C TRP A 42 -4.88 -4.48 1.70
N LEU A 43 -5.35 -4.60 2.94
CA LEU A 43 -4.66 -5.38 3.96
C LEU A 43 -4.77 -6.87 3.69
N LYS A 44 -5.62 -7.23 2.73
CA LYS A 44 -5.82 -8.63 2.36
C LYS A 44 -4.58 -9.19 1.67
N GLN A 45 -4.13 -8.48 0.63
CA GLN A 45 -2.95 -8.91 -0.12
C GLN A 45 -1.71 -8.95 0.78
N GLN A 46 -1.71 -8.12 1.82
CA GLN A 46 -0.59 -8.07 2.75
C GLN A 46 -0.29 -9.44 3.32
N THR A 47 -1.34 -10.20 3.62
CA THR A 47 -1.19 -11.53 4.18
C THR A 47 -1.02 -12.57 3.07
N MET A 48 -1.67 -12.33 1.94
CA MET A 48 -1.58 -13.25 0.80
C MET A 48 -0.14 -13.40 0.33
N LEU A 49 0.60 -12.30 0.35
CA LEU A 49 2.00 -12.31 -0.07
C LEU A 49 2.86 -13.05 0.94
N ILE A 50 2.59 -12.85 2.21
CA ILE A 50 3.34 -13.51 3.28
C ILE A 50 3.12 -15.01 3.27
N ASN A 51 1.92 -15.43 2.85
CA ASN A 51 1.58 -16.84 2.79
C ASN A 51 1.96 -17.43 1.42
N GLU A 52 2.02 -16.57 0.42
CA GLU A 52 2.37 -17.00 -0.93
C GLU A 52 3.88 -17.03 -1.13
N ASN A 53 4.59 -16.29 -0.28
CA ASN A 53 6.05 -16.22 -0.35
C ASN A 53 6.68 -16.76 0.92
N ARG A 54 5.85 -16.95 1.95
CA ARG A 54 6.34 -17.46 3.23
C ARG A 54 7.43 -16.56 3.79
N LEU A 55 7.18 -15.26 3.80
CA LEU A 55 8.14 -14.29 4.31
C LEU A 55 8.28 -14.41 5.82
N ASN A 56 8.96 -13.44 6.43
CA ASN A 56 9.17 -13.44 7.87
C ASN A 56 8.59 -12.19 8.50
N MET A 57 7.30 -12.23 8.83
CA MET A 57 6.63 -11.08 9.44
C MET A 57 7.40 -10.59 10.66
N ALA A 58 8.12 -11.50 11.30
CA ALA A 58 8.91 -11.15 12.48
C ALA A 58 9.79 -9.94 12.22
N ASP A 59 10.20 -9.77 10.97
CA ASP A 59 11.04 -8.65 10.59
C ASP A 59 10.37 -7.80 9.52
N PRO A 60 10.77 -6.52 9.44
CA PRO A 60 10.22 -5.58 8.46
C PRO A 60 10.65 -5.91 7.04
N ARG A 61 11.56 -6.87 6.90
CA ARG A 61 12.06 -7.27 5.59
C ARG A 61 10.92 -7.76 4.70
N ALA A 62 9.91 -8.37 5.31
CA ALA A 62 8.75 -8.88 4.58
C ALA A 62 7.77 -7.75 4.28
N ARG A 63 7.66 -6.80 5.19
CA ARG A 63 6.75 -5.68 5.01
C ARG A 63 7.34 -4.64 4.07
N GLN A 64 8.66 -4.70 3.88
CA GLN A 64 9.35 -3.77 3.00
C GLN A 64 9.33 -4.26 1.56
N TYR A 65 9.08 -5.56 1.39
CA TYR A 65 9.05 -6.16 0.06
C TYR A 65 7.62 -6.16 -0.49
N LEU A 66 6.64 -6.29 0.40
CA LEU A 66 5.24 -6.31 -0.01
C LEU A 66 4.71 -4.89 -0.17
N MET A 67 5.26 -3.96 0.62
CA MET A 67 4.84 -2.57 0.55
C MET A 67 5.02 -2.01 -0.86
N LYS A 68 5.98 -2.56 -1.59
CA LYS A 68 6.25 -2.12 -2.96
C LYS A 68 5.14 -2.59 -3.91
N GLN A 69 4.41 -3.61 -3.48
CA GLN A 69 3.32 -4.16 -4.29
C GLN A 69 2.04 -3.37 -4.09
N THR A 70 1.98 -2.63 -2.99
CA THR A 70 0.80 -1.83 -2.68
C THR A 70 0.92 -0.43 -3.28
N GLU A 71 2.09 0.19 -3.11
CA GLU A 71 2.33 1.52 -3.64
C GLU A 71 2.28 1.53 -5.15
N LYS A 72 3.18 0.78 -5.78
CA LYS A 72 3.23 0.69 -7.23
C LYS A 72 1.91 0.18 -7.80
N TYR A 73 1.12 -0.44 -6.95
CA TYR A 73 -0.18 -0.98 -7.37
C TYR A 73 -1.01 0.09 -8.08
N PHE A 74 -1.46 1.08 -7.32
CA PHE A 74 -2.27 2.16 -7.87
C PHE A 74 -1.40 3.36 -8.24
N PHE A 75 -0.49 3.72 -7.33
CA PHE A 75 0.42 4.84 -7.56
C PHE A 75 1.40 4.54 -8.68
N GLY A 76 1.80 3.28 -8.78
CA GLY A 76 2.74 2.88 -9.81
C GLY A 76 3.94 3.79 -9.89
N GLU A 77 4.57 4.05 -8.75
CA GLU A 77 5.74 4.92 -8.69
C GLU A 77 6.78 4.48 -9.73
N GLY A 78 6.74 3.21 -10.10
CA GLY A 78 7.69 2.70 -11.07
C GLY A 78 7.36 3.11 -12.49
N ALA A 79 7.29 4.41 -12.73
CA ALA A 79 6.97 4.93 -14.06
C ALA A 79 8.06 5.85 -14.57
N ASP A 80 7.81 6.51 -15.70
CA ASP A 80 8.78 7.42 -16.29
C ASP A 80 9.20 8.49 -15.28
N GLN A 81 10.39 8.31 -14.70
CA GLN A 81 10.91 9.26 -13.71
C GLN A 81 12.23 9.85 -14.19
N ALA A 82 12.85 10.66 -13.33
CA ALA A 82 14.12 11.30 -13.65
C ALA A 82 15.16 11.03 -12.57
N SER A 83 15.10 9.83 -11.99
CA SER A 83 16.05 9.45 -10.94
C SER A 83 16.23 7.93 -10.90
N GLY A 84 17.42 7.50 -10.50
CA GLY A 84 17.71 6.08 -10.42
C GLY A 84 18.51 5.71 -9.20
N TYR A 85 17.82 5.26 -8.16
CA TYR A 85 18.47 4.88 -6.91
C TYR A 85 18.04 3.48 -6.48
N VAL A 86 18.76 2.92 -5.51
CA VAL A 86 18.46 1.59 -4.99
C VAL A 86 17.96 0.68 -6.12
N PRO A 87 18.86 0.35 -7.06
CA PRO A 87 18.54 -0.52 -8.19
C PRO A 87 18.31 -1.97 -7.76
N PRO A 88 17.77 -2.78 -8.69
CA PRO A 88 17.48 -4.19 -8.44
C PRO A 88 18.76 -5.02 -8.31
N ALA A 89 18.60 -6.34 -8.26
CA ALA A 89 19.73 -7.25 -8.15
C ALA A 89 19.64 -8.37 -9.18
N GLN A 90 20.79 -8.96 -9.50
CA GLN A 90 20.84 -10.05 -10.47
C GLN A 90 20.52 -11.38 -9.81
N GLY A 91 20.90 -11.51 -8.54
CA GLY A 91 20.66 -12.74 -7.82
C GLY A 91 19.24 -12.83 -7.29
N MET A 1 -16.24 8.62 8.47
CA MET A 1 -15.56 9.75 9.09
C MET A 1 -14.10 9.41 9.38
N ALA A 2 -13.43 8.81 8.40
CA ALA A 2 -12.02 8.43 8.56
C ALA A 2 -11.12 9.66 8.43
N ARG A 3 -10.93 10.11 7.20
CA ARG A 3 -10.08 11.28 6.94
C ARG A 3 -10.46 11.93 5.62
N MET A 4 -9.65 12.92 5.21
CA MET A 4 -9.90 13.64 3.96
C MET A 4 -8.62 13.80 3.16
N ILE A 5 -8.44 12.94 2.16
CA ILE A 5 -7.25 12.99 1.32
C ILE A 5 -7.61 12.81 -0.15
N HIS A 6 -6.63 13.01 -1.03
CA HIS A 6 -6.84 12.87 -2.46
C HIS A 6 -6.27 11.54 -2.96
N CYS A 7 -7.14 10.55 -3.12
CA CYS A 7 -6.72 9.24 -3.59
C CYS A 7 -5.74 9.36 -4.76
N ALA A 8 -4.46 9.09 -4.48
CA ALA A 8 -3.43 9.17 -5.50
C ALA A 8 -3.52 8.00 -6.47
N LYS A 9 -4.33 7.00 -6.11
CA LYS A 9 -4.50 5.82 -6.95
C LYS A 9 -5.43 6.11 -8.12
N LEU A 10 -6.09 7.26 -8.07
CA LEU A 10 -7.00 7.66 -9.13
C LEU A 10 -6.80 9.13 -9.50
N GLY A 11 -6.85 10.01 -8.50
CA GLY A 11 -6.66 11.43 -8.73
C GLY A 11 -7.86 12.25 -8.28
N LYS A 12 -8.63 11.70 -7.35
CA LYS A 12 -9.80 12.39 -6.84
C LYS A 12 -9.71 12.57 -5.32
N GLU A 13 -10.83 12.92 -4.70
CA GLU A 13 -10.87 13.13 -3.25
C GLU A 13 -11.60 11.98 -2.57
N ALA A 14 -10.87 11.20 -1.79
CA ALA A 14 -11.44 10.06 -1.07
C ALA A 14 -11.04 10.09 0.39
N GLU A 15 -11.43 9.04 1.12
CA GLU A 15 -11.12 8.95 2.55
C GLU A 15 -9.64 8.60 2.75
N GLY A 16 -9.13 8.91 3.94
CA GLY A 16 -7.74 8.63 4.24
C GLY A 16 -7.57 7.48 5.20
N LEU A 17 -6.51 6.71 5.03
CA LEU A 17 -6.25 5.56 5.90
C LEU A 17 -6.29 5.98 7.37
N ASP A 18 -5.81 7.19 7.66
CA ASP A 18 -5.80 7.70 9.02
C ASP A 18 -5.07 6.75 9.95
N PHE A 19 -4.14 5.97 9.40
CA PHE A 19 -3.37 5.01 10.18
C PHE A 19 -1.93 4.96 9.72
N PRO A 20 -1.12 5.91 10.20
CA PRO A 20 0.30 6.00 9.84
C PRO A 20 1.13 4.86 10.44
N PRO A 21 1.63 3.98 9.56
CA PRO A 21 2.44 2.83 9.98
C PRO A 21 3.80 3.24 10.51
N LEU A 22 4.15 4.51 10.32
CA LEU A 22 5.44 5.03 10.78
C LEU A 22 5.23 6.12 11.82
N PRO A 23 6.32 6.45 12.56
CA PRO A 23 6.28 7.47 13.60
C PRO A 23 6.12 8.87 13.04
N GLY A 24 6.10 8.98 11.71
CA GLY A 24 5.96 10.27 11.06
C GLY A 24 7.04 10.53 10.03
N GLU A 25 7.69 9.45 9.57
CA GLU A 25 8.74 9.57 8.57
C GLU A 25 8.20 9.31 7.17
N LEU A 26 7.98 8.04 6.85
CA LEU A 26 7.46 7.66 5.54
C LEU A 26 5.95 7.46 5.58
N GLY A 27 5.50 6.65 6.54
CA GLY A 27 4.07 6.39 6.68
C GLY A 27 3.24 7.65 6.66
N LYS A 28 3.78 8.72 7.25
CA LYS A 28 3.09 10.00 7.29
C LYS A 28 2.64 10.43 5.90
N ARG A 29 3.39 9.99 4.88
CA ARG A 29 3.07 10.33 3.50
C ARG A 29 2.21 9.26 2.86
N LEU A 30 2.21 8.07 3.45
CA LEU A 30 1.43 6.95 2.94
C LEU A 30 -0.05 7.09 3.34
N TYR A 31 -0.30 7.18 4.64
CA TYR A 31 -1.65 7.33 5.15
C TYR A 31 -2.31 8.59 4.61
N GLU A 32 -1.49 9.52 4.13
CA GLU A 32 -1.99 10.78 3.59
C GLU A 32 -2.02 10.73 2.06
N SER A 33 -1.63 9.59 1.50
CA SER A 33 -1.62 9.43 0.05
C SER A 33 -2.60 8.34 -0.38
N VAL A 34 -2.65 7.26 0.39
CA VAL A 34 -3.55 6.15 0.10
C VAL A 34 -4.98 6.47 0.51
N SER A 35 -5.93 5.76 -0.09
CA SER A 35 -7.35 5.98 0.22
C SER A 35 -8.05 4.65 0.51
N LYS A 36 -9.25 4.74 1.07
CA LYS A 36 -10.02 3.56 1.40
C LYS A 36 -10.30 2.72 0.16
N GLN A 37 -10.21 3.36 -1.02
CA GLN A 37 -10.45 2.68 -2.28
C GLN A 37 -9.19 1.96 -2.76
N ALA A 38 -8.07 2.67 -2.76
CA ALA A 38 -6.80 2.10 -3.19
C ALA A 38 -6.30 1.06 -2.20
N TRP A 39 -6.78 1.14 -0.97
CA TRP A 39 -6.39 0.20 0.07
C TRP A 39 -6.57 -1.24 -0.40
N GLN A 40 -7.54 -1.46 -1.28
CA GLN A 40 -7.82 -2.79 -1.81
C GLN A 40 -6.66 -3.27 -2.68
N ASP A 41 -6.20 -2.40 -3.58
CA ASP A 41 -5.11 -2.75 -4.47
C ASP A 41 -3.86 -3.13 -3.69
N TRP A 42 -3.72 -2.56 -2.50
CA TRP A 42 -2.57 -2.85 -1.65
C TRP A 42 -2.61 -4.28 -1.14
N LEU A 43 -3.79 -4.71 -0.69
CA LEU A 43 -3.96 -6.06 -0.18
C LEU A 43 -3.72 -7.10 -1.27
N LYS A 44 -3.85 -6.66 -2.52
CA LYS A 44 -3.65 -7.56 -3.66
C LYS A 44 -2.16 -7.84 -3.87
N GLN A 45 -1.35 -6.79 -3.80
CA GLN A 45 0.09 -6.93 -3.98
C GLN A 45 0.75 -7.48 -2.71
N GLN A 46 0.20 -7.11 -1.57
CA GLN A 46 0.73 -7.56 -0.29
C GLN A 46 0.86 -9.08 -0.26
N THR A 47 -0.20 -9.77 -0.68
CA THR A 47 -0.20 -11.23 -0.70
C THR A 47 0.74 -11.77 -1.77
N MET A 48 0.64 -11.20 -2.96
CA MET A 48 1.49 -11.62 -4.08
C MET A 48 2.96 -11.52 -3.71
N LEU A 49 3.32 -10.44 -3.02
CA LEU A 49 4.70 -10.22 -2.61
C LEU A 49 5.11 -11.22 -1.52
N ILE A 50 4.31 -11.30 -0.46
CA ILE A 50 4.59 -12.22 0.63
C ILE A 50 4.68 -13.66 0.13
N ASN A 51 3.85 -13.99 -0.85
CA ASN A 51 3.83 -15.34 -1.42
C ASN A 51 5.00 -15.54 -2.37
N GLU A 52 5.32 -14.50 -3.13
CA GLU A 52 6.42 -14.56 -4.09
C GLU A 52 7.76 -14.65 -3.38
N ASN A 53 8.11 -13.60 -2.63
CA ASN A 53 9.36 -13.56 -1.90
C ASN A 53 9.35 -14.55 -0.74
N ARG A 54 8.15 -15.01 -0.38
CA ARG A 54 8.00 -15.96 0.73
C ARG A 54 8.46 -15.35 2.04
N LEU A 55 7.97 -14.15 2.33
CA LEU A 55 8.34 -13.44 3.56
C LEU A 55 7.54 -13.97 4.74
N ASN A 56 7.98 -13.65 5.95
CA ASN A 56 7.30 -14.09 7.16
C ASN A 56 6.58 -12.93 7.82
N MET A 57 5.30 -12.75 7.48
CA MET A 57 4.50 -11.68 8.04
C MET A 57 4.57 -11.69 9.57
N ALA A 58 4.74 -12.88 10.14
CA ALA A 58 4.82 -13.03 11.59
C ALA A 58 5.87 -12.09 12.17
N ASP A 59 6.89 -11.78 11.38
CA ASP A 59 7.96 -10.88 11.82
C ASP A 59 7.90 -9.55 11.07
N PRO A 60 8.55 -8.53 11.64
CA PRO A 60 8.58 -7.18 11.05
C PRO A 60 9.42 -7.14 9.79
N ARG A 61 10.15 -8.21 9.52
CA ARG A 61 11.00 -8.28 8.33
C ARG A 61 10.16 -8.19 7.05
N ALA A 62 9.01 -8.83 7.07
CA ALA A 62 8.11 -8.82 5.92
C ALA A 62 7.31 -7.52 5.86
N ARG A 63 7.20 -6.85 7.00
CA ARG A 63 6.46 -5.60 7.09
C ARG A 63 7.33 -4.41 6.69
N GLN A 64 8.63 -4.53 6.95
CA GLN A 64 9.57 -3.47 6.63
C GLN A 64 9.89 -3.47 5.13
N TYR A 65 9.75 -4.62 4.49
CA TYR A 65 10.02 -4.74 3.07
C TYR A 65 8.87 -4.19 2.25
N LEU A 66 7.65 -4.45 2.69
CA LEU A 66 6.46 -3.97 1.99
C LEU A 66 6.50 -2.45 1.83
N MET A 67 7.11 -1.77 2.79
CA MET A 67 7.22 -0.32 2.75
C MET A 67 7.90 0.14 1.46
N LYS A 68 8.74 -0.72 0.91
CA LYS A 68 9.45 -0.40 -0.33
C LYS A 68 8.53 -0.54 -1.54
N GLN A 69 7.46 -1.31 -1.38
CA GLN A 69 6.50 -1.52 -2.45
C GLN A 69 5.40 -0.47 -2.41
N THR A 70 5.23 0.16 -1.25
CA THR A 70 4.21 1.18 -1.08
C THR A 70 4.71 2.55 -1.56
N GLU A 71 5.91 2.93 -1.11
CA GLU A 71 6.50 4.20 -1.50
C GLU A 71 6.77 4.24 -3.00
N LYS A 72 7.62 3.34 -3.46
CA LYS A 72 7.98 3.26 -4.87
C LYS A 72 6.72 3.16 -5.74
N TYR A 73 5.64 2.69 -5.15
CA TYR A 73 4.37 2.55 -5.87
C TYR A 73 4.01 3.85 -6.58
N PHE A 74 3.61 4.85 -5.81
CA PHE A 74 3.24 6.15 -6.37
C PHE A 74 4.41 7.13 -6.31
N PHE A 75 5.08 7.16 -5.16
CA PHE A 75 6.22 8.06 -4.98
C PHE A 75 7.40 7.63 -5.85
N GLY A 76 7.30 6.43 -6.41
CA GLY A 76 8.37 5.93 -7.27
C GLY A 76 7.84 5.38 -8.58
N GLU A 77 8.33 4.21 -8.97
CA GLU A 77 7.91 3.58 -10.22
C GLU A 77 6.93 2.45 -9.96
N GLY A 78 7.16 1.72 -8.87
CA GLY A 78 6.28 0.60 -8.52
C GLY A 78 6.18 -0.41 -9.64
N ALA A 79 7.13 -1.34 -9.69
CA ALA A 79 7.13 -2.38 -10.71
C ALA A 79 5.79 -3.09 -10.78
N ASP A 80 5.08 -2.88 -11.89
CA ASP A 80 3.78 -3.51 -12.09
C ASP A 80 3.90 -5.03 -12.17
N GLN A 81 2.78 -5.72 -11.98
CA GLN A 81 2.77 -7.18 -12.03
C GLN A 81 2.95 -7.67 -13.46
N ALA A 82 2.85 -8.98 -13.64
CA ALA A 82 3.00 -9.59 -14.96
C ALA A 82 2.31 -10.95 -15.02
N SER A 83 1.23 -11.02 -15.82
CA SER A 83 0.48 -12.26 -15.95
C SER A 83 0.08 -12.82 -14.60
N GLY A 84 -0.62 -12.01 -13.81
CA GLY A 84 -1.04 -12.44 -12.50
C GLY A 84 -2.53 -12.20 -12.26
N TYR A 85 -3.33 -13.23 -12.49
CA TYR A 85 -4.77 -13.13 -12.31
C TYR A 85 -5.29 -14.26 -11.41
N VAL A 86 -6.57 -14.17 -11.05
CA VAL A 86 -7.18 -15.19 -10.20
C VAL A 86 -6.44 -15.32 -8.87
N PRO A 87 -6.61 -14.33 -8.00
CA PRO A 87 -5.97 -14.31 -6.68
C PRO A 87 -6.53 -15.38 -5.74
N PRO A 88 -5.83 -15.60 -4.61
CA PRO A 88 -6.25 -16.60 -3.62
C PRO A 88 -7.51 -16.17 -2.86
N ALA A 89 -7.55 -14.91 -2.45
CA ALA A 89 -8.70 -14.38 -1.73
C ALA A 89 -8.61 -12.86 -1.61
N GLN A 90 -9.77 -12.22 -1.44
CA GLN A 90 -9.83 -10.77 -1.31
C GLN A 90 -10.33 -10.37 0.07
N GLY A 91 -9.41 -10.31 1.03
CA GLY A 91 -9.77 -9.93 2.38
C GLY A 91 -9.23 -8.58 2.77
N MET A 1 -17.29 5.61 5.62
CA MET A 1 -16.50 6.68 5.01
C MET A 1 -15.55 7.30 6.03
N ALA A 2 -14.48 6.58 6.36
CA ALA A 2 -13.50 7.06 7.31
C ALA A 2 -12.94 8.40 6.89
N ARG A 3 -12.14 8.40 5.82
CA ARG A 3 -11.53 9.62 5.30
C ARG A 3 -11.93 9.85 3.84
N MET A 4 -11.26 10.80 3.20
CA MET A 4 -11.54 11.13 1.81
C MET A 4 -10.27 11.17 0.99
N ILE A 5 -9.99 10.10 0.27
CA ILE A 5 -8.79 10.01 -0.56
C ILE A 5 -9.08 9.29 -1.87
N HIS A 6 -8.10 9.32 -2.78
CA HIS A 6 -8.25 8.66 -4.07
C HIS A 6 -7.50 7.33 -4.09
N CYS A 7 -8.25 6.25 -3.96
CA CYS A 7 -7.65 4.90 -3.96
C CYS A 7 -6.65 4.75 -5.10
N ALA A 8 -5.37 4.73 -4.75
CA ALA A 8 -4.31 4.60 -5.74
C ALA A 8 -4.38 3.24 -6.43
N LYS A 9 -5.15 2.33 -5.86
CA LYS A 9 -5.31 0.99 -6.41
C LYS A 9 -6.43 0.96 -7.45
N LEU A 10 -7.65 1.23 -7.00
CA LEU A 10 -8.81 1.24 -7.88
C LEU A 10 -8.70 2.36 -8.91
N GLY A 11 -8.69 3.60 -8.43
CA GLY A 11 -8.58 4.73 -9.32
C GLY A 11 -9.73 5.70 -9.14
N LYS A 12 -10.35 5.68 -7.97
CA LYS A 12 -11.47 6.56 -7.67
C LYS A 12 -11.39 7.08 -6.24
N GLU A 13 -12.45 7.74 -5.79
CA GLU A 13 -12.51 8.29 -4.44
C GLU A 13 -12.99 7.24 -3.45
N ALA A 14 -12.16 6.92 -2.46
CA ALA A 14 -12.51 5.93 -1.45
C ALA A 14 -12.08 6.40 -0.06
N GLU A 15 -12.57 5.70 0.96
CA GLU A 15 -12.24 6.04 2.35
C GLU A 15 -10.79 5.72 2.66
N GLY A 16 -10.06 6.72 3.18
CA GLY A 16 -8.67 6.52 3.51
C GLY A 16 -8.44 6.34 5.00
N LEU A 17 -7.22 5.99 5.37
CA LEU A 17 -6.87 5.79 6.77
C LEU A 17 -6.75 7.12 7.50
N ASP A 18 -6.36 7.06 8.77
CA ASP A 18 -6.20 8.26 9.59
C ASP A 18 -5.03 8.11 10.56
N PHE A 19 -3.97 7.47 10.10
CA PHE A 19 -2.79 7.25 10.93
C PHE A 19 -1.75 6.41 10.19
N PRO A 20 -0.48 6.52 10.63
CA PRO A 20 0.63 5.78 10.02
C PRO A 20 0.55 4.28 10.30
N PRO A 21 0.86 3.47 9.27
CA PRO A 21 0.84 2.01 9.38
C PRO A 21 1.96 1.48 10.28
N LEU A 22 3.17 1.94 10.03
CA LEU A 22 4.33 1.51 10.81
C LEU A 22 5.37 2.62 10.91
N PRO A 23 5.97 2.97 9.75
CA PRO A 23 6.98 4.02 9.69
C PRO A 23 6.39 5.42 9.92
N GLY A 24 7.16 6.44 9.58
CA GLY A 24 6.70 7.81 9.76
C GLY A 24 6.68 8.59 8.46
N GLU A 25 7.58 8.25 7.55
CA GLU A 25 7.66 8.93 6.26
C GLU A 25 6.81 8.21 5.21
N LEU A 26 7.27 7.03 4.80
CA LEU A 26 6.55 6.25 3.81
C LEU A 26 5.15 5.91 4.29
N GLY A 27 5.02 5.65 5.59
CA GLY A 27 3.73 5.32 6.16
C GLY A 27 2.77 6.48 6.15
N LYS A 28 3.23 7.62 6.66
CA LYS A 28 2.40 8.83 6.70
C LYS A 28 1.82 9.14 5.33
N ARG A 29 2.54 8.74 4.29
CA ARG A 29 2.10 8.99 2.92
C ARG A 29 1.26 7.82 2.40
N LEU A 30 1.38 6.68 3.06
CA LEU A 30 0.65 5.48 2.66
C LEU A 30 -0.81 5.56 3.11
N TYR A 31 -1.01 5.94 4.37
CA TYR A 31 -2.35 6.07 4.93
C TYR A 31 -3.11 7.20 4.26
N GLU A 32 -2.38 8.11 3.62
CA GLU A 32 -2.99 9.25 2.95
C GLU A 32 -3.05 9.01 1.43
N SER A 33 -2.59 7.84 1.00
CA SER A 33 -2.59 7.49 -0.40
C SER A 33 -3.47 6.27 -0.66
N VAL A 34 -3.40 5.29 0.23
CA VAL A 34 -4.19 4.08 0.10
C VAL A 34 -5.54 4.23 0.78
N SER A 35 -6.51 3.44 0.34
CA SER A 35 -7.86 3.48 0.90
C SER A 35 -8.16 2.21 1.69
N LYS A 36 -9.42 2.06 2.10
CA LYS A 36 -9.85 0.89 2.84
C LYS A 36 -10.01 -0.33 1.93
N GLN A 37 -10.23 -0.06 0.65
CA GLN A 37 -10.41 -1.13 -0.33
C GLN A 37 -9.08 -1.80 -0.64
N ALA A 38 -8.09 -1.00 -1.05
CA ALA A 38 -6.77 -1.51 -1.38
C ALA A 38 -6.03 -1.96 -0.13
N TRP A 39 -6.46 -1.46 1.03
CA TRP A 39 -5.85 -1.81 2.30
C TRP A 39 -5.74 -3.33 2.45
N GLN A 40 -6.68 -4.05 1.85
CA GLN A 40 -6.70 -5.51 1.92
C GLN A 40 -5.82 -6.11 0.83
N ASP A 41 -5.71 -5.43 -0.30
CA ASP A 41 -4.90 -5.89 -1.41
C ASP A 41 -3.41 -5.82 -1.06
N TRP A 42 -3.01 -4.74 -0.40
CA TRP A 42 -1.63 -4.55 -0.02
C TRP A 42 -1.15 -5.69 0.88
N LEU A 43 -2.07 -6.25 1.65
CA LEU A 43 -1.74 -7.35 2.55
C LEU A 43 -1.51 -8.64 1.78
N LYS A 44 -2.23 -8.79 0.66
CA LYS A 44 -2.09 -9.97 -0.18
C LYS A 44 -0.65 -10.17 -0.63
N GLN A 45 -0.09 -9.16 -1.28
CA GLN A 45 1.28 -9.22 -1.76
C GLN A 45 2.26 -9.36 -0.59
N GLN A 46 1.91 -8.78 0.54
CA GLN A 46 2.75 -8.85 1.73
C GLN A 46 3.14 -10.28 2.03
N THR A 47 2.17 -11.19 1.97
CA THR A 47 2.41 -12.60 2.25
C THR A 47 3.20 -13.25 1.11
N MET A 48 2.85 -12.89 -0.12
CA MET A 48 3.52 -13.44 -1.28
C MET A 48 5.01 -13.09 -1.28
N LEU A 49 5.31 -11.86 -0.88
CA LEU A 49 6.70 -11.39 -0.83
C LEU A 49 7.46 -12.08 0.29
N ILE A 50 6.84 -12.15 1.47
CA ILE A 50 7.46 -12.79 2.62
C ILE A 50 7.65 -14.29 2.39
N ASN A 51 6.70 -14.90 1.68
CA ASN A 51 6.75 -16.32 1.39
C ASN A 51 7.72 -16.60 0.25
N GLU A 52 7.71 -15.74 -0.76
CA GLU A 52 8.58 -15.91 -1.91
C GLU A 52 10.04 -15.63 -1.54
N ASN A 53 10.27 -14.48 -0.89
CA ASN A 53 11.61 -14.10 -0.48
C ASN A 53 12.00 -14.81 0.81
N ARG A 54 11.01 -15.38 1.49
CA ARG A 54 11.25 -16.09 2.74
C ARG A 54 11.90 -15.17 3.77
N LEU A 55 11.38 -13.95 3.88
CA LEU A 55 11.90 -12.97 4.83
C LEU A 55 11.48 -13.31 6.25
N ASN A 56 12.04 -12.60 7.22
CA ASN A 56 11.73 -12.83 8.62
C ASN A 56 10.96 -11.65 9.21
N MET A 57 9.63 -11.72 9.14
CA MET A 57 8.78 -10.66 9.65
C MET A 57 9.14 -10.33 11.11
N ALA A 58 9.63 -11.33 11.83
CA ALA A 58 10.02 -11.15 13.22
C ALA A 58 10.95 -9.95 13.38
N ASP A 59 11.74 -9.67 12.33
CA ASP A 59 12.67 -8.56 12.36
C ASP A 59 12.24 -7.47 11.39
N PRO A 60 12.76 -6.24 11.61
CA PRO A 60 12.44 -5.09 10.76
C PRO A 60 13.03 -5.20 9.36
N ARG A 61 13.91 -6.20 9.18
CA ARG A 61 14.54 -6.41 7.89
C ARG A 61 13.52 -6.78 6.83
N ALA A 62 12.53 -7.59 7.21
CA ALA A 62 11.48 -8.01 6.29
C ALA A 62 10.42 -6.93 6.14
N ARG A 63 10.36 -6.02 7.10
CA ARG A 63 9.39 -4.94 7.07
C ARG A 63 9.90 -3.77 6.23
N GLN A 64 11.22 -3.58 6.22
CA GLN A 64 11.83 -2.51 5.45
C GLN A 64 11.91 -2.86 3.97
N TYR A 65 11.94 -4.16 3.68
CA TYR A 65 12.01 -4.63 2.30
C TYR A 65 10.66 -4.50 1.61
N LEU A 66 9.59 -4.77 2.36
CA LEU A 66 8.23 -4.68 1.82
C LEU A 66 7.85 -3.23 1.55
N MET A 67 8.33 -2.33 2.40
CA MET A 67 8.03 -0.91 2.25
C MET A 67 8.49 -0.40 0.89
N LYS A 68 9.45 -1.10 0.29
CA LYS A 68 9.99 -0.72 -1.01
C LYS A 68 9.07 -1.21 -2.14
N GLN A 69 8.24 -2.20 -1.81
CA GLN A 69 7.32 -2.76 -2.80
C GLN A 69 6.03 -1.94 -2.86
N THR A 70 5.75 -1.21 -1.79
CA THR A 70 4.54 -0.39 -1.72
C THR A 70 4.81 1.02 -2.24
N GLU A 71 5.94 1.59 -1.86
CA GLU A 71 6.31 2.92 -2.30
C GLU A 71 6.39 3.00 -3.82
N LYS A 72 7.28 2.21 -4.40
CA LYS A 72 7.46 2.19 -5.86
C LYS A 72 6.18 1.70 -6.55
N TYR A 73 5.29 1.09 -5.77
CA TYR A 73 4.04 0.57 -6.30
C TYR A 73 3.22 1.69 -6.93
N PHE A 74 2.74 2.60 -6.09
CA PHE A 74 1.94 3.73 -6.56
C PHE A 74 2.82 4.94 -6.86
N PHE A 75 3.67 5.30 -5.90
CA PHE A 75 4.56 6.44 -6.06
C PHE A 75 5.59 6.17 -7.15
N GLY A 76 5.99 4.91 -7.29
CA GLY A 76 6.97 4.55 -8.30
C GLY A 76 8.10 5.56 -8.39
N GLU A 77 8.53 6.08 -7.25
CA GLU A 77 9.60 7.06 -7.21
C GLU A 77 10.90 6.47 -7.77
N GLY A 78 10.95 5.14 -7.82
CA GLY A 78 12.14 4.47 -8.33
C GLY A 78 11.80 3.24 -9.15
N ALA A 79 10.77 3.35 -9.98
CA ALA A 79 10.35 2.23 -10.82
C ALA A 79 9.50 2.72 -11.98
N ASP A 80 9.14 1.80 -12.87
CA ASP A 80 8.32 2.14 -14.04
C ASP A 80 6.86 2.28 -13.65
N GLN A 81 6.25 3.39 -14.08
CA GLN A 81 4.85 3.65 -13.78
C GLN A 81 3.93 2.77 -14.62
N ALA A 82 2.64 2.77 -14.29
CA ALA A 82 1.66 1.97 -15.01
C ALA A 82 0.25 2.25 -14.53
N SER A 83 -0.61 2.69 -15.44
CA SER A 83 -2.00 3.00 -15.10
C SER A 83 -2.92 2.76 -16.29
N GLY A 84 -4.17 2.42 -16.00
CA GLY A 84 -5.14 2.17 -17.06
C GLY A 84 -6.55 2.07 -16.54
N TYR A 85 -7.46 1.60 -17.38
CA TYR A 85 -8.87 1.46 -17.00
C TYR A 85 -9.01 0.51 -15.83
N VAL A 86 -10.23 0.42 -15.31
CA VAL A 86 -10.52 -0.46 -14.17
C VAL A 86 -12.02 -0.58 -13.93
N PRO A 87 -12.50 -1.82 -13.75
CA PRO A 87 -13.92 -2.09 -13.50
C PRO A 87 -14.38 -1.60 -12.13
N PRO A 88 -15.70 -1.58 -11.92
CA PRO A 88 -16.29 -1.14 -10.65
C PRO A 88 -16.03 -2.12 -9.51
N ALA A 89 -16.68 -1.90 -8.38
CA ALA A 89 -16.52 -2.76 -7.22
C ALA A 89 -17.75 -2.72 -6.32
N GLN A 90 -18.30 -3.89 -6.02
CA GLN A 90 -19.48 -3.98 -5.17
C GLN A 90 -19.17 -3.55 -3.75
N GLY A 91 -17.93 -3.80 -3.31
CA GLY A 91 -17.53 -3.43 -1.97
C GLY A 91 -17.39 -4.63 -1.05
N MET A 1 -18.59 5.46 5.77
CA MET A 1 -17.57 6.06 4.91
C MET A 1 -16.21 6.09 5.63
N ALA A 2 -15.29 5.24 5.18
CA ALA A 2 -13.96 5.17 5.77
C ALA A 2 -13.19 6.46 5.50
N ARG A 3 -12.71 6.62 4.27
CA ARG A 3 -11.95 7.80 3.90
C ARG A 3 -12.15 8.14 2.42
N MET A 4 -11.46 9.17 1.95
CA MET A 4 -11.56 9.59 0.56
C MET A 4 -10.18 9.89 -0.01
N ILE A 5 -9.65 8.94 -0.79
CA ILE A 5 -8.34 9.12 -1.41
C ILE A 5 -8.31 8.52 -2.81
N HIS A 6 -7.23 8.78 -3.54
CA HIS A 6 -7.07 8.27 -4.89
C HIS A 6 -6.21 7.02 -4.91
N CYS A 7 -6.85 5.86 -5.00
CA CYS A 7 -6.14 4.58 -5.02
C CYS A 7 -4.95 4.65 -5.97
N ALA A 8 -3.74 4.52 -5.40
CA ALA A 8 -2.52 4.57 -6.19
C ALA A 8 -2.25 3.22 -6.86
N LYS A 9 -3.13 2.26 -6.61
CA LYS A 9 -2.98 0.93 -7.18
C LYS A 9 -3.88 0.76 -8.41
N LEU A 10 -4.83 1.66 -8.57
CA LEU A 10 -5.75 1.62 -9.70
C LEU A 10 -5.70 2.93 -10.48
N GLY A 11 -5.96 4.04 -9.80
CA GLY A 11 -5.95 5.34 -10.45
C GLY A 11 -7.27 6.07 -10.32
N LYS A 12 -8.13 5.57 -9.44
CA LYS A 12 -9.44 6.18 -9.22
C LYS A 12 -9.60 6.64 -7.77
N GLU A 13 -10.81 6.99 -7.40
CA GLU A 13 -11.09 7.45 -6.04
C GLU A 13 -11.71 6.32 -5.21
N ALA A 14 -10.97 5.85 -4.21
CA ALA A 14 -11.43 4.78 -3.35
C ALA A 14 -11.34 5.18 -1.87
N GLU A 15 -11.89 4.35 -1.01
CA GLU A 15 -11.87 4.62 0.43
C GLU A 15 -10.48 4.36 1.02
N GLY A 16 -9.88 5.41 1.58
CA GLY A 16 -8.56 5.27 2.17
C GLY A 16 -8.59 4.60 3.52
N LEU A 17 -7.44 4.15 3.99
CA LEU A 17 -7.34 3.49 5.29
C LEU A 17 -7.48 4.49 6.42
N ASP A 18 -7.18 4.05 7.64
CA ASP A 18 -7.27 4.90 8.81
C ASP A 18 -6.17 4.59 9.82
N PHE A 19 -5.01 4.22 9.31
CA PHE A 19 -3.87 3.88 10.15
C PHE A 19 -2.68 3.44 9.32
N PRO A 20 -1.47 3.86 9.75
CA PRO A 20 -0.22 3.54 9.06
C PRO A 20 0.14 2.06 9.17
N PRO A 21 0.63 1.47 8.07
CA PRO A 21 1.01 0.06 8.02
C PRO A 21 2.27 -0.22 8.84
N LEU A 22 3.11 0.80 9.00
CA LEU A 22 4.35 0.66 9.76
C LEU A 22 4.70 1.96 10.46
N PRO A 23 5.22 1.85 11.70
CA PRO A 23 5.62 3.01 12.50
C PRO A 23 6.83 3.72 11.94
N GLY A 24 6.61 4.58 10.96
CA GLY A 24 7.70 5.32 10.34
C GLY A 24 7.23 6.54 9.60
N GLU A 25 8.07 7.05 8.70
CA GLU A 25 7.73 8.23 7.91
C GLU A 25 7.03 7.84 6.61
N LEU A 26 7.30 6.62 6.15
CA LEU A 26 6.70 6.13 4.92
C LEU A 26 5.28 5.61 5.17
N GLY A 27 5.12 4.81 6.22
CA GLY A 27 3.82 4.27 6.56
C GLY A 27 2.76 5.34 6.64
N LYS A 28 3.08 6.44 7.31
CA LYS A 28 2.14 7.55 7.48
C LYS A 28 1.62 8.03 6.12
N ARG A 29 2.42 7.80 5.08
CA ARG A 29 2.05 8.21 3.74
C ARG A 29 1.33 7.08 2.99
N LEU A 30 1.51 5.86 3.49
CA LEU A 30 0.88 4.70 2.88
C LEU A 30 -0.64 4.75 3.01
N TYR A 31 -1.10 4.91 4.26
CA TYR A 31 -2.53 4.98 4.53
C TYR A 31 -3.16 6.17 3.81
N GLU A 32 -2.33 7.12 3.39
CA GLU A 32 -2.80 8.29 2.69
C GLU A 32 -2.77 8.09 1.17
N SER A 33 -2.24 6.93 0.76
CA SER A 33 -2.14 6.62 -0.66
C SER A 33 -2.70 5.23 -0.94
N VAL A 34 -3.22 4.58 0.09
CA VAL A 34 -3.79 3.25 -0.03
C VAL A 34 -5.30 3.27 0.20
N SER A 35 -6.02 2.45 -0.55
CA SER A 35 -7.48 2.38 -0.43
C SER A 35 -7.92 0.97 -0.04
N LYS A 36 -9.23 0.77 0.07
CA LYS A 36 -9.78 -0.53 0.44
C LYS A 36 -9.49 -1.56 -0.66
N GLN A 37 -9.19 -1.09 -1.85
CA GLN A 37 -8.89 -1.97 -2.97
C GLN A 37 -7.45 -2.46 -2.92
N ALA A 38 -6.51 -1.51 -2.95
CA ALA A 38 -5.09 -1.84 -2.90
C ALA A 38 -4.73 -2.50 -1.57
N TRP A 39 -5.61 -2.38 -0.59
CA TRP A 39 -5.38 -2.96 0.73
C TRP A 39 -5.02 -4.43 0.61
N GLN A 40 -5.56 -5.10 -0.40
CA GLN A 40 -5.29 -6.51 -0.61
C GLN A 40 -3.97 -6.71 -1.36
N ASP A 41 -3.80 -5.96 -2.44
CA ASP A 41 -2.58 -6.04 -3.24
C ASP A 41 -1.34 -5.79 -2.38
N TRP A 42 -1.51 -5.00 -1.33
CA TRP A 42 -0.42 -4.67 -0.43
C TRP A 42 0.01 -5.89 0.38
N LEU A 43 -0.94 -6.77 0.66
CA LEU A 43 -0.66 -7.98 1.43
C LEU A 43 -0.15 -9.09 0.52
N LYS A 44 -0.35 -8.91 -0.78
CA LYS A 44 0.09 -9.90 -1.76
C LYS A 44 1.62 -9.97 -1.82
N GLN A 45 2.25 -8.86 -2.16
CA GLN A 45 3.70 -8.79 -2.24
C GLN A 45 4.33 -8.92 -0.86
N GLN A 46 3.65 -8.38 0.14
CA GLN A 46 4.15 -8.43 1.52
C GLN A 46 4.51 -9.86 1.91
N THR A 47 3.62 -10.79 1.61
CA THR A 47 3.85 -12.19 1.93
C THR A 47 4.78 -12.85 0.92
N MET A 48 4.61 -12.49 -0.35
CA MET A 48 5.44 -13.04 -1.42
C MET A 48 6.91 -12.77 -1.16
N LEU A 49 7.21 -11.57 -0.68
CA LEU A 49 8.59 -11.19 -0.38
C LEU A 49 9.12 -11.93 0.84
N ILE A 50 8.29 -11.99 1.87
CA ILE A 50 8.68 -12.67 3.11
C ILE A 50 8.93 -14.15 2.86
N ASN A 51 8.22 -14.72 1.89
CA ASN A 51 8.37 -16.12 1.55
C ASN A 51 9.46 -16.32 0.49
N GLU A 52 9.65 -15.30 -0.34
CA GLU A 52 10.66 -15.35 -1.39
C GLU A 52 12.05 -15.04 -0.83
N ASN A 53 12.09 -14.39 0.32
CA ASN A 53 13.35 -14.04 0.97
C ASN A 53 13.46 -14.70 2.34
N ARG A 54 12.36 -15.27 2.82
CA ARG A 54 12.34 -15.94 4.11
C ARG A 54 12.79 -14.98 5.21
N LEU A 55 12.33 -13.75 5.14
CA LEU A 55 12.68 -12.74 6.13
C LEU A 55 12.15 -13.11 7.51
N ASN A 56 12.32 -12.22 8.48
CA ASN A 56 11.85 -12.46 9.83
C ASN A 56 10.76 -11.46 10.22
N MET A 57 9.52 -11.80 9.93
CA MET A 57 8.39 -10.93 10.24
C MET A 57 8.42 -10.51 11.71
N ALA A 58 9.00 -11.36 12.55
CA ALA A 58 9.09 -11.08 13.97
C ALA A 58 9.69 -9.70 14.23
N ASP A 59 10.55 -9.26 13.32
CA ASP A 59 11.18 -7.95 13.44
C ASP A 59 10.72 -7.02 12.32
N PRO A 60 10.84 -5.70 12.57
CA PRO A 60 10.44 -4.68 11.59
C PRO A 60 11.36 -4.64 10.39
N ARG A 61 12.55 -5.20 10.53
CA ARG A 61 13.53 -5.23 9.45
C ARG A 61 12.91 -5.77 8.17
N ALA A 62 12.20 -6.88 8.29
CA ALA A 62 11.55 -7.52 7.15
C ALA A 62 10.58 -6.55 6.49
N ARG A 63 9.96 -5.69 7.28
CA ARG A 63 8.99 -4.72 6.77
C ARG A 63 9.71 -3.47 6.27
N GLN A 64 10.94 -3.27 6.72
CA GLN A 64 11.73 -2.11 6.32
C GLN A 64 12.43 -2.35 5.00
N TYR A 65 12.56 -3.62 4.63
CA TYR A 65 13.21 -3.99 3.38
C TYR A 65 12.20 -4.11 2.24
N LEU A 66 11.00 -4.60 2.56
CA LEU A 66 9.95 -4.75 1.57
C LEU A 66 9.26 -3.42 1.29
N MET A 67 9.24 -2.56 2.30
CA MET A 67 8.60 -1.24 2.17
C MET A 67 9.23 -0.46 1.03
N LYS A 68 10.50 -0.75 0.73
CA LYS A 68 11.21 -0.07 -0.34
C LYS A 68 10.62 -0.43 -1.70
N GLN A 69 9.98 -1.59 -1.78
CA GLN A 69 9.37 -2.04 -3.02
C GLN A 69 8.03 -1.36 -3.24
N THR A 70 7.45 -0.83 -2.17
CA THR A 70 6.16 -0.15 -2.25
C THR A 70 6.34 1.33 -2.54
N GLU A 71 7.29 1.96 -1.84
CA GLU A 71 7.56 3.38 -2.03
C GLU A 71 8.00 3.67 -3.46
N LYS A 72 9.08 3.02 -3.88
CA LYS A 72 9.62 3.20 -5.22
C LYS A 72 8.56 2.87 -6.28
N TYR A 73 7.52 2.15 -5.87
CA TYR A 73 6.44 1.77 -6.77
C TYR A 73 5.65 2.99 -7.21
N PHE A 74 4.86 3.54 -6.29
CA PHE A 74 4.05 4.72 -6.57
C PHE A 74 4.76 6.00 -6.14
N PHE A 75 5.28 5.98 -4.91
CA PHE A 75 5.98 7.14 -4.37
C PHE A 75 7.31 7.36 -5.10
N GLY A 76 7.67 6.42 -5.96
CA GLY A 76 8.91 6.52 -6.71
C GLY A 76 8.69 6.58 -8.21
N GLU A 77 9.06 5.52 -8.89
CA GLU A 77 8.89 5.45 -10.35
C GLU A 77 7.48 5.83 -10.75
N GLY A 78 6.52 5.55 -9.88
CA GLY A 78 5.13 5.88 -10.15
C GLY A 78 4.50 4.92 -11.15
N ALA A 79 3.65 4.04 -10.65
CA ALA A 79 2.97 3.06 -11.49
C ALA A 79 1.47 3.05 -11.23
N ASP A 80 0.69 3.43 -12.24
CA ASP A 80 -0.76 3.45 -12.12
C ASP A 80 -1.43 3.17 -13.46
N GLN A 81 -2.69 2.78 -13.42
CA GLN A 81 -3.44 2.49 -14.63
C GLN A 81 -4.83 3.10 -14.58
N ALA A 82 -4.91 4.41 -14.83
CA ALA A 82 -6.18 5.11 -14.81
C ALA A 82 -7.11 4.62 -15.92
N SER A 83 -8.17 3.92 -15.54
CA SER A 83 -9.13 3.39 -16.50
C SER A 83 -10.44 3.00 -15.81
N GLY A 84 -11.55 3.43 -16.39
CA GLY A 84 -12.84 3.12 -15.82
C GLY A 84 -13.30 4.15 -14.80
N TYR A 85 -14.60 4.31 -14.65
CA TYR A 85 -15.16 5.27 -13.70
C TYR A 85 -16.28 4.64 -12.88
N VAL A 86 -16.77 5.38 -11.90
CA VAL A 86 -17.85 4.90 -11.05
C VAL A 86 -17.41 3.68 -10.25
N PRO A 87 -16.56 3.90 -9.24
CA PRO A 87 -16.04 2.84 -8.38
C PRO A 87 -17.13 2.26 -7.47
N PRO A 88 -16.82 1.12 -6.83
CA PRO A 88 -17.75 0.43 -5.92
C PRO A 88 -17.95 1.21 -4.63
N ALA A 89 -18.81 0.68 -3.77
CA ALA A 89 -19.10 1.33 -2.49
C ALA A 89 -19.99 0.44 -1.62
N GLN A 90 -20.32 0.94 -0.42
CA GLN A 90 -21.16 0.19 0.50
C GLN A 90 -22.36 1.03 0.94
N GLY A 91 -23.52 0.38 1.04
CA GLY A 91 -24.72 1.09 1.45
C GLY A 91 -25.03 0.88 2.93
#